data_7BLG
# 
_entry.id   7BLG 
# 
_audit_conform.dict_name       mmcif_pdbx.dic 
_audit_conform.dict_version    5.384 
_audit_conform.dict_location   http://mmcif.pdb.org/dictionaries/ascii/mmcif_pdbx.dic 
# 
loop_
_database_2.database_id 
_database_2.database_code 
_database_2.pdbx_database_accession 
_database_2.pdbx_DOI 
PDB   7BLG         pdb_00007blg 10.2210/pdb7blg/pdb 
WWPDB D_1292113547 ?            ?                   
# 
loop_
_pdbx_audit_revision_history.ordinal 
_pdbx_audit_revision_history.data_content_type 
_pdbx_audit_revision_history.major_revision 
_pdbx_audit_revision_history.minor_revision 
_pdbx_audit_revision_history.revision_date 
1 'Structure model' 1 0 2022-03-02 
2 'Structure model' 1 1 2024-01-31 
# 
_pdbx_audit_revision_details.ordinal             1 
_pdbx_audit_revision_details.revision_ordinal    1 
_pdbx_audit_revision_details.data_content_type   'Structure model' 
_pdbx_audit_revision_details.provider            repository 
_pdbx_audit_revision_details.type                'Initial release' 
_pdbx_audit_revision_details.description         ? 
_pdbx_audit_revision_details.details             ? 
# 
loop_
_pdbx_audit_revision_group.ordinal 
_pdbx_audit_revision_group.revision_ordinal 
_pdbx_audit_revision_group.data_content_type 
_pdbx_audit_revision_group.group 
1 2 'Structure model' 'Data collection'        
2 2 'Structure model' 'Refinement description' 
# 
loop_
_pdbx_audit_revision_category.ordinal 
_pdbx_audit_revision_category.revision_ordinal 
_pdbx_audit_revision_category.data_content_type 
_pdbx_audit_revision_category.category 
1 2 'Structure model' chem_comp_atom                
2 2 'Structure model' chem_comp_bond                
3 2 'Structure model' pdbx_initial_refinement_model 
# 
_pdbx_database_status.status_code                     REL 
_pdbx_database_status.status_code_sf                  REL 
_pdbx_database_status.status_code_mr                  ? 
_pdbx_database_status.entry_id                        7BLG 
_pdbx_database_status.recvd_initial_deposition_date   2021-01-18 
_pdbx_database_status.SG_entry                        N 
_pdbx_database_status.deposit_site                    PDBE 
_pdbx_database_status.process_site                    PDBE 
_pdbx_database_status.status_code_cs                  ? 
_pdbx_database_status.status_code_nmr_data            ? 
_pdbx_database_status.methods_development_category    ? 
_pdbx_database_status.pdb_format_compatible           Y 
# 
_audit_author.name               'Costa, R.L.' 
_audit_author.pdbx_ordinal       1 
_audit_author.identifier_ORCID   0000-0002-7973-0721 
# 
_citation.abstract                  ? 
_citation.abstract_id_CAS           ? 
_citation.book_id_ISBN              ? 
_citation.book_publisher            ? 
_citation.book_publisher_city       ? 
_citation.book_title                ? 
_citation.coordinate_linkage        ? 
_citation.country                   ? 
_citation.database_id_Medline       ? 
_citation.details                   ? 
_citation.id                        primary 
_citation.journal_abbrev            'To Be Published' 
_citation.journal_id_ASTM           ? 
_citation.journal_id_CSD            0353 
_citation.journal_id_ISSN           ? 
_citation.journal_full              ? 
_citation.journal_issue             ? 
_citation.journal_volume            ? 
_citation.language                  ? 
_citation.page_first                ? 
_citation.page_last                 ? 
_citation.title                     
'Structural basis for mucin-type O-glycan recognition by proteins of a Bacteroides thetaiotaomicron polysaccharide utilization loci' 
_citation.year                      ? 
_citation.database_id_CSD           ? 
_citation.pdbx_database_id_DOI      ? 
_citation.pdbx_database_id_PubMed   ? 
_citation.unpublished_flag          ? 
# 
loop_
_citation_author.citation_id 
_citation_author.name 
_citation_author.ordinal 
_citation_author.identifier_ORCID 
primary 'Costa, R.L.'   1 0000-0002-7973-0721 
primary 'Correia, V.G.' 2 0000-0001-9251-7100 
# 
loop_
_entity.id 
_entity.type 
_entity.src_method 
_entity.pdbx_description 
_entity.formula_weight 
_entity.pdbx_number_of_molecules 
_entity.pdbx_ec 
_entity.pdbx_mutation 
_entity.pdbx_fragment 
_entity.details 
1 polymer     man 'family 32 carbohydrate-binding module from Bacteroides thetaiotaomicron' 17917.562 1   ? ? ? ? 
2 non-polymer syn beta-D-galactopyranose                                                    180.156   1   ? ? ? ? 
3 non-polymer syn 'CALCIUM ION'                                                             40.078    1   ? ? ? ? 
4 water       nat water                                                                     18.015    176 ? ? ? ? 
# 
_entity_poly.entity_id                      1 
_entity_poly.type                           'polypeptide(L)' 
_entity_poly.nstd_linkage                   no 
_entity_poly.nstd_monomer                   no 
_entity_poly.pdbx_seq_one_letter_code       
;MGSSHHHHHHSSGPQQGLRKGDIKIKIVSGTASSFQSGSNIEKSFDGDYSTLYHSSWSNGASNYFPITLTYNFETVTDVD
YLIYHPRNNGNNGRFKETEIQYSADGHTFTKLIDKDFQGSATAGKVTFDQTIQAKSFRFIVKSGSGDGQGFASCAEMEFF
AK
;
_entity_poly.pdbx_seq_one_letter_code_can   
;MGSSHHHHHHSSGPQQGLRKGDIKIKIVSGTASSFQSGSNIEKSFDGDYSTLYHSSWSNGASNYFPITLTYNFETVTDVD
YLIYHPRNNGNNGRFKETEIQYSADGHTFTKLIDKDFQGSATAGKVTFDQTIQAKSFRFIVKSGSGDGQGFASCAEMEFF
AK
;
_entity_poly.pdbx_strand_id                 A 
_entity_poly.pdbx_target_identifier         ? 
# 
loop_
_pdbx_entity_nonpoly.entity_id 
_pdbx_entity_nonpoly.name 
_pdbx_entity_nonpoly.comp_id 
2 beta-D-galactopyranose GAL 
3 'CALCIUM ION'          CA  
4 water                  HOH 
# 
loop_
_entity_poly_seq.entity_id 
_entity_poly_seq.num 
_entity_poly_seq.mon_id 
_entity_poly_seq.hetero 
1 1   MET n 
1 2   GLY n 
1 3   SER n 
1 4   SER n 
1 5   HIS n 
1 6   HIS n 
1 7   HIS n 
1 8   HIS n 
1 9   HIS n 
1 10  HIS n 
1 11  SER n 
1 12  SER n 
1 13  GLY n 
1 14  PRO n 
1 15  GLN n 
1 16  GLN n 
1 17  GLY n 
1 18  LEU n 
1 19  ARG n 
1 20  LYS n 
1 21  GLY n 
1 22  ASP n 
1 23  ILE n 
1 24  LYS n 
1 25  ILE n 
1 26  LYS n 
1 27  ILE n 
1 28  VAL n 
1 29  SER n 
1 30  GLY n 
1 31  THR n 
1 32  ALA n 
1 33  SER n 
1 34  SER n 
1 35  PHE n 
1 36  GLN n 
1 37  SER n 
1 38  GLY n 
1 39  SER n 
1 40  ASN n 
1 41  ILE n 
1 42  GLU n 
1 43  LYS n 
1 44  SER n 
1 45  PHE n 
1 46  ASP n 
1 47  GLY n 
1 48  ASP n 
1 49  TYR n 
1 50  SER n 
1 51  THR n 
1 52  LEU n 
1 53  TYR n 
1 54  HIS n 
1 55  SER n 
1 56  SER n 
1 57  TRP n 
1 58  SER n 
1 59  ASN n 
1 60  GLY n 
1 61  ALA n 
1 62  SER n 
1 63  ASN n 
1 64  TYR n 
1 65  PHE n 
1 66  PRO n 
1 67  ILE n 
1 68  THR n 
1 69  LEU n 
1 70  THR n 
1 71  TYR n 
1 72  ASN n 
1 73  PHE n 
1 74  GLU n 
1 75  THR n 
1 76  VAL n 
1 77  THR n 
1 78  ASP n 
1 79  VAL n 
1 80  ASP n 
1 81  TYR n 
1 82  LEU n 
1 83  ILE n 
1 84  TYR n 
1 85  HIS n 
1 86  PRO n 
1 87  ARG n 
1 88  ASN n 
1 89  ASN n 
1 90  GLY n 
1 91  ASN n 
1 92  ASN n 
1 93  GLY n 
1 94  ARG n 
1 95  PHE n 
1 96  LYS n 
1 97  GLU n 
1 98  THR n 
1 99  GLU n 
1 100 ILE n 
1 101 GLN n 
1 102 TYR n 
1 103 SER n 
1 104 ALA n 
1 105 ASP n 
1 106 GLY n 
1 107 HIS n 
1 108 THR n 
1 109 PHE n 
1 110 THR n 
1 111 LYS n 
1 112 LEU n 
1 113 ILE n 
1 114 ASP n 
1 115 LYS n 
1 116 ASP n 
1 117 PHE n 
1 118 GLN n 
1 119 GLY n 
1 120 SER n 
1 121 ALA n 
1 122 THR n 
1 123 ALA n 
1 124 GLY n 
1 125 LYS n 
1 126 VAL n 
1 127 THR n 
1 128 PHE n 
1 129 ASP n 
1 130 GLN n 
1 131 THR n 
1 132 ILE n 
1 133 GLN n 
1 134 ALA n 
1 135 LYS n 
1 136 SER n 
1 137 PHE n 
1 138 ARG n 
1 139 PHE n 
1 140 ILE n 
1 141 VAL n 
1 142 LYS n 
1 143 SER n 
1 144 GLY n 
1 145 SER n 
1 146 GLY n 
1 147 ASP n 
1 148 GLY n 
1 149 GLN n 
1 150 GLY n 
1 151 PHE n 
1 152 ALA n 
1 153 SER n 
1 154 CYS n 
1 155 ALA n 
1 156 GLU n 
1 157 MET n 
1 158 GLU n 
1 159 PHE n 
1 160 PHE n 
1 161 ALA n 
1 162 LYS n 
# 
_entity_src_gen.entity_id                          1 
_entity_src_gen.pdbx_src_id                        1 
_entity_src_gen.pdbx_alt_source_flag               sample 
_entity_src_gen.pdbx_seq_type                      'Biological sequence' 
_entity_src_gen.pdbx_beg_seq_num                   1 
_entity_src_gen.pdbx_end_seq_num                   162 
_entity_src_gen.gene_src_common_name               ? 
_entity_src_gen.gene_src_genus                     ? 
_entity_src_gen.pdbx_gene_src_gene                 BT_3015 
_entity_src_gen.gene_src_species                   ? 
_entity_src_gen.gene_src_strain                    'ATCC 29148 / DSM 2079 / NCTC 10582 / E50 / VPI-5482' 
_entity_src_gen.gene_src_tissue                    ? 
_entity_src_gen.gene_src_tissue_fraction           ? 
_entity_src_gen.gene_src_details                   ? 
_entity_src_gen.pdbx_gene_src_fragment             ? 
_entity_src_gen.pdbx_gene_src_scientific_name      
'Bacteroides thetaiotaomicron (strain ATCC 29148 / DSM 2079 / NCTC 10582 / E50 / VPI-5482)' 
_entity_src_gen.pdbx_gene_src_ncbi_taxonomy_id     226186 
_entity_src_gen.pdbx_gene_src_variant              ? 
_entity_src_gen.pdbx_gene_src_cell_line            ? 
_entity_src_gen.pdbx_gene_src_atcc                 ? 
_entity_src_gen.pdbx_gene_src_organ                ? 
_entity_src_gen.pdbx_gene_src_organelle            ? 
_entity_src_gen.pdbx_gene_src_cell                 ? 
_entity_src_gen.pdbx_gene_src_cellular_location    ? 
_entity_src_gen.host_org_common_name               ? 
_entity_src_gen.pdbx_host_org_scientific_name      
;Escherichia coli 'BL21-Gold(DE3)pLysS AG'
;
_entity_src_gen.pdbx_host_org_ncbi_taxonomy_id     866768 
_entity_src_gen.host_org_genus                     ? 
_entity_src_gen.pdbx_host_org_gene                 ? 
_entity_src_gen.pdbx_host_org_organ                ? 
_entity_src_gen.host_org_species                   ? 
_entity_src_gen.pdbx_host_org_tissue               ? 
_entity_src_gen.pdbx_host_org_tissue_fraction      ? 
_entity_src_gen.pdbx_host_org_strain               ? 
_entity_src_gen.pdbx_host_org_variant              ? 
_entity_src_gen.pdbx_host_org_cell_line            ? 
_entity_src_gen.pdbx_host_org_atcc                 ? 
_entity_src_gen.pdbx_host_org_culture_collection   ? 
_entity_src_gen.pdbx_host_org_cell                 ? 
_entity_src_gen.pdbx_host_org_organelle            ? 
_entity_src_gen.pdbx_host_org_cellular_location    ? 
_entity_src_gen.pdbx_host_org_vector_type          ? 
_entity_src_gen.pdbx_host_org_vector               ? 
_entity_src_gen.host_org_details                   ? 
_entity_src_gen.expression_system_id               ? 
_entity_src_gen.plasmid_name                       ? 
_entity_src_gen.plasmid_details                    ? 
_entity_src_gen.pdbx_description                   ? 
# 
loop_
_chem_comp.id 
_chem_comp.type 
_chem_comp.mon_nstd_flag 
_chem_comp.name 
_chem_comp.pdbx_synonyms 
_chem_comp.formula 
_chem_comp.formula_weight 
ALA 'L-peptide linking'          y ALANINE                ?                                          'C3 H7 N O2'     89.093  
ARG 'L-peptide linking'          y ARGININE               ?                                          'C6 H15 N4 O2 1' 175.209 
ASN 'L-peptide linking'          y ASPARAGINE             ?                                          'C4 H8 N2 O3'    132.118 
ASP 'L-peptide linking'          y 'ASPARTIC ACID'        ?                                          'C4 H7 N O4'     133.103 
CA  non-polymer                  . 'CALCIUM ION'          ?                                          'Ca 2'           40.078  
CYS 'L-peptide linking'          y CYSTEINE               ?                                          'C3 H7 N O2 S'   121.158 
GAL 'D-saccharide, beta linking' . beta-D-galactopyranose 'beta-D-galactose; D-galactose; galactose' 'C6 H12 O6'      180.156 
GLN 'L-peptide linking'          y GLUTAMINE              ?                                          'C5 H10 N2 O3'   146.144 
GLU 'L-peptide linking'          y 'GLUTAMIC ACID'        ?                                          'C5 H9 N O4'     147.129 
GLY 'peptide linking'            y GLYCINE                ?                                          'C2 H5 N O2'     75.067  
HIS 'L-peptide linking'          y HISTIDINE              ?                                          'C6 H10 N3 O2 1' 156.162 
HOH non-polymer                  . WATER                  ?                                          'H2 O'           18.015  
ILE 'L-peptide linking'          y ISOLEUCINE             ?                                          'C6 H13 N O2'    131.173 
LEU 'L-peptide linking'          y LEUCINE                ?                                          'C6 H13 N O2'    131.173 
LYS 'L-peptide linking'          y LYSINE                 ?                                          'C6 H15 N2 O2 1' 147.195 
MET 'L-peptide linking'          y METHIONINE             ?                                          'C5 H11 N O2 S'  149.211 
PHE 'L-peptide linking'          y PHENYLALANINE          ?                                          'C9 H11 N O2'    165.189 
PRO 'L-peptide linking'          y PROLINE                ?                                          'C5 H9 N O2'     115.130 
SER 'L-peptide linking'          y SERINE                 ?                                          'C3 H7 N O3'     105.093 
THR 'L-peptide linking'          y THREONINE              ?                                          'C4 H9 N O3'     119.119 
TRP 'L-peptide linking'          y TRYPTOPHAN             ?                                          'C11 H12 N2 O2'  204.225 
TYR 'L-peptide linking'          y TYROSINE               ?                                          'C9 H11 N O3'    181.189 
VAL 'L-peptide linking'          y VALINE                 ?                                          'C5 H11 N O2'    117.146 
# 
loop_
_pdbx_chem_comp_identifier.comp_id 
_pdbx_chem_comp_identifier.type 
_pdbx_chem_comp_identifier.program 
_pdbx_chem_comp_identifier.program_version 
_pdbx_chem_comp_identifier.identifier 
GAL 'CONDENSED IUPAC CARBOHYDRATE SYMBOL' GMML     1.0 DGalpb              
GAL 'COMMON NAME'                         GMML     1.0 b-D-galactopyranose 
GAL 'IUPAC CARBOHYDRATE SYMBOL'           PDB-CARE 1.0 b-D-Galp            
GAL 'SNFG CARBOHYDRATE SYMBOL'            GMML     1.0 Gal                 
# 
loop_
_pdbx_poly_seq_scheme.asym_id 
_pdbx_poly_seq_scheme.entity_id 
_pdbx_poly_seq_scheme.seq_id 
_pdbx_poly_seq_scheme.mon_id 
_pdbx_poly_seq_scheme.ndb_seq_num 
_pdbx_poly_seq_scheme.pdb_seq_num 
_pdbx_poly_seq_scheme.auth_seq_num 
_pdbx_poly_seq_scheme.pdb_mon_id 
_pdbx_poly_seq_scheme.auth_mon_id 
_pdbx_poly_seq_scheme.pdb_strand_id 
_pdbx_poly_seq_scheme.pdb_ins_code 
_pdbx_poly_seq_scheme.hetero 
A 1 1   MET 1   1   ?   ?   ?   A . n 
A 1 2   GLY 2   2   ?   ?   ?   A . n 
A 1 3   SER 3   3   ?   ?   ?   A . n 
A 1 4   SER 4   4   ?   ?   ?   A . n 
A 1 5   HIS 5   5   ?   ?   ?   A . n 
A 1 6   HIS 6   6   ?   ?   ?   A . n 
A 1 7   HIS 7   7   ?   ?   ?   A . n 
A 1 8   HIS 8   8   ?   ?   ?   A . n 
A 1 9   HIS 9   9   ?   ?   ?   A . n 
A 1 10  HIS 10  10  ?   ?   ?   A . n 
A 1 11  SER 11  11  ?   ?   ?   A . n 
A 1 12  SER 12  12  ?   ?   ?   A . n 
A 1 13  GLY 13  13  ?   ?   ?   A . n 
A 1 14  PRO 14  14  ?   ?   ?   A . n 
A 1 15  GLN 15  15  ?   ?   ?   A . n 
A 1 16  GLN 16  16  ?   ?   ?   A . n 
A 1 17  GLY 17  17  ?   ?   ?   A . n 
A 1 18  LEU 18  18  ?   ?   ?   A . n 
A 1 19  ARG 19  19  ?   ?   ?   A . n 
A 1 20  LYS 20  20  ?   ?   ?   A . n 
A 1 21  GLY 21  21  21  GLY GLY A . n 
A 1 22  ASP 22  22  22  ASP ASP A . n 
A 1 23  ILE 23  23  23  ILE ILE A . n 
A 1 24  LYS 24  24  24  LYS LYS A . n 
A 1 25  ILE 25  25  25  ILE ILE A . n 
A 1 26  LYS 26  26  26  LYS LYS A . n 
A 1 27  ILE 27  27  27  ILE ILE A . n 
A 1 28  VAL 28  28  28  VAL VAL A . n 
A 1 29  SER 29  29  29  SER SER A . n 
A 1 30  GLY 30  30  30  GLY GLY A . n 
A 1 31  THR 31  31  31  THR THR A . n 
A 1 32  ALA 32  32  32  ALA ALA A . n 
A 1 33  SER 33  33  33  SER SER A . n 
A 1 34  SER 34  34  34  SER SER A . n 
A 1 35  PHE 35  35  35  PHE PHE A . n 
A 1 36  GLN 36  36  36  GLN GLN A . n 
A 1 37  SER 37  37  37  SER SER A . n 
A 1 38  GLY 38  38  38  GLY GLY A . n 
A 1 39  SER 39  39  39  SER SER A . n 
A 1 40  ASN 40  40  40  ASN ASN A . n 
A 1 41  ILE 41  41  41  ILE ILE A . n 
A 1 42  GLU 42  42  42  GLU GLU A . n 
A 1 43  LYS 43  43  43  LYS LYS A . n 
A 1 44  SER 44  44  44  SER SER A . n 
A 1 45  PHE 45  45  45  PHE PHE A . n 
A 1 46  ASP 46  46  46  ASP ASP A . n 
A 1 47  GLY 47  47  47  GLY GLY A . n 
A 1 48  ASP 48  48  48  ASP ASP A . n 
A 1 49  TYR 49  49  49  TYR TYR A . n 
A 1 50  SER 50  50  50  SER SER A . n 
A 1 51  THR 51  51  51  THR THR A . n 
A 1 52  LEU 52  52  52  LEU LEU A . n 
A 1 53  TYR 53  53  53  TYR TYR A . n 
A 1 54  HIS 54  54  54  HIS HIS A . n 
A 1 55  SER 55  55  55  SER SER A . n 
A 1 56  SER 56  56  56  SER SER A . n 
A 1 57  TRP 57  57  57  TRP TRP A . n 
A 1 58  SER 58  58  58  SER SER A . n 
A 1 59  ASN 59  59  59  ASN ASN A . n 
A 1 60  GLY 60  60  60  GLY GLY A . n 
A 1 61  ALA 61  61  61  ALA ALA A . n 
A 1 62  SER 62  62  62  SER SER A . n 
A 1 63  ASN 63  63  63  ASN ASN A . n 
A 1 64  TYR 64  64  64  TYR TYR A . n 
A 1 65  PHE 65  65  65  PHE PHE A . n 
A 1 66  PRO 66  66  66  PRO PRO A . n 
A 1 67  ILE 67  67  67  ILE ILE A . n 
A 1 68  THR 68  68  68  THR THR A . n 
A 1 69  LEU 69  69  69  LEU LEU A . n 
A 1 70  THR 70  70  70  THR THR A . n 
A 1 71  TYR 71  71  71  TYR TYR A . n 
A 1 72  ASN 72  72  72  ASN ASN A . n 
A 1 73  PHE 73  73  73  PHE PHE A . n 
A 1 74  GLU 74  74  74  GLU GLU A . n 
A 1 75  THR 75  75  75  THR THR A . n 
A 1 76  VAL 76  76  76  VAL VAL A . n 
A 1 77  THR 77  77  77  THR THR A . n 
A 1 78  ASP 78  78  78  ASP ASP A . n 
A 1 79  VAL 79  79  79  VAL VAL A . n 
A 1 80  ASP 80  80  80  ASP ASP A . n 
A 1 81  TYR 81  81  81  TYR TYR A . n 
A 1 82  LEU 82  82  82  LEU LEU A . n 
A 1 83  ILE 83  83  83  ILE ILE A . n 
A 1 84  TYR 84  84  84  TYR TYR A . n 
A 1 85  HIS 85  85  85  HIS HIS A . n 
A 1 86  PRO 86  86  86  PRO PRO A . n 
A 1 87  ARG 87  87  87  ARG ARG A . n 
A 1 88  ASN 88  88  88  ASN ASN A . n 
A 1 89  ASN 89  89  89  ASN ASN A . n 
A 1 90  GLY 90  90  90  GLY GLY A . n 
A 1 91  ASN 91  91  91  ASN ASN A . n 
A 1 92  ASN 92  92  92  ASN ASN A . n 
A 1 93  GLY 93  93  93  GLY GLY A . n 
A 1 94  ARG 94  94  94  ARG ARG A . n 
A 1 95  PHE 95  95  95  PHE PHE A . n 
A 1 96  LYS 96  96  96  LYS LYS A . n 
A 1 97  GLU 97  97  97  GLU GLU A . n 
A 1 98  THR 98  98  98  THR THR A . n 
A 1 99  GLU 99  99  99  GLU GLU A . n 
A 1 100 ILE 100 100 100 ILE ILE A . n 
A 1 101 GLN 101 101 101 GLN GLN A . n 
A 1 102 TYR 102 102 102 TYR TYR A . n 
A 1 103 SER 103 103 103 SER SER A . n 
A 1 104 ALA 104 104 104 ALA ALA A . n 
A 1 105 ASP 105 105 105 ASP ASP A . n 
A 1 106 GLY 106 106 106 GLY GLY A . n 
A 1 107 HIS 107 107 107 HIS HIS A . n 
A 1 108 THR 108 108 108 THR THR A . n 
A 1 109 PHE 109 109 109 PHE PHE A . n 
A 1 110 THR 110 110 110 THR THR A . n 
A 1 111 LYS 111 111 111 LYS LYS A . n 
A 1 112 LEU 112 112 112 LEU LEU A . n 
A 1 113 ILE 113 113 113 ILE ILE A . n 
A 1 114 ASP 114 114 114 ASP ASP A . n 
A 1 115 LYS 115 115 115 LYS LYS A . n 
A 1 116 ASP 116 116 116 ASP ASP A . n 
A 1 117 PHE 117 117 117 PHE PHE A . n 
A 1 118 GLN 118 118 118 GLN GLN A . n 
A 1 119 GLY 119 119 119 GLY GLY A . n 
A 1 120 SER 120 120 120 SER SER A . n 
A 1 121 ALA 121 121 121 ALA ALA A . n 
A 1 122 THR 122 122 122 THR THR A . n 
A 1 123 ALA 123 123 123 ALA ALA A . n 
A 1 124 GLY 124 124 124 GLY GLY A . n 
A 1 125 LYS 125 125 125 LYS LYS A . n 
A 1 126 VAL 126 126 126 VAL VAL A . n 
A 1 127 THR 127 127 127 THR THR A . n 
A 1 128 PHE 128 128 128 PHE PHE A . n 
A 1 129 ASP 129 129 129 ASP ASP A . n 
A 1 130 GLN 130 130 130 GLN GLN A . n 
A 1 131 THR 131 131 131 THR THR A . n 
A 1 132 ILE 132 132 132 ILE ILE A . n 
A 1 133 GLN 133 133 133 GLN GLN A . n 
A 1 134 ALA 134 134 134 ALA ALA A . n 
A 1 135 LYS 135 135 135 LYS LYS A . n 
A 1 136 SER 136 136 136 SER SER A . n 
A 1 137 PHE 137 137 137 PHE PHE A . n 
A 1 138 ARG 138 138 138 ARG ARG A . n 
A 1 139 PHE 139 139 139 PHE PHE A . n 
A 1 140 ILE 140 140 140 ILE ILE A . n 
A 1 141 VAL 141 141 141 VAL VAL A . n 
A 1 142 LYS 142 142 142 LYS LYS A . n 
A 1 143 SER 143 143 143 SER SER A . n 
A 1 144 GLY 144 144 144 GLY GLY A . n 
A 1 145 SER 145 145 145 SER SER A . n 
A 1 146 GLY 146 146 146 GLY GLY A . n 
A 1 147 ASP 147 147 147 ASP ASP A . n 
A 1 148 GLY 148 148 148 GLY GLY A . n 
A 1 149 GLN 149 149 149 GLN GLN A . n 
A 1 150 GLY 150 150 150 GLY GLY A . n 
A 1 151 PHE 151 151 151 PHE PHE A . n 
A 1 152 ALA 152 152 152 ALA ALA A . n 
A 1 153 SER 153 153 153 SER SER A . n 
A 1 154 CYS 154 154 154 CYS CYS A . n 
A 1 155 ALA 155 155 155 ALA ALA A . n 
A 1 156 GLU 156 156 156 GLU GLU A . n 
A 1 157 MET 157 157 157 MET MET A . n 
A 1 158 GLU 158 158 158 GLU GLU A . n 
A 1 159 PHE 159 159 159 PHE PHE A . n 
A 1 160 PHE 160 160 160 PHE PHE A . n 
A 1 161 ALA 161 161 161 ALA ALA A . n 
A 1 162 LYS 162 162 162 LYS LYS A . n 
# 
loop_
_pdbx_nonpoly_scheme.asym_id 
_pdbx_nonpoly_scheme.entity_id 
_pdbx_nonpoly_scheme.mon_id 
_pdbx_nonpoly_scheme.ndb_seq_num 
_pdbx_nonpoly_scheme.pdb_seq_num 
_pdbx_nonpoly_scheme.auth_seq_num 
_pdbx_nonpoly_scheme.pdb_mon_id 
_pdbx_nonpoly_scheme.auth_mon_id 
_pdbx_nonpoly_scheme.pdb_strand_id 
_pdbx_nonpoly_scheme.pdb_ins_code 
B 2 GAL 1   201 1   GAL GAL A . 
C 3 CA  1   202 1   CA  CA  A . 
D 4 HOH 1   301 102 HOH HOH A . 
D 4 HOH 2   302 78  HOH HOH A . 
D 4 HOH 3   303 84  HOH HOH A . 
D 4 HOH 4   304 27  HOH HOH A . 
D 4 HOH 5   305 185 HOH HOH A . 
D 4 HOH 6   306 139 HOH HOH A . 
D 4 HOH 7   307 114 HOH HOH A . 
D 4 HOH 8   308 186 HOH HOH A . 
D 4 HOH 9   309 201 HOH HOH A . 
D 4 HOH 10  310 10  HOH HOH A . 
D 4 HOH 11  311 58  HOH HOH A . 
D 4 HOH 12  312 178 HOH HOH A . 
D 4 HOH 13  313 146 HOH HOH A . 
D 4 HOH 14  314 30  HOH HOH A . 
D 4 HOH 15  315 145 HOH HOH A . 
D 4 HOH 16  316 173 HOH HOH A . 
D 4 HOH 17  317 16  HOH HOH A . 
D 4 HOH 18  318 88  HOH HOH A . 
D 4 HOH 19  319 49  HOH HOH A . 
D 4 HOH 20  320 57  HOH HOH A . 
D 4 HOH 21  321 180 HOH HOH A . 
D 4 HOH 22  322 52  HOH HOH A . 
D 4 HOH 23  323 20  HOH HOH A . 
D 4 HOH 24  324 47  HOH HOH A . 
D 4 HOH 25  325 3   HOH HOH A . 
D 4 HOH 26  326 77  HOH HOH A . 
D 4 HOH 27  327 36  HOH HOH A . 
D 4 HOH 28  328 14  HOH HOH A . 
D 4 HOH 29  329 87  HOH HOH A . 
D 4 HOH 30  330 117 HOH HOH A . 
D 4 HOH 31  331 35  HOH HOH A . 
D 4 HOH 32  332 113 HOH HOH A . 
D 4 HOH 33  333 89  HOH HOH A . 
D 4 HOH 34  334 156 HOH HOH A . 
D 4 HOH 35  335 13  HOH HOH A . 
D 4 HOH 36  336 12  HOH HOH A . 
D 4 HOH 37  337 26  HOH HOH A . 
D 4 HOH 38  338 21  HOH HOH A . 
D 4 HOH 39  339 154 HOH HOH A . 
D 4 HOH 40  340 144 HOH HOH A . 
D 4 HOH 41  341 67  HOH HOH A . 
D 4 HOH 42  342 9   HOH HOH A . 
D 4 HOH 43  343 106 HOH HOH A . 
D 4 HOH 44  344 80  HOH HOH A . 
D 4 HOH 45  345 4   HOH HOH A . 
D 4 HOH 46  346 179 HOH HOH A . 
D 4 HOH 47  347 55  HOH HOH A . 
D 4 HOH 48  348 42  HOH HOH A . 
D 4 HOH 49  349 2   HOH HOH A . 
D 4 HOH 50  350 41  HOH HOH A . 
D 4 HOH 51  351 32  HOH HOH A . 
D 4 HOH 52  352 17  HOH HOH A . 
D 4 HOH 53  353 81  HOH HOH A . 
D 4 HOH 54  354 136 HOH HOH A . 
D 4 HOH 55  355 158 HOH HOH A . 
D 4 HOH 56  356 24  HOH HOH A . 
D 4 HOH 57  357 23  HOH HOH A . 
D 4 HOH 58  358 76  HOH HOH A . 
D 4 HOH 59  359 64  HOH HOH A . 
D 4 HOH 60  360 172 HOH HOH A . 
D 4 HOH 61  361 71  HOH HOH A . 
D 4 HOH 62  362 132 HOH HOH A . 
D 4 HOH 63  363 11  HOH HOH A . 
D 4 HOH 64  364 79  HOH HOH A . 
D 4 HOH 65  365 8   HOH HOH A . 
D 4 HOH 66  366 122 HOH HOH A . 
D 4 HOH 67  367 48  HOH HOH A . 
D 4 HOH 68  368 171 HOH HOH A . 
D 4 HOH 69  369 19  HOH HOH A . 
D 4 HOH 70  370 65  HOH HOH A . 
D 4 HOH 71  371 6   HOH HOH A . 
D 4 HOH 72  372 25  HOH HOH A . 
D 4 HOH 73  373 70  HOH HOH A . 
D 4 HOH 74  374 97  HOH HOH A . 
D 4 HOH 75  375 75  HOH HOH A . 
D 4 HOH 76  376 190 HOH HOH A . 
D 4 HOH 77  377 105 HOH HOH A . 
D 4 HOH 78  378 7   HOH HOH A . 
D 4 HOH 79  379 130 HOH HOH A . 
D 4 HOH 80  380 66  HOH HOH A . 
D 4 HOH 81  381 115 HOH HOH A . 
D 4 HOH 82  382 96  HOH HOH A . 
D 4 HOH 83  383 82  HOH HOH A . 
D 4 HOH 84  384 93  HOH HOH A . 
D 4 HOH 85  385 18  HOH HOH A . 
D 4 HOH 86  386 54  HOH HOH A . 
D 4 HOH 87  387 5   HOH HOH A . 
D 4 HOH 88  388 153 HOH HOH A . 
D 4 HOH 89  389 128 HOH HOH A . 
D 4 HOH 90  390 147 HOH HOH A . 
D 4 HOH 91  391 129 HOH HOH A . 
D 4 HOH 92  392 125 HOH HOH A . 
D 4 HOH 93  393 69  HOH HOH A . 
D 4 HOH 94  394 73  HOH HOH A . 
D 4 HOH 95  395 148 HOH HOH A . 
D 4 HOH 96  396 119 HOH HOH A . 
D 4 HOH 97  397 51  HOH HOH A . 
D 4 HOH 98  398 61  HOH HOH A . 
D 4 HOH 99  399 91  HOH HOH A . 
D 4 HOH 100 400 92  HOH HOH A . 
D 4 HOH 101 401 60  HOH HOH A . 
D 4 HOH 102 402 127 HOH HOH A . 
D 4 HOH 103 403 44  HOH HOH A . 
D 4 HOH 104 404 50  HOH HOH A . 
D 4 HOH 105 405 137 HOH HOH A . 
D 4 HOH 106 406 45  HOH HOH A . 
D 4 HOH 107 407 46  HOH HOH A . 
D 4 HOH 108 408 72  HOH HOH A . 
D 4 HOH 109 409 111 HOH HOH A . 
D 4 HOH 110 410 40  HOH HOH A . 
D 4 HOH 111 411 15  HOH HOH A . 
D 4 HOH 112 412 118 HOH HOH A . 
D 4 HOH 113 413 85  HOH HOH A . 
D 4 HOH 114 414 39  HOH HOH A . 
D 4 HOH 115 415 22  HOH HOH A . 
D 4 HOH 116 416 86  HOH HOH A . 
D 4 HOH 117 417 135 HOH HOH A . 
D 4 HOH 118 418 112 HOH HOH A . 
D 4 HOH 119 419 43  HOH HOH A . 
D 4 HOH 120 420 28  HOH HOH A . 
D 4 HOH 121 421 109 HOH HOH A . 
D 4 HOH 122 422 110 HOH HOH A . 
D 4 HOH 123 423 108 HOH HOH A . 
D 4 HOH 124 424 62  HOH HOH A . 
D 4 HOH 125 425 74  HOH HOH A . 
D 4 HOH 126 426 150 HOH HOH A . 
D 4 HOH 127 427 31  HOH HOH A . 
D 4 HOH 128 428 59  HOH HOH A . 
D 4 HOH 129 429 95  HOH HOH A . 
D 4 HOH 130 430 131 HOH HOH A . 
D 4 HOH 131 431 33  HOH HOH A . 
D 4 HOH 132 432 126 HOH HOH A . 
D 4 HOH 133 433 98  HOH HOH A . 
D 4 HOH 134 434 133 HOH HOH A . 
D 4 HOH 135 435 38  HOH HOH A . 
D 4 HOH 136 436 141 HOH HOH A . 
D 4 HOH 137 437 149 HOH HOH A . 
D 4 HOH 138 438 29  HOH HOH A . 
D 4 HOH 139 439 120 HOH HOH A . 
D 4 HOH 140 440 187 HOH HOH A . 
D 4 HOH 141 441 166 HOH HOH A . 
D 4 HOH 142 442 37  HOH HOH A . 
D 4 HOH 143 443 193 HOH HOH A . 
D 4 HOH 144 444 103 HOH HOH A . 
D 4 HOH 145 445 140 HOH HOH A . 
D 4 HOH 146 446 116 HOH HOH A . 
D 4 HOH 147 447 53  HOH HOH A . 
D 4 HOH 148 448 192 HOH HOH A . 
D 4 HOH 149 449 195 HOH HOH A . 
D 4 HOH 150 450 56  HOH HOH A . 
D 4 HOH 151 451 143 HOH HOH A . 
D 4 HOH 152 452 162 HOH HOH A . 
D 4 HOH 153 453 161 HOH HOH A . 
D 4 HOH 154 454 183 HOH HOH A . 
D 4 HOH 155 455 155 HOH HOH A . 
D 4 HOH 156 456 163 HOH HOH A . 
D 4 HOH 157 457 68  HOH HOH A . 
D 4 HOH 158 458 176 HOH HOH A . 
D 4 HOH 159 459 138 HOH HOH A . 
D 4 HOH 160 460 83  HOH HOH A . 
D 4 HOH 161 461 214 HOH HOH A . 
D 4 HOH 162 462 198 HOH HOH A . 
D 4 HOH 163 463 181 HOH HOH A . 
D 4 HOH 164 464 212 HOH HOH A . 
D 4 HOH 165 465 134 HOH HOH A . 
D 4 HOH 166 466 159 HOH HOH A . 
D 4 HOH 167 467 63  HOH HOH A . 
D 4 HOH 168 468 206 HOH HOH A . 
D 4 HOH 169 469 182 HOH HOH A . 
D 4 HOH 170 470 170 HOH HOH A . 
D 4 HOH 171 471 169 HOH HOH A . 
D 4 HOH 172 472 90  HOH HOH A . 
D 4 HOH 173 473 94  HOH HOH A . 
D 4 HOH 174 474 142 HOH HOH A . 
D 4 HOH 175 475 177 HOH HOH A . 
D 4 HOH 176 476 189 HOH HOH A . 
# 
loop_
_software.citation_id 
_software.classification 
_software.compiler_name 
_software.compiler_version 
_software.contact_author 
_software.contact_author_email 
_software.date 
_software.description 
_software.dependencies 
_software.hardware 
_software.language 
_software.location 
_software.mods 
_software.name 
_software.os 
_software.os_version 
_software.type 
_software.version 
_software.pdbx_ordinal 
? refinement       ? ? ? ? ? ? ? ? ? ? ? PHENIX  ? ? ? 1.19_4092 1 
? 'data reduction' ? ? ? ? ? ? ? ? ? ? ? XDS     ? ? ? .         2 
? 'data scaling'   ? ? ? ? ? ? ? ? ? ? ? Aimless ? ? ? .         3 
? phasing          ? ? ? ? ? ? ? ? ? ? ? PHASER  ? ? ? .         4 
# 
_cell.angle_alpha                  90.000 
_cell.angle_alpha_esd              ? 
_cell.angle_beta                   98.953 
_cell.angle_beta_esd               ? 
_cell.angle_gamma                  90.000 
_cell.angle_gamma_esd              ? 
_cell.entry_id                     7BLG 
_cell.details                      ? 
_cell.formula_units_Z              ? 
_cell.length_a                     36.853 
_cell.length_a_esd                 ? 
_cell.length_b                     34.524 
_cell.length_b_esd                 ? 
_cell.length_c                     47.746 
_cell.length_c_esd                 ? 
_cell.volume                       60007.723 
_cell.volume_esd                   ? 
_cell.Z_PDB                        2 
_cell.reciprocal_angle_alpha       ? 
_cell.reciprocal_angle_beta        ? 
_cell.reciprocal_angle_gamma       ? 
_cell.reciprocal_angle_alpha_esd   ? 
_cell.reciprocal_angle_beta_esd    ? 
_cell.reciprocal_angle_gamma_esd   ? 
_cell.reciprocal_length_a          ? 
_cell.reciprocal_length_b          ? 
_cell.reciprocal_length_c          ? 
_cell.reciprocal_length_a_esd      ? 
_cell.reciprocal_length_b_esd      ? 
_cell.reciprocal_length_c_esd      ? 
_cell.pdbx_unique_axis             ? 
# 
_symmetry.entry_id                         7BLG 
_symmetry.cell_setting                     ? 
_symmetry.Int_Tables_number                4 
_symmetry.space_group_name_Hall            'P 2yb' 
_symmetry.space_group_name_H-M             'P 1 21 1' 
_symmetry.pdbx_full_space_group_name_H-M   ? 
# 
_exptl.absorpt_coefficient_mu     ? 
_exptl.absorpt_correction_T_max   ? 
_exptl.absorpt_correction_T_min   ? 
_exptl.absorpt_correction_type    ? 
_exptl.absorpt_process_details    ? 
_exptl.entry_id                   7BLG 
_exptl.crystals_number            1 
_exptl.details                    ? 
_exptl.method                     'X-RAY DIFFRACTION' 
_exptl.method_details             ? 
# 
_exptl_crystal.colour                      ? 
_exptl_crystal.density_diffrn              ? 
_exptl_crystal.density_Matthews            1.67 
_exptl_crystal.density_method              ? 
_exptl_crystal.density_percent_sol         26.55 
_exptl_crystal.description                 ? 
_exptl_crystal.F_000                       ? 
_exptl_crystal.id                          1 
_exptl_crystal.preparation                 ? 
_exptl_crystal.size_max                    ? 
_exptl_crystal.size_mid                    ? 
_exptl_crystal.size_min                    ? 
_exptl_crystal.size_rad                    ? 
_exptl_crystal.colour_lustre               ? 
_exptl_crystal.colour_modifier             ? 
_exptl_crystal.colour_primary              ? 
_exptl_crystal.density_meas                ? 
_exptl_crystal.density_meas_esd            ? 
_exptl_crystal.density_meas_gt             ? 
_exptl_crystal.density_meas_lt             ? 
_exptl_crystal.density_meas_temp           ? 
_exptl_crystal.density_meas_temp_esd       ? 
_exptl_crystal.density_meas_temp_gt        ? 
_exptl_crystal.density_meas_temp_lt        ? 
_exptl_crystal.pdbx_crystal_image_url      ? 
_exptl_crystal.pdbx_crystal_image_format   ? 
_exptl_crystal.pdbx_mosaicity              ? 
_exptl_crystal.pdbx_mosaicity_esd          ? 
# 
_exptl_crystal_grow.apparatus       ? 
_exptl_crystal_grow.atmosphere      ? 
_exptl_crystal_grow.crystal_id      1 
_exptl_crystal_grow.details         ? 
_exptl_crystal_grow.method          'VAPOR DIFFUSION, SITTING DROP' 
_exptl_crystal_grow.method_ref      ? 
_exptl_crystal_grow.pH              ? 
_exptl_crystal_grow.pressure        ? 
_exptl_crystal_grow.pressure_esd    ? 
_exptl_crystal_grow.seeding         ? 
_exptl_crystal_grow.seeding_ref     ? 
_exptl_crystal_grow.temp            293 
_exptl_crystal_grow.temp_details    ? 
_exptl_crystal_grow.temp_esd        ? 
_exptl_crystal_grow.time            ? 
_exptl_crystal_grow.pdbx_details    
;Protein at 8mg/ml
0.12 M monosaccharides (0.2 M D Glucose; 0.2 M D Mannose; 0.2 M D Galactose; 0.2 M L Fucose; 0.2M D Xylose; 0.2 M N Acetyl D Glucosamine), 0.1 M buffer system (1.0 M pH 7.5 Sodium HEPES; MOPS) and 37.5% precipitant (25% v/v MPD; 25% w/v PEG 1000; 25% w/v PEG 3350)
;
_exptl_crystal_grow.pdbx_pH_range   ? 
# 
_diffrn.ambient_environment              ? 
_diffrn.ambient_temp                     100 
_diffrn.ambient_temp_details             ? 
_diffrn.ambient_temp_esd                 ? 
_diffrn.crystal_id                       1 
_diffrn.crystal_support                  ? 
_diffrn.crystal_treatment                ? 
_diffrn.details                          ? 
_diffrn.id                               1 
_diffrn.ambient_pressure                 ? 
_diffrn.ambient_pressure_esd             ? 
_diffrn.ambient_pressure_gt              ? 
_diffrn.ambient_pressure_lt              ? 
_diffrn.ambient_temp_gt                  ? 
_diffrn.ambient_temp_lt                  ? 
_diffrn.pdbx_serial_crystal_experiment   N 
# 
_diffrn_detector.details                      ? 
_diffrn_detector.detector                     PIXEL 
_diffrn_detector.diffrn_id                    1 
_diffrn_detector.type                         'DECTRIS PILATUS3 S 6M' 
_diffrn_detector.area_resol_mean              ? 
_diffrn_detector.dtime                        ? 
_diffrn_detector.pdbx_frames_total            ? 
_diffrn_detector.pdbx_collection_time_total   ? 
_diffrn_detector.pdbx_collection_date         2018-10-02 
_diffrn_detector.pdbx_frequency               ? 
# 
_diffrn_radiation.collimation                      ? 
_diffrn_radiation.diffrn_id                        1 
_diffrn_radiation.filter_edge                      ? 
_diffrn_radiation.inhomogeneity                    ? 
_diffrn_radiation.monochromator                    ? 
_diffrn_radiation.polarisn_norm                    ? 
_diffrn_radiation.polarisn_ratio                   ? 
_diffrn_radiation.probe                            ? 
_diffrn_radiation.type                             ? 
_diffrn_radiation.xray_symbol                      ? 
_diffrn_radiation.wavelength_id                    1 
_diffrn_radiation.pdbx_monochromatic_or_laue_m_l   M 
_diffrn_radiation.pdbx_wavelength_list             ? 
_diffrn_radiation.pdbx_wavelength                  ? 
_diffrn_radiation.pdbx_diffrn_protocol             'SINGLE WAVELENGTH' 
_diffrn_radiation.pdbx_analyzer                    ? 
_diffrn_radiation.pdbx_scattering_type             x-ray 
# 
_diffrn_radiation_wavelength.id           1 
_diffrn_radiation_wavelength.wavelength   0.9763 
_diffrn_radiation_wavelength.wt           1.0 
# 
_diffrn_source.current                     ? 
_diffrn_source.details                     ? 
_diffrn_source.diffrn_id                   1 
_diffrn_source.power                       ? 
_diffrn_source.size                        ? 
_diffrn_source.source                      SYNCHROTRON 
_diffrn_source.target                      ? 
_diffrn_source.type                        'ESRF BEAMLINE ID30B' 
_diffrn_source.voltage                     ? 
_diffrn_source.take-off_angle              ? 
_diffrn_source.pdbx_wavelength_list        0.9763 
_diffrn_source.pdbx_wavelength             ? 
_diffrn_source.pdbx_synchrotron_beamline   ID30B 
_diffrn_source.pdbx_synchrotron_site       ESRF 
# 
_reflns.B_iso_Wilson_estimate            13.92 
_reflns.entry_id                         7BLG 
_reflns.data_reduction_details           ? 
_reflns.data_reduction_method            ? 
_reflns.d_resolution_high                1.17 
_reflns.d_resolution_low                 36.40 
_reflns.details                          ? 
_reflns.limit_h_max                      ? 
_reflns.limit_h_min                      ? 
_reflns.limit_k_max                      ? 
_reflns.limit_k_min                      ? 
_reflns.limit_l_max                      ? 
_reflns.limit_l_min                      ? 
_reflns.number_all                       ? 
_reflns.number_obs                       35097 
_reflns.observed_criterion               ? 
_reflns.observed_criterion_F_max         ? 
_reflns.observed_criterion_F_min         ? 
_reflns.observed_criterion_I_max         ? 
_reflns.observed_criterion_I_min         ? 
_reflns.observed_criterion_sigma_F       ? 
_reflns.observed_criterion_sigma_I       ? 
_reflns.percent_possible_obs             88.8 
_reflns.R_free_details                   ? 
_reflns.Rmerge_F_all                     ? 
_reflns.Rmerge_F_obs                     ? 
_reflns.Friedel_coverage                 ? 
_reflns.number_gt                        ? 
_reflns.threshold_expression             ? 
_reflns.pdbx_redundancy                  3.6 
_reflns.pdbx_Rmerge_I_obs                ? 
_reflns.pdbx_Rmerge_I_all                ? 
_reflns.pdbx_Rsym_value                  ? 
_reflns.pdbx_netI_over_av_sigmaI         ? 
_reflns.pdbx_netI_over_sigmaI            12.5 
_reflns.pdbx_res_netI_over_av_sigmaI_2   ? 
_reflns.pdbx_res_netI_over_sigmaI_2      ? 
_reflns.pdbx_chi_squared                 ? 
_reflns.pdbx_scaling_rejects             ? 
_reflns.pdbx_d_res_high_opt              ? 
_reflns.pdbx_d_res_low_opt               ? 
_reflns.pdbx_d_res_opt_method            ? 
_reflns.phase_calculation_details        ? 
_reflns.pdbx_Rrim_I_all                  ? 
_reflns.pdbx_Rpim_I_all                  ? 
_reflns.pdbx_d_opt                       ? 
_reflns.pdbx_number_measured_all         ? 
_reflns.pdbx_diffrn_id                   1 
_reflns.pdbx_ordinal                     1 
_reflns.pdbx_CC_half                     0.99 
_reflns.pdbx_CC_star                     ? 
_reflns.pdbx_R_split                     ? 
# 
_reflns_shell.d_res_high                  1.17 
_reflns_shell.d_res_low                   1.19 
_reflns_shell.meanI_over_sigI_all         ? 
_reflns_shell.meanI_over_sigI_obs         ? 
_reflns_shell.number_measured_all         ? 
_reflns_shell.number_measured_obs         ? 
_reflns_shell.number_possible             ? 
_reflns_shell.number_unique_all           ? 
_reflns_shell.number_unique_obs           1844 
_reflns_shell.percent_possible_all        ? 
_reflns_shell.percent_possible_obs        ? 
_reflns_shell.Rmerge_F_all                ? 
_reflns_shell.Rmerge_F_obs                ? 
_reflns_shell.Rmerge_I_all                ? 
_reflns_shell.Rmerge_I_obs                ? 
_reflns_shell.meanI_over_sigI_gt          ? 
_reflns_shell.meanI_over_uI_all           ? 
_reflns_shell.meanI_over_uI_gt            ? 
_reflns_shell.number_measured_gt          ? 
_reflns_shell.number_unique_gt            ? 
_reflns_shell.percent_possible_gt         ? 
_reflns_shell.Rmerge_F_gt                 ? 
_reflns_shell.Rmerge_I_gt                 ? 
_reflns_shell.pdbx_redundancy             ? 
_reflns_shell.pdbx_Rsym_value             ? 
_reflns_shell.pdbx_chi_squared            ? 
_reflns_shell.pdbx_netI_over_sigmaI_all   ? 
_reflns_shell.pdbx_netI_over_sigmaI_obs   ? 
_reflns_shell.pdbx_Rrim_I_all             ? 
_reflns_shell.pdbx_Rpim_I_all             ? 
_reflns_shell.pdbx_rejects                ? 
_reflns_shell.pdbx_ordinal                1 
_reflns_shell.pdbx_diffrn_id              1 
_reflns_shell.pdbx_CC_half                0.82 
_reflns_shell.pdbx_CC_star                ? 
_reflns_shell.pdbx_R_split                ? 
# 
_refine.aniso_B[1][1]                            ? 
_refine.aniso_B[1][2]                            ? 
_refine.aniso_B[1][3]                            ? 
_refine.aniso_B[2][2]                            ? 
_refine.aniso_B[2][3]                            ? 
_refine.aniso_B[3][3]                            ? 
_refine.B_iso_max                                ? 
_refine.B_iso_mean                               17.60 
_refine.B_iso_min                                ? 
_refine.correlation_coeff_Fo_to_Fc               ? 
_refine.correlation_coeff_Fo_to_Fc_free          ? 
_refine.details                                  ? 
_refine.diff_density_max                         ? 
_refine.diff_density_max_esd                     ? 
_refine.diff_density_min                         ? 
_refine.diff_density_min_esd                     ? 
_refine.diff_density_rms                         ? 
_refine.diff_density_rms_esd                     ? 
_refine.entry_id                                 7BLG 
_refine.pdbx_refine_id                           'X-RAY DIFFRACTION' 
_refine.ls_abs_structure_details                 ? 
_refine.ls_abs_structure_Flack                   ? 
_refine.ls_abs_structure_Flack_esd               ? 
_refine.ls_abs_structure_Rogers                  ? 
_refine.ls_abs_structure_Rogers_esd              ? 
_refine.ls_d_res_high                            1.18 
_refine.ls_d_res_low                             36.40 
_refine.ls_extinction_coef                       ? 
_refine.ls_extinction_coef_esd                   ? 
_refine.ls_extinction_expression                 ? 
_refine.ls_extinction_method                     ? 
_refine.ls_goodness_of_fit_all                   ? 
_refine.ls_goodness_of_fit_all_esd               ? 
_refine.ls_goodness_of_fit_obs                   ? 
_refine.ls_goodness_of_fit_obs_esd               ? 
_refine.ls_hydrogen_treatment                    ? 
_refine.ls_matrix_type                           ? 
_refine.ls_number_constraints                    ? 
_refine.ls_number_parameters                     ? 
_refine.ls_number_reflns_all                     ? 
_refine.ls_number_reflns_obs                     35079 
_refine.ls_number_reflns_R_free                  1795 
_refine.ls_number_reflns_R_work                  33284 
_refine.ls_number_restraints                     ? 
_refine.ls_percent_reflns_obs                    88.74 
_refine.ls_percent_reflns_R_free                 5.12 
_refine.ls_R_factor_all                          ? 
_refine.ls_R_factor_obs                          0.1582 
_refine.ls_R_factor_R_free                       0.1738 
_refine.ls_R_factor_R_free_error                 ? 
_refine.ls_R_factor_R_free_error_details         ? 
_refine.ls_R_factor_R_work                       0.1574 
_refine.ls_R_Fsqd_factor_obs                     ? 
_refine.ls_R_I_factor_obs                        ? 
_refine.ls_redundancy_reflns_all                 ? 
_refine.ls_redundancy_reflns_obs                 ? 
_refine.ls_restrained_S_all                      ? 
_refine.ls_restrained_S_obs                      ? 
_refine.ls_shift_over_esd_max                    ? 
_refine.ls_shift_over_esd_mean                   ? 
_refine.ls_structure_factor_coef                 ? 
_refine.ls_weighting_details                     ? 
_refine.ls_weighting_scheme                      ? 
_refine.ls_wR_factor_all                         ? 
_refine.ls_wR_factor_obs                         ? 
_refine.ls_wR_factor_R_free                      ? 
_refine.ls_wR_factor_R_work                      ? 
_refine.occupancy_max                            ? 
_refine.occupancy_min                            ? 
_refine.solvent_model_details                    'FLAT BULK SOLVENT MODEL' 
_refine.solvent_model_param_bsol                 ? 
_refine.solvent_model_param_ksol                 ? 
_refine.pdbx_R_complete                          ? 
_refine.ls_R_factor_gt                           ? 
_refine.ls_goodness_of_fit_gt                    ? 
_refine.ls_goodness_of_fit_ref                   ? 
_refine.ls_shift_over_su_max                     ? 
_refine.ls_shift_over_su_max_lt                  ? 
_refine.ls_shift_over_su_mean                    ? 
_refine.ls_shift_over_su_mean_lt                 ? 
_refine.pdbx_ls_sigma_I                          ? 
_refine.pdbx_ls_sigma_F                          1.37 
_refine.pdbx_ls_sigma_Fsqd                       ? 
_refine.pdbx_data_cutoff_high_absF               ? 
_refine.pdbx_data_cutoff_high_rms_absF           ? 
_refine.pdbx_data_cutoff_low_absF                ? 
_refine.pdbx_isotropic_thermal_model             ? 
_refine.pdbx_ls_cross_valid_method               'FREE R-VALUE' 
_refine.pdbx_method_to_determine_struct          'MOLECULAR REPLACEMENT' 
_refine.pdbx_starting_model                      4a41 
_refine.pdbx_stereochemistry_target_values       'GeoStd + Monomer Library + CDL v1.2' 
_refine.pdbx_R_Free_selection_details            ? 
_refine.pdbx_stereochem_target_val_spec_case     ? 
_refine.pdbx_overall_ESU_R                       ? 
_refine.pdbx_overall_ESU_R_Free                  ? 
_refine.pdbx_solvent_vdw_probe_radii             1.1100 
_refine.pdbx_solvent_ion_probe_radii             ? 
_refine.pdbx_solvent_shrinkage_radii             0.9000 
_refine.pdbx_real_space_R                        ? 
_refine.pdbx_density_correlation                 ? 
_refine.pdbx_pd_number_of_powder_patterns        ? 
_refine.pdbx_pd_number_of_points                 ? 
_refine.pdbx_pd_meas_number_of_points            ? 
_refine.pdbx_pd_proc_ls_prof_R_factor            ? 
_refine.pdbx_pd_proc_ls_prof_wR_factor           ? 
_refine.pdbx_pd_Marquardt_correlation_coeff      ? 
_refine.pdbx_pd_Fsqrd_R_factor                   ? 
_refine.pdbx_pd_ls_matrix_band_width             ? 
_refine.pdbx_overall_phase_error                 17.7806 
_refine.pdbx_overall_SU_R_free_Cruickshank_DPI   ? 
_refine.pdbx_overall_SU_R_free_Blow_DPI          ? 
_refine.pdbx_overall_SU_R_Blow_DPI               ? 
_refine.pdbx_TLS_residual_ADP_flag               ? 
_refine.pdbx_diffrn_id                           1 
_refine.overall_SU_B                             ? 
_refine.overall_SU_ML                            0.0967 
_refine.overall_SU_R_Cruickshank_DPI             ? 
_refine.overall_SU_R_free                        ? 
_refine.overall_FOM_free_R_set                   ? 
_refine.overall_FOM_work_R_set                   ? 
_refine.pdbx_average_fsc_overall                 ? 
_refine.pdbx_average_fsc_work                    ? 
_refine.pdbx_average_fsc_free                    ? 
# 
_refine_hist.pdbx_refine_id                   'X-RAY DIFFRACTION' 
_refine_hist.cycle_id                         LAST 
_refine_hist.details                          ? 
_refine_hist.d_res_high                       1.18 
_refine_hist.d_res_low                        36.40 
_refine_hist.number_atoms_solvent             176 
_refine_hist.number_atoms_total               1297 
_refine_hist.number_reflns_all                ? 
_refine_hist.number_reflns_obs                ? 
_refine_hist.number_reflns_R_free             ? 
_refine_hist.number_reflns_R_work             ? 
_refine_hist.R_factor_all                     ? 
_refine_hist.R_factor_obs                     ? 
_refine_hist.R_factor_R_free                  ? 
_refine_hist.R_factor_R_work                  ? 
_refine_hist.pdbx_number_residues_total       ? 
_refine_hist.pdbx_B_iso_mean_ligand           ? 
_refine_hist.pdbx_B_iso_mean_solvent          ? 
_refine_hist.pdbx_number_atoms_protein        1108 
_refine_hist.pdbx_number_atoms_nucleic_acid   0 
_refine_hist.pdbx_number_atoms_ligand         13 
_refine_hist.pdbx_number_atoms_lipid          ? 
_refine_hist.pdbx_number_atoms_carb           ? 
_refine_hist.pdbx_pseudo_atom_details         ? 
# 
loop_
_refine_ls_restr.pdbx_refine_id 
_refine_ls_restr.criterion 
_refine_ls_restr.dev_ideal 
_refine_ls_restr.dev_ideal_target 
_refine_ls_restr.number 
_refine_ls_restr.rejects 
_refine_ls_restr.type 
_refine_ls_restr.weight 
_refine_ls_restr.pdbx_restraint_function 
'X-RAY DIFFRACTION' ? 0.0049 ? 1189 ? f_bond_d           ? ? 
'X-RAY DIFFRACTION' ? 0.8169 ? 1611 ? f_angle_d          ? ? 
'X-RAY DIFFRACTION' ? 0.0866 ? 171  ? f_chiral_restr     ? ? 
'X-RAY DIFFRACTION' ? 0.0054 ? 211  ? f_plane_restr      ? ? 
'X-RAY DIFFRACTION' ? 6.6691 ? 172  ? f_dihedral_angle_d ? ? 
# 
loop_
_refine_ls_shell.pdbx_refine_id 
_refine_ls_shell.d_res_high 
_refine_ls_shell.d_res_low 
_refine_ls_shell.number_reflns_all 
_refine_ls_shell.number_reflns_obs 
_refine_ls_shell.number_reflns_R_free 
_refine_ls_shell.number_reflns_R_work 
_refine_ls_shell.percent_reflns_obs 
_refine_ls_shell.percent_reflns_R_free 
_refine_ls_shell.R_factor_all 
_refine_ls_shell.R_factor_obs 
_refine_ls_shell.R_factor_R_free 
_refine_ls_shell.R_factor_R_free_error 
_refine_ls_shell.R_factor_R_work 
_refine_ls_shell.redundancy_reflns_all 
_refine_ls_shell.redundancy_reflns_obs 
_refine_ls_shell.wR_factor_all 
_refine_ls_shell.wR_factor_obs 
_refine_ls_shell.wR_factor_R_free 
_refine_ls_shell.wR_factor_R_work 
_refine_ls_shell.pdbx_R_complete 
_refine_ls_shell.pdbx_total_number_of_bins_used 
_refine_ls_shell.pdbx_phase_error 
_refine_ls_shell.pdbx_fsc_work 
_refine_ls_shell.pdbx_fsc_free 
'X-RAY DIFFRACTION' 1.18 1.21  . . 144 2680 93.67 . . . 0.2329 . 0.2390 . . . . . . . . . . . 
'X-RAY DIFFRACTION' 1.21 1.24  . . 139 2687 93.79 . . . 0.2631 . 0.2357 . . . . . . . . . . . 
'X-RAY DIFFRACTION' 1.24 1.28  . . 111 1973 68.64 . . . 0.2396 . 0.2235 . . . . . . . . . . . 
'X-RAY DIFFRACTION' 1.28 1.33  . . 149 2724 95.20 . . . 0.2096 . 0.2013 . . . . . . . . . . . 
'X-RAY DIFFRACTION' 1.33 1.38  . . 153 2704 94.85 . . . 0.1840 . 0.1905 . . . . . . . . . . . 
'X-RAY DIFFRACTION' 1.38 1.45  . . 153 2762 95.86 . . . 0.1994 . 0.1784 . . . . . . . . . . . 
'X-RAY DIFFRACTION' 1.45 1.52  . . 117 2037 78.70 . . . 0.2109 . 0.1694 . . . . . . . . . . . 
'X-RAY DIFFRACTION' 1.53 1.62  . . 140 2645 95.47 . . . 0.1887 . 0.1625 . . . . . . . . . . . 
'X-RAY DIFFRACTION' 1.62 1.74  . . 132 2565 88.14 . . . 0.1628 . 0.1590 . . . . . . . . . . . 
'X-RAY DIFFRACTION' 1.74 1.92  . . 156 2816 97.76 . . . 0.1688 . 0.1588 . . . . . . . . . . . 
'X-RAY DIFFRACTION' 1.92 2.20  . . 147 2833 97.87 . . . 0.1905 . 0.1448 . . . . . . . . . . . 
'X-RAY DIFFRACTION' 2.20 2.77  . . 113 2098 72.11 . . . 0.1868 . 0.1588 . . . . . . . . . . . 
'X-RAY DIFFRACTION' 2.77 36.40 . . 141 2760 92.18 . . . 0.1421 . 0.1385 . . . . . . . . . . . 
# 
_struct.entry_id                     7BLG 
_struct.title                        'Structure of CBM BT3015C from Bacteroides thetaiotaomicron in complex with galactose' 
_struct.pdbx_model_details           ? 
_struct.pdbx_formula_weight          ? 
_struct.pdbx_formula_weight_method   ? 
_struct.pdbx_model_type_details      ? 
_struct.pdbx_CASP_flag               N 
# 
_struct_keywords.entry_id        7BLG 
_struct_keywords.text            
'Bacteroides thetaiotaomicron, carbohydrate-binding module, gut microbiome, mucins, galactose, SUGAR BINDING PROTEIN' 
_struct_keywords.pdbx_keywords   'SUGAR BINDING PROTEIN' 
# 
loop_
_struct_asym.id 
_struct_asym.pdbx_blank_PDB_chainid_flag 
_struct_asym.pdbx_modified 
_struct_asym.entity_id 
_struct_asym.details 
A N N 1 ? 
B N N 2 ? 
C N N 3 ? 
D N N 4 ? 
# 
_struct_ref.id                         1 
_struct_ref.db_name                    UNP 
_struct_ref.db_code                    Q8A3D9_BACTN 
_struct_ref.pdbx_db_accession          Q8A3D9 
_struct_ref.pdbx_db_isoform            ? 
_struct_ref.entity_id                  1 
_struct_ref.pdbx_seq_one_letter_code   
;KGDIKIKIVSGTASSFQSGSNIEKSFDGDYSTLYHSSWSNGASNYFPITLTYNFETVTDVDYLIYHPRNNGNNGRFKETE
IQYSADGHTFTKLIDKDFQGSATAGKVTFDQTIQAKSFRFIVKSGSGDGQGFASCAEMEFFAK
;
_struct_ref.pdbx_align_begin           225 
# 
_struct_ref_seq.align_id                      1 
_struct_ref_seq.ref_id                        1 
_struct_ref_seq.pdbx_PDB_id_code              7BLG 
_struct_ref_seq.pdbx_strand_id                A 
_struct_ref_seq.seq_align_beg                 20 
_struct_ref_seq.pdbx_seq_align_beg_ins_code   ? 
_struct_ref_seq.seq_align_end                 162 
_struct_ref_seq.pdbx_seq_align_end_ins_code   ? 
_struct_ref_seq.pdbx_db_accession             Q8A3D9 
_struct_ref_seq.db_align_beg                  225 
_struct_ref_seq.pdbx_db_align_beg_ins_code    ? 
_struct_ref_seq.db_align_end                  367 
_struct_ref_seq.pdbx_db_align_end_ins_code    ? 
_struct_ref_seq.pdbx_auth_seq_align_beg       20 
_struct_ref_seq.pdbx_auth_seq_align_end       162 
# 
loop_
_struct_ref_seq_dif.align_id 
_struct_ref_seq_dif.pdbx_pdb_id_code 
_struct_ref_seq_dif.mon_id 
_struct_ref_seq_dif.pdbx_pdb_strand_id 
_struct_ref_seq_dif.seq_num 
_struct_ref_seq_dif.pdbx_pdb_ins_code 
_struct_ref_seq_dif.pdbx_seq_db_name 
_struct_ref_seq_dif.pdbx_seq_db_accession_code 
_struct_ref_seq_dif.db_mon_id 
_struct_ref_seq_dif.pdbx_seq_db_seq_num 
_struct_ref_seq_dif.details 
_struct_ref_seq_dif.pdbx_auth_seq_num 
_struct_ref_seq_dif.pdbx_ordinal 
1 7BLG MET A 1  ? UNP Q8A3D9 ? ? 'initiating methionine' 1  1  
1 7BLG GLY A 2  ? UNP Q8A3D9 ? ? 'expression tag'        2  2  
1 7BLG SER A 3  ? UNP Q8A3D9 ? ? 'expression tag'        3  3  
1 7BLG SER A 4  ? UNP Q8A3D9 ? ? 'expression tag'        4  4  
1 7BLG HIS A 5  ? UNP Q8A3D9 ? ? 'expression tag'        5  5  
1 7BLG HIS A 6  ? UNP Q8A3D9 ? ? 'expression tag'        6  6  
1 7BLG HIS A 7  ? UNP Q8A3D9 ? ? 'expression tag'        7  7  
1 7BLG HIS A 8  ? UNP Q8A3D9 ? ? 'expression tag'        8  8  
1 7BLG HIS A 9  ? UNP Q8A3D9 ? ? 'expression tag'        9  9  
1 7BLG HIS A 10 ? UNP Q8A3D9 ? ? 'expression tag'        10 10 
1 7BLG SER A 11 ? UNP Q8A3D9 ? ? 'expression tag'        11 11 
1 7BLG SER A 12 ? UNP Q8A3D9 ? ? 'expression tag'        12 12 
1 7BLG GLY A 13 ? UNP Q8A3D9 ? ? 'expression tag'        13 13 
1 7BLG PRO A 14 ? UNP Q8A3D9 ? ? 'expression tag'        14 14 
1 7BLG GLN A 15 ? UNP Q8A3D9 ? ? 'expression tag'        15 15 
1 7BLG GLN A 16 ? UNP Q8A3D9 ? ? 'expression tag'        16 16 
1 7BLG GLY A 17 ? UNP Q8A3D9 ? ? 'expression tag'        17 17 
1 7BLG LEU A 18 ? UNP Q8A3D9 ? ? 'expression tag'        18 18 
1 7BLG ARG A 19 ? UNP Q8A3D9 ? ? 'expression tag'        19 19 
# 
_pdbx_struct_assembly.id                   1 
_pdbx_struct_assembly.details              author_and_software_defined_assembly 
_pdbx_struct_assembly.method_details       PISA 
_pdbx_struct_assembly.oligomeric_details   monomeric 
_pdbx_struct_assembly.oligomeric_count     1 
# 
loop_
_pdbx_struct_assembly_prop.biol_id 
_pdbx_struct_assembly_prop.type 
_pdbx_struct_assembly_prop.value 
_pdbx_struct_assembly_prop.details 
1 'ABSA (A^2)' 300  ? 
1 MORE         2    ? 
1 'SSA (A^2)'  6950 ? 
# 
_pdbx_struct_assembly_gen.assembly_id       1 
_pdbx_struct_assembly_gen.oper_expression   1 
_pdbx_struct_assembly_gen.asym_id_list      A,B,C,D 
# 
_pdbx_struct_assembly_auth_evidence.id                     1 
_pdbx_struct_assembly_auth_evidence.assembly_id            1 
_pdbx_struct_assembly_auth_evidence.experimental_support   'gel filtration' 
_pdbx_struct_assembly_auth_evidence.details                ? 
# 
_pdbx_struct_oper_list.id                   1 
_pdbx_struct_oper_list.type                 'identity operation' 
_pdbx_struct_oper_list.name                 1_555 
_pdbx_struct_oper_list.symmetry_operation   x,y,z 
_pdbx_struct_oper_list.matrix[1][1]         1.0000000000 
_pdbx_struct_oper_list.matrix[1][2]         0.0000000000 
_pdbx_struct_oper_list.matrix[1][3]         0.0000000000 
_pdbx_struct_oper_list.vector[1]            0.0000000000 
_pdbx_struct_oper_list.matrix[2][1]         0.0000000000 
_pdbx_struct_oper_list.matrix[2][2]         1.0000000000 
_pdbx_struct_oper_list.matrix[2][3]         0.0000000000 
_pdbx_struct_oper_list.vector[2]            0.0000000000 
_pdbx_struct_oper_list.matrix[3][1]         0.0000000000 
_pdbx_struct_oper_list.matrix[3][2]         0.0000000000 
_pdbx_struct_oper_list.matrix[3][3]         1.0000000000 
_pdbx_struct_oper_list.vector[3]            0.0000000000 
# 
_struct_conf.conf_type_id            HELX_P 
_struct_conf.id                      HELX_P1 
_struct_conf.pdbx_PDB_helix_id       AA1 
_struct_conf.beg_label_comp_id       ASN 
_struct_conf.beg_label_asym_id       A 
_struct_conf.beg_label_seq_id        40 
_struct_conf.pdbx_beg_PDB_ins_code   ? 
_struct_conf.end_label_comp_id       PHE 
_struct_conf.end_label_asym_id       A 
_struct_conf.end_label_seq_id        45 
_struct_conf.pdbx_end_PDB_ins_code   ? 
_struct_conf.beg_auth_comp_id        ASN 
_struct_conf.beg_auth_asym_id        A 
_struct_conf.beg_auth_seq_id         40 
_struct_conf.end_auth_comp_id        PHE 
_struct_conf.end_auth_asym_id        A 
_struct_conf.end_auth_seq_id         45 
_struct_conf.pdbx_PDB_helix_class    5 
_struct_conf.details                 ? 
_struct_conf.pdbx_PDB_helix_length   6 
# 
_struct_conf_type.id          HELX_P 
_struct_conf_type.criteria    ? 
_struct_conf_type.reference   ? 
# 
loop_
_struct_conn.id 
_struct_conn.conn_type_id 
_struct_conn.pdbx_leaving_atom_flag 
_struct_conn.pdbx_PDB_id 
_struct_conn.ptnr1_label_asym_id 
_struct_conn.ptnr1_label_comp_id 
_struct_conn.ptnr1_label_seq_id 
_struct_conn.ptnr1_label_atom_id 
_struct_conn.pdbx_ptnr1_label_alt_id 
_struct_conn.pdbx_ptnr1_PDB_ins_code 
_struct_conn.pdbx_ptnr1_standard_comp_id 
_struct_conn.ptnr1_symmetry 
_struct_conn.ptnr2_label_asym_id 
_struct_conn.ptnr2_label_comp_id 
_struct_conn.ptnr2_label_seq_id 
_struct_conn.ptnr2_label_atom_id 
_struct_conn.pdbx_ptnr2_label_alt_id 
_struct_conn.pdbx_ptnr2_PDB_ins_code 
_struct_conn.ptnr1_auth_asym_id 
_struct_conn.ptnr1_auth_comp_id 
_struct_conn.ptnr1_auth_seq_id 
_struct_conn.ptnr2_auth_asym_id 
_struct_conn.ptnr2_auth_comp_id 
_struct_conn.ptnr2_auth_seq_id 
_struct_conn.ptnr2_symmetry 
_struct_conn.pdbx_ptnr3_label_atom_id 
_struct_conn.pdbx_ptnr3_label_seq_id 
_struct_conn.pdbx_ptnr3_label_comp_id 
_struct_conn.pdbx_ptnr3_label_asym_id 
_struct_conn.pdbx_ptnr3_label_alt_id 
_struct_conn.pdbx_ptnr3_PDB_ins_code 
_struct_conn.details 
_struct_conn.pdbx_dist_value 
_struct_conn.pdbx_value_order 
_struct_conn.pdbx_role 
metalc1 metalc ? ? A LYS 43  O   ? ? ? 1_555 C CA . CA ? ? A LYS 43  A CA 202 1_555 ? ? ? ? ? ? ? 2.318 ? ? 
metalc2 metalc ? ? A ASP 46  OD1 ? ? ? 1_555 C CA . CA ? ? A ASP 46  A CA 202 1_555 ? ? ? ? ? ? ? 2.519 ? ? 
metalc3 metalc ? ? A ASP 48  O   ? ? ? 1_555 C CA . CA ? ? A ASP 48  A CA 202 1_555 ? ? ? ? ? ? ? 2.281 ? ? 
metalc4 metalc ? ? A THR 51  O   ? ? ? 1_555 C CA . CA ? ? A THR 51  A CA 202 1_555 ? ? ? ? ? ? ? 2.431 ? ? 
metalc5 metalc ? ? A THR 51  OG1 ? ? ? 1_555 C CA . CA ? ? A THR 51  A CA 202 1_555 ? ? ? ? ? ? ? 2.490 ? ? 
metalc6 metalc ? ? A ALA 155 O   ? ? ? 1_555 C CA . CA ? ? A ALA 155 A CA 202 1_555 ? ? ? ? ? ? ? 2.382 ? ? 
metalc7 metalc ? ? A GLU 156 OE2 ? ? ? 1_555 C CA . CA ? ? A GLU 156 A CA 202 1_555 ? ? ? ? ? ? ? 2.392 ? ? 
# 
_struct_conn_type.id          metalc 
_struct_conn_type.criteria    ? 
_struct_conn_type.reference   ? 
# 
loop_
_pdbx_struct_conn_angle.id 
_pdbx_struct_conn_angle.ptnr1_label_atom_id 
_pdbx_struct_conn_angle.ptnr1_label_alt_id 
_pdbx_struct_conn_angle.ptnr1_label_asym_id 
_pdbx_struct_conn_angle.ptnr1_label_comp_id 
_pdbx_struct_conn_angle.ptnr1_label_seq_id 
_pdbx_struct_conn_angle.ptnr1_auth_atom_id 
_pdbx_struct_conn_angle.ptnr1_auth_asym_id 
_pdbx_struct_conn_angle.ptnr1_auth_comp_id 
_pdbx_struct_conn_angle.ptnr1_auth_seq_id 
_pdbx_struct_conn_angle.ptnr1_PDB_ins_code 
_pdbx_struct_conn_angle.ptnr1_symmetry 
_pdbx_struct_conn_angle.ptnr2_label_atom_id 
_pdbx_struct_conn_angle.ptnr2_label_alt_id 
_pdbx_struct_conn_angle.ptnr2_label_asym_id 
_pdbx_struct_conn_angle.ptnr2_label_comp_id 
_pdbx_struct_conn_angle.ptnr2_label_seq_id 
_pdbx_struct_conn_angle.ptnr2_auth_atom_id 
_pdbx_struct_conn_angle.ptnr2_auth_asym_id 
_pdbx_struct_conn_angle.ptnr2_auth_comp_id 
_pdbx_struct_conn_angle.ptnr2_auth_seq_id 
_pdbx_struct_conn_angle.ptnr2_PDB_ins_code 
_pdbx_struct_conn_angle.ptnr2_symmetry 
_pdbx_struct_conn_angle.ptnr3_label_atom_id 
_pdbx_struct_conn_angle.ptnr3_label_alt_id 
_pdbx_struct_conn_angle.ptnr3_label_asym_id 
_pdbx_struct_conn_angle.ptnr3_label_comp_id 
_pdbx_struct_conn_angle.ptnr3_label_seq_id 
_pdbx_struct_conn_angle.ptnr3_auth_atom_id 
_pdbx_struct_conn_angle.ptnr3_auth_asym_id 
_pdbx_struct_conn_angle.ptnr3_auth_comp_id 
_pdbx_struct_conn_angle.ptnr3_auth_seq_id 
_pdbx_struct_conn_angle.ptnr3_PDB_ins_code 
_pdbx_struct_conn_angle.ptnr3_symmetry 
_pdbx_struct_conn_angle.value 
_pdbx_struct_conn_angle.value_esd 
1  O   ? A LYS 43  ? A LYS 43  ? 1_555 CA ? C CA . ? A CA 202 ? 1_555 OD1 ? A ASP 46  ? A ASP 46  ? 1_555 82.8  ? 
2  O   ? A LYS 43  ? A LYS 43  ? 1_555 CA ? C CA . ? A CA 202 ? 1_555 O   ? A ASP 48  ? A ASP 48  ? 1_555 171.3 ? 
3  OD1 ? A ASP 46  ? A ASP 46  ? 1_555 CA ? C CA . ? A CA 202 ? 1_555 O   ? A ASP 48  ? A ASP 48  ? 1_555 90.8  ? 
4  O   ? A LYS 43  ? A LYS 43  ? 1_555 CA ? C CA . ? A CA 202 ? 1_555 O   ? A THR 51  ? A THR 51  ? 1_555 85.7  ? 
5  OD1 ? A ASP 46  ? A ASP 46  ? 1_555 CA ? C CA . ? A CA 202 ? 1_555 O   ? A THR 51  ? A THR 51  ? 1_555 139.4 ? 
6  O   ? A ASP 48  ? A ASP 48  ? 1_555 CA ? C CA . ? A CA 202 ? 1_555 O   ? A THR 51  ? A THR 51  ? 1_555 95.4  ? 
7  O   ? A LYS 43  ? A LYS 43  ? 1_555 CA ? C CA . ? A CA 202 ? 1_555 OG1 ? A THR 51  ? A THR 51  ? 1_555 89.0  ? 
8  OD1 ? A ASP 46  ? A ASP 46  ? 1_555 CA ? C CA . ? A CA 202 ? 1_555 OG1 ? A THR 51  ? A THR 51  ? 1_555 69.7  ? 
9  O   ? A ASP 48  ? A ASP 48  ? 1_555 CA ? C CA . ? A CA 202 ? 1_555 OG1 ? A THR 51  ? A THR 51  ? 1_555 83.2  ? 
10 O   ? A THR 51  ? A THR 51  ? 1_555 CA ? C CA . ? A CA 202 ? 1_555 OG1 ? A THR 51  ? A THR 51  ? 1_555 71.4  ? 
11 O   ? A LYS 43  ? A LYS 43  ? 1_555 CA ? C CA . ? A CA 202 ? 1_555 O   ? A ALA 155 ? A ALA 155 ? 1_555 92.2  ? 
12 OD1 ? A ASP 46  ? A ASP 46  ? 1_555 CA ? C CA . ? A CA 202 ? 1_555 O   ? A ALA 155 ? A ALA 155 ? 1_555 143.0 ? 
13 O   ? A ASP 48  ? A ASP 48  ? 1_555 CA ? C CA . ? A CA 202 ? 1_555 O   ? A ALA 155 ? A ALA 155 ? 1_555 96.4  ? 
14 O   ? A THR 51  ? A THR 51  ? 1_555 CA ? C CA . ? A CA 202 ? 1_555 O   ? A ALA 155 ? A ALA 155 ? 1_555 76.0  ? 
15 OG1 ? A THR 51  ? A THR 51  ? 1_555 CA ? C CA . ? A CA 202 ? 1_555 O   ? A ALA 155 ? A ALA 155 ? 1_555 147.2 ? 
16 O   ? A LYS 43  ? A LYS 43  ? 1_555 CA ? C CA . ? A CA 202 ? 1_555 OE2 ? A GLU 156 ? A GLU 156 ? 1_555 91.1  ? 
17 OD1 ? A ASP 46  ? A ASP 46  ? 1_555 CA ? C CA . ? A CA 202 ? 1_555 OE2 ? A GLU 156 ? A GLU 156 ? 1_555 68.1  ? 
18 O   ? A ASP 48  ? A ASP 48  ? 1_555 CA ? C CA . ? A CA 202 ? 1_555 OE2 ? A GLU 156 ? A GLU 156 ? 1_555 92.1  ? 
19 O   ? A THR 51  ? A THR 51  ? 1_555 CA ? C CA . ? A CA 202 ? 1_555 OE2 ? A GLU 156 ? A GLU 156 ? 1_555 151.1 ? 
20 OG1 ? A THR 51  ? A THR 51  ? 1_555 CA ? C CA . ? A CA 202 ? 1_555 OE2 ? A GLU 156 ? A GLU 156 ? 1_555 137.4 ? 
21 O   ? A ALA 155 ? A ALA 155 ? 1_555 CA ? C CA . ? A CA 202 ? 1_555 OE2 ? A GLU 156 ? A GLU 156 ? 1_555 75.4  ? 
# 
_struct_mon_prot_cis.pdbx_id                1 
_struct_mon_prot_cis.label_comp_id          PHE 
_struct_mon_prot_cis.label_seq_id           65 
_struct_mon_prot_cis.label_asym_id          A 
_struct_mon_prot_cis.label_alt_id           . 
_struct_mon_prot_cis.pdbx_PDB_ins_code      ? 
_struct_mon_prot_cis.auth_comp_id           PHE 
_struct_mon_prot_cis.auth_seq_id            65 
_struct_mon_prot_cis.auth_asym_id           A 
_struct_mon_prot_cis.pdbx_label_comp_id_2   PRO 
_struct_mon_prot_cis.pdbx_label_seq_id_2    66 
_struct_mon_prot_cis.pdbx_label_asym_id_2   A 
_struct_mon_prot_cis.pdbx_PDB_ins_code_2    ? 
_struct_mon_prot_cis.pdbx_auth_comp_id_2    PRO 
_struct_mon_prot_cis.pdbx_auth_seq_id_2     66 
_struct_mon_prot_cis.pdbx_auth_asym_id_2    A 
_struct_mon_prot_cis.pdbx_PDB_model_num     1 
_struct_mon_prot_cis.pdbx_omega_angle       0.70 
# 
loop_
_struct_sheet.id 
_struct_sheet.type 
_struct_sheet.number_strands 
_struct_sheet.details 
AA1 ? 4 ? 
AA2 ? 6 ? 
AA3 ? 2 ? 
# 
loop_
_struct_sheet_order.sheet_id 
_struct_sheet_order.range_id_1 
_struct_sheet_order.range_id_2 
_struct_sheet_order.offset 
_struct_sheet_order.sense 
AA1 1 2 ? anti-parallel 
AA1 2 3 ? anti-parallel 
AA1 3 4 ? anti-parallel 
AA2 1 2 ? anti-parallel 
AA2 2 3 ? anti-parallel 
AA2 3 4 ? anti-parallel 
AA2 4 5 ? anti-parallel 
AA2 5 6 ? anti-parallel 
AA3 1 2 ? anti-parallel 
# 
loop_
_struct_sheet_range.sheet_id 
_struct_sheet_range.id 
_struct_sheet_range.beg_label_comp_id 
_struct_sheet_range.beg_label_asym_id 
_struct_sheet_range.beg_label_seq_id 
_struct_sheet_range.pdbx_beg_PDB_ins_code 
_struct_sheet_range.end_label_comp_id 
_struct_sheet_range.end_label_asym_id 
_struct_sheet_range.end_label_seq_id 
_struct_sheet_range.pdbx_end_PDB_ins_code 
_struct_sheet_range.beg_auth_comp_id 
_struct_sheet_range.beg_auth_asym_id 
_struct_sheet_range.beg_auth_seq_id 
_struct_sheet_range.end_auth_comp_id 
_struct_sheet_range.end_auth_asym_id 
_struct_sheet_range.end_auth_seq_id 
AA1 1 ILE A 23  ? LYS A 24  ? ILE A 23  LYS A 24  
AA1 2 GLU A 156 ? ALA A 161 ? GLU A 156 ALA A 161 
AA1 3 ILE A 67  ? HIS A 85  ? ILE A 67  HIS A 85  
AA1 4 ILE A 27  ? ALA A 32  ? ILE A 27  ALA A 32  
AA2 1 ILE A 23  ? LYS A 24  ? ILE A 23  LYS A 24  
AA2 2 GLU A 156 ? ALA A 161 ? GLU A 156 ALA A 161 
AA2 3 ILE A 67  ? HIS A 85  ? ILE A 67  HIS A 85  
AA2 4 GLY A 124 ? VAL A 141 ? GLY A 124 VAL A 141 
AA2 5 GLU A 97  ? SER A 103 ? GLU A 97  SER A 103 
AA2 6 THR A 110 ? ASP A 116 ? THR A 110 ASP A 116 
AA3 1 TYR A 53  ? HIS A 54  ? TYR A 53  HIS A 54  
AA3 2 SER A 153 ? CYS A 154 ? SER A 153 CYS A 154 
# 
loop_
_pdbx_struct_sheet_hbond.sheet_id 
_pdbx_struct_sheet_hbond.range_id_1 
_pdbx_struct_sheet_hbond.range_id_2 
_pdbx_struct_sheet_hbond.range_1_label_atom_id 
_pdbx_struct_sheet_hbond.range_1_label_comp_id 
_pdbx_struct_sheet_hbond.range_1_label_asym_id 
_pdbx_struct_sheet_hbond.range_1_label_seq_id 
_pdbx_struct_sheet_hbond.range_1_PDB_ins_code 
_pdbx_struct_sheet_hbond.range_1_auth_atom_id 
_pdbx_struct_sheet_hbond.range_1_auth_comp_id 
_pdbx_struct_sheet_hbond.range_1_auth_asym_id 
_pdbx_struct_sheet_hbond.range_1_auth_seq_id 
_pdbx_struct_sheet_hbond.range_2_label_atom_id 
_pdbx_struct_sheet_hbond.range_2_label_comp_id 
_pdbx_struct_sheet_hbond.range_2_label_asym_id 
_pdbx_struct_sheet_hbond.range_2_label_seq_id 
_pdbx_struct_sheet_hbond.range_2_PDB_ins_code 
_pdbx_struct_sheet_hbond.range_2_auth_atom_id 
_pdbx_struct_sheet_hbond.range_2_auth_comp_id 
_pdbx_struct_sheet_hbond.range_2_auth_asym_id 
_pdbx_struct_sheet_hbond.range_2_auth_seq_id 
AA1 1 2 N ILE A 23  ? N ILE A 23  O ALA A 161 ? O ALA A 161 
AA1 2 3 O PHE A 160 ? O PHE A 160 N ASP A 80  ? N ASP A 80  
AA1 3 4 O ASN A 72  ? O ASN A 72  N SER A 29  ? N SER A 29  
AA2 1 2 N ILE A 23  ? N ILE A 23  O ALA A 161 ? O ALA A 161 
AA2 2 3 O PHE A 160 ? O PHE A 160 N ASP A 80  ? N ASP A 80  
AA2 3 4 N ILE A 67  ? N ILE A 67  O VAL A 141 ? O VAL A 141 
AA2 4 5 O ILE A 140 ? O ILE A 140 N GLU A 99  ? N GLU A 99  
AA2 5 6 N THR A 98  ? N THR A 98  O LYS A 115 ? O LYS A 115 
AA3 1 2 N TYR A 53  ? N TYR A 53  O CYS A 154 ? O CYS A 154 
# 
loop_
_pdbx_validate_torsion.id 
_pdbx_validate_torsion.PDB_model_num 
_pdbx_validate_torsion.auth_comp_id 
_pdbx_validate_torsion.auth_asym_id 
_pdbx_validate_torsion.auth_seq_id 
_pdbx_validate_torsion.PDB_ins_code 
_pdbx_validate_torsion.label_alt_id 
_pdbx_validate_torsion.phi 
_pdbx_validate_torsion.psi 
1 1 LYS A 96 ? A -111.12 -105.70 
2 1 LYS A 96 ? B -106.95 -113.88 
# 
_pdbx_validate_peptide_omega.id               1 
_pdbx_validate_peptide_omega.PDB_model_num    1 
_pdbx_validate_peptide_omega.auth_comp_id_1   LEU 
_pdbx_validate_peptide_omega.auth_asym_id_1   A 
_pdbx_validate_peptide_omega.auth_seq_id_1    52 
_pdbx_validate_peptide_omega.PDB_ins_code_1   ? 
_pdbx_validate_peptide_omega.label_alt_id_1   ? 
_pdbx_validate_peptide_omega.auth_comp_id_2   TYR 
_pdbx_validate_peptide_omega.auth_asym_id_2   A 
_pdbx_validate_peptide_omega.auth_seq_id_2    53 
_pdbx_validate_peptide_omega.PDB_ins_code_2   ? 
_pdbx_validate_peptide_omega.label_alt_id_2   ? 
_pdbx_validate_peptide_omega.omega            149.08 
# 
loop_
_space_group_symop.id 
_space_group_symop.operation_xyz 
1 x,y,z       
2 -x,y+1/2,-z 
# 
_pdbx_entry_details.entry_id                 7BLG 
_pdbx_entry_details.has_ligand_of_interest   Y 
_pdbx_entry_details.compound_details         ? 
_pdbx_entry_details.source_details           ? 
_pdbx_entry_details.nonpolymer_details       ? 
_pdbx_entry_details.sequence_details         ? 
# 
loop_
_pdbx_unobs_or_zero_occ_residues.id 
_pdbx_unobs_or_zero_occ_residues.PDB_model_num 
_pdbx_unobs_or_zero_occ_residues.polymer_flag 
_pdbx_unobs_or_zero_occ_residues.occupancy_flag 
_pdbx_unobs_or_zero_occ_residues.auth_asym_id 
_pdbx_unobs_or_zero_occ_residues.auth_comp_id 
_pdbx_unobs_or_zero_occ_residues.auth_seq_id 
_pdbx_unobs_or_zero_occ_residues.PDB_ins_code 
_pdbx_unobs_or_zero_occ_residues.label_asym_id 
_pdbx_unobs_or_zero_occ_residues.label_comp_id 
_pdbx_unobs_or_zero_occ_residues.label_seq_id 
1  1 Y 1 A MET 1  ? A MET 1  
2  1 Y 1 A GLY 2  ? A GLY 2  
3  1 Y 1 A SER 3  ? A SER 3  
4  1 Y 1 A SER 4  ? A SER 4  
5  1 Y 1 A HIS 5  ? A HIS 5  
6  1 Y 1 A HIS 6  ? A HIS 6  
7  1 Y 1 A HIS 7  ? A HIS 7  
8  1 Y 1 A HIS 8  ? A HIS 8  
9  1 Y 1 A HIS 9  ? A HIS 9  
10 1 Y 1 A HIS 10 ? A HIS 10 
11 1 Y 1 A SER 11 ? A SER 11 
12 1 Y 1 A SER 12 ? A SER 12 
13 1 Y 1 A GLY 13 ? A GLY 13 
14 1 Y 1 A PRO 14 ? A PRO 14 
15 1 Y 1 A GLN 15 ? A GLN 15 
16 1 Y 1 A GLN 16 ? A GLN 16 
17 1 Y 1 A GLY 17 ? A GLY 17 
18 1 Y 1 A LEU 18 ? A LEU 18 
19 1 Y 1 A ARG 19 ? A ARG 19 
20 1 Y 1 A LYS 20 ? A LYS 20 
# 
loop_
_chem_comp_atom.comp_id 
_chem_comp_atom.atom_id 
_chem_comp_atom.type_symbol 
_chem_comp_atom.pdbx_aromatic_flag 
_chem_comp_atom.pdbx_stereo_config 
_chem_comp_atom.pdbx_ordinal 
ALA N    N  N N 1   
ALA CA   C  N S 2   
ALA C    C  N N 3   
ALA O    O  N N 4   
ALA CB   C  N N 5   
ALA OXT  O  N N 6   
ALA H    H  N N 7   
ALA H2   H  N N 8   
ALA HA   H  N N 9   
ALA HB1  H  N N 10  
ALA HB2  H  N N 11  
ALA HB3  H  N N 12  
ALA HXT  H  N N 13  
ARG N    N  N N 14  
ARG CA   C  N S 15  
ARG C    C  N N 16  
ARG O    O  N N 17  
ARG CB   C  N N 18  
ARG CG   C  N N 19  
ARG CD   C  N N 20  
ARG NE   N  N N 21  
ARG CZ   C  N N 22  
ARG NH1  N  N N 23  
ARG NH2  N  N N 24  
ARG OXT  O  N N 25  
ARG H    H  N N 26  
ARG H2   H  N N 27  
ARG HA   H  N N 28  
ARG HB2  H  N N 29  
ARG HB3  H  N N 30  
ARG HG2  H  N N 31  
ARG HG3  H  N N 32  
ARG HD2  H  N N 33  
ARG HD3  H  N N 34  
ARG HE   H  N N 35  
ARG HH11 H  N N 36  
ARG HH12 H  N N 37  
ARG HH21 H  N N 38  
ARG HH22 H  N N 39  
ARG HXT  H  N N 40  
ASN N    N  N N 41  
ASN CA   C  N S 42  
ASN C    C  N N 43  
ASN O    O  N N 44  
ASN CB   C  N N 45  
ASN CG   C  N N 46  
ASN OD1  O  N N 47  
ASN ND2  N  N N 48  
ASN OXT  O  N N 49  
ASN H    H  N N 50  
ASN H2   H  N N 51  
ASN HA   H  N N 52  
ASN HB2  H  N N 53  
ASN HB3  H  N N 54  
ASN HD21 H  N N 55  
ASN HD22 H  N N 56  
ASN HXT  H  N N 57  
ASP N    N  N N 58  
ASP CA   C  N S 59  
ASP C    C  N N 60  
ASP O    O  N N 61  
ASP CB   C  N N 62  
ASP CG   C  N N 63  
ASP OD1  O  N N 64  
ASP OD2  O  N N 65  
ASP OXT  O  N N 66  
ASP H    H  N N 67  
ASP H2   H  N N 68  
ASP HA   H  N N 69  
ASP HB2  H  N N 70  
ASP HB3  H  N N 71  
ASP HD2  H  N N 72  
ASP HXT  H  N N 73  
CA  CA   CA N N 74  
CYS N    N  N N 75  
CYS CA   C  N R 76  
CYS C    C  N N 77  
CYS O    O  N N 78  
CYS CB   C  N N 79  
CYS SG   S  N N 80  
CYS OXT  O  N N 81  
CYS H    H  N N 82  
CYS H2   H  N N 83  
CYS HA   H  N N 84  
CYS HB2  H  N N 85  
CYS HB3  H  N N 86  
CYS HG   H  N N 87  
CYS HXT  H  N N 88  
GAL C1   C  N R 89  
GAL C2   C  N R 90  
GAL C3   C  N S 91  
GAL C4   C  N R 92  
GAL C5   C  N R 93  
GAL C6   C  N N 94  
GAL O1   O  N N 95  
GAL O2   O  N N 96  
GAL O3   O  N N 97  
GAL O4   O  N N 98  
GAL O5   O  N N 99  
GAL O6   O  N N 100 
GAL H1   H  N N 101 
GAL H2   H  N N 102 
GAL H3   H  N N 103 
GAL H4   H  N N 104 
GAL H5   H  N N 105 
GAL H61  H  N N 106 
GAL H62  H  N N 107 
GAL HO1  H  N N 108 
GAL HO2  H  N N 109 
GAL HO3  H  N N 110 
GAL HO4  H  N N 111 
GAL HO6  H  N N 112 
GLN N    N  N N 113 
GLN CA   C  N S 114 
GLN C    C  N N 115 
GLN O    O  N N 116 
GLN CB   C  N N 117 
GLN CG   C  N N 118 
GLN CD   C  N N 119 
GLN OE1  O  N N 120 
GLN NE2  N  N N 121 
GLN OXT  O  N N 122 
GLN H    H  N N 123 
GLN H2   H  N N 124 
GLN HA   H  N N 125 
GLN HB2  H  N N 126 
GLN HB3  H  N N 127 
GLN HG2  H  N N 128 
GLN HG3  H  N N 129 
GLN HE21 H  N N 130 
GLN HE22 H  N N 131 
GLN HXT  H  N N 132 
GLU N    N  N N 133 
GLU CA   C  N S 134 
GLU C    C  N N 135 
GLU O    O  N N 136 
GLU CB   C  N N 137 
GLU CG   C  N N 138 
GLU CD   C  N N 139 
GLU OE1  O  N N 140 
GLU OE2  O  N N 141 
GLU OXT  O  N N 142 
GLU H    H  N N 143 
GLU H2   H  N N 144 
GLU HA   H  N N 145 
GLU HB2  H  N N 146 
GLU HB3  H  N N 147 
GLU HG2  H  N N 148 
GLU HG3  H  N N 149 
GLU HE2  H  N N 150 
GLU HXT  H  N N 151 
GLY N    N  N N 152 
GLY CA   C  N N 153 
GLY C    C  N N 154 
GLY O    O  N N 155 
GLY OXT  O  N N 156 
GLY H    H  N N 157 
GLY H2   H  N N 158 
GLY HA2  H  N N 159 
GLY HA3  H  N N 160 
GLY HXT  H  N N 161 
HIS N    N  N N 162 
HIS CA   C  N S 163 
HIS C    C  N N 164 
HIS O    O  N N 165 
HIS CB   C  N N 166 
HIS CG   C  Y N 167 
HIS ND1  N  Y N 168 
HIS CD2  C  Y N 169 
HIS CE1  C  Y N 170 
HIS NE2  N  Y N 171 
HIS OXT  O  N N 172 
HIS H    H  N N 173 
HIS H2   H  N N 174 
HIS HA   H  N N 175 
HIS HB2  H  N N 176 
HIS HB3  H  N N 177 
HIS HD1  H  N N 178 
HIS HD2  H  N N 179 
HIS HE1  H  N N 180 
HIS HE2  H  N N 181 
HIS HXT  H  N N 182 
HOH O    O  N N 183 
HOH H1   H  N N 184 
HOH H2   H  N N 185 
ILE N    N  N N 186 
ILE CA   C  N S 187 
ILE C    C  N N 188 
ILE O    O  N N 189 
ILE CB   C  N S 190 
ILE CG1  C  N N 191 
ILE CG2  C  N N 192 
ILE CD1  C  N N 193 
ILE OXT  O  N N 194 
ILE H    H  N N 195 
ILE H2   H  N N 196 
ILE HA   H  N N 197 
ILE HB   H  N N 198 
ILE HG12 H  N N 199 
ILE HG13 H  N N 200 
ILE HG21 H  N N 201 
ILE HG22 H  N N 202 
ILE HG23 H  N N 203 
ILE HD11 H  N N 204 
ILE HD12 H  N N 205 
ILE HD13 H  N N 206 
ILE HXT  H  N N 207 
LEU N    N  N N 208 
LEU CA   C  N S 209 
LEU C    C  N N 210 
LEU O    O  N N 211 
LEU CB   C  N N 212 
LEU CG   C  N N 213 
LEU CD1  C  N N 214 
LEU CD2  C  N N 215 
LEU OXT  O  N N 216 
LEU H    H  N N 217 
LEU H2   H  N N 218 
LEU HA   H  N N 219 
LEU HB2  H  N N 220 
LEU HB3  H  N N 221 
LEU HG   H  N N 222 
LEU HD11 H  N N 223 
LEU HD12 H  N N 224 
LEU HD13 H  N N 225 
LEU HD21 H  N N 226 
LEU HD22 H  N N 227 
LEU HD23 H  N N 228 
LEU HXT  H  N N 229 
LYS N    N  N N 230 
LYS CA   C  N S 231 
LYS C    C  N N 232 
LYS O    O  N N 233 
LYS CB   C  N N 234 
LYS CG   C  N N 235 
LYS CD   C  N N 236 
LYS CE   C  N N 237 
LYS NZ   N  N N 238 
LYS OXT  O  N N 239 
LYS H    H  N N 240 
LYS H2   H  N N 241 
LYS HA   H  N N 242 
LYS HB2  H  N N 243 
LYS HB3  H  N N 244 
LYS HG2  H  N N 245 
LYS HG3  H  N N 246 
LYS HD2  H  N N 247 
LYS HD3  H  N N 248 
LYS HE2  H  N N 249 
LYS HE3  H  N N 250 
LYS HZ1  H  N N 251 
LYS HZ2  H  N N 252 
LYS HZ3  H  N N 253 
LYS HXT  H  N N 254 
MET N    N  N N 255 
MET CA   C  N S 256 
MET C    C  N N 257 
MET O    O  N N 258 
MET CB   C  N N 259 
MET CG   C  N N 260 
MET SD   S  N N 261 
MET CE   C  N N 262 
MET OXT  O  N N 263 
MET H    H  N N 264 
MET H2   H  N N 265 
MET HA   H  N N 266 
MET HB2  H  N N 267 
MET HB3  H  N N 268 
MET HG2  H  N N 269 
MET HG3  H  N N 270 
MET HE1  H  N N 271 
MET HE2  H  N N 272 
MET HE3  H  N N 273 
MET HXT  H  N N 274 
PHE N    N  N N 275 
PHE CA   C  N S 276 
PHE C    C  N N 277 
PHE O    O  N N 278 
PHE CB   C  N N 279 
PHE CG   C  Y N 280 
PHE CD1  C  Y N 281 
PHE CD2  C  Y N 282 
PHE CE1  C  Y N 283 
PHE CE2  C  Y N 284 
PHE CZ   C  Y N 285 
PHE OXT  O  N N 286 
PHE H    H  N N 287 
PHE H2   H  N N 288 
PHE HA   H  N N 289 
PHE HB2  H  N N 290 
PHE HB3  H  N N 291 
PHE HD1  H  N N 292 
PHE HD2  H  N N 293 
PHE HE1  H  N N 294 
PHE HE2  H  N N 295 
PHE HZ   H  N N 296 
PHE HXT  H  N N 297 
PRO N    N  N N 298 
PRO CA   C  N S 299 
PRO C    C  N N 300 
PRO O    O  N N 301 
PRO CB   C  N N 302 
PRO CG   C  N N 303 
PRO CD   C  N N 304 
PRO OXT  O  N N 305 
PRO H    H  N N 306 
PRO HA   H  N N 307 
PRO HB2  H  N N 308 
PRO HB3  H  N N 309 
PRO HG2  H  N N 310 
PRO HG3  H  N N 311 
PRO HD2  H  N N 312 
PRO HD3  H  N N 313 
PRO HXT  H  N N 314 
SER N    N  N N 315 
SER CA   C  N S 316 
SER C    C  N N 317 
SER O    O  N N 318 
SER CB   C  N N 319 
SER OG   O  N N 320 
SER OXT  O  N N 321 
SER H    H  N N 322 
SER H2   H  N N 323 
SER HA   H  N N 324 
SER HB2  H  N N 325 
SER HB3  H  N N 326 
SER HG   H  N N 327 
SER HXT  H  N N 328 
THR N    N  N N 329 
THR CA   C  N S 330 
THR C    C  N N 331 
THR O    O  N N 332 
THR CB   C  N R 333 
THR OG1  O  N N 334 
THR CG2  C  N N 335 
THR OXT  O  N N 336 
THR H    H  N N 337 
THR H2   H  N N 338 
THR HA   H  N N 339 
THR HB   H  N N 340 
THR HG1  H  N N 341 
THR HG21 H  N N 342 
THR HG22 H  N N 343 
THR HG23 H  N N 344 
THR HXT  H  N N 345 
TRP N    N  N N 346 
TRP CA   C  N S 347 
TRP C    C  N N 348 
TRP O    O  N N 349 
TRP CB   C  N N 350 
TRP CG   C  Y N 351 
TRP CD1  C  Y N 352 
TRP CD2  C  Y N 353 
TRP NE1  N  Y N 354 
TRP CE2  C  Y N 355 
TRP CE3  C  Y N 356 
TRP CZ2  C  Y N 357 
TRP CZ3  C  Y N 358 
TRP CH2  C  Y N 359 
TRP OXT  O  N N 360 
TRP H    H  N N 361 
TRP H2   H  N N 362 
TRP HA   H  N N 363 
TRP HB2  H  N N 364 
TRP HB3  H  N N 365 
TRP HD1  H  N N 366 
TRP HE1  H  N N 367 
TRP HE3  H  N N 368 
TRP HZ2  H  N N 369 
TRP HZ3  H  N N 370 
TRP HH2  H  N N 371 
TRP HXT  H  N N 372 
TYR N    N  N N 373 
TYR CA   C  N S 374 
TYR C    C  N N 375 
TYR O    O  N N 376 
TYR CB   C  N N 377 
TYR CG   C  Y N 378 
TYR CD1  C  Y N 379 
TYR CD2  C  Y N 380 
TYR CE1  C  Y N 381 
TYR CE2  C  Y N 382 
TYR CZ   C  Y N 383 
TYR OH   O  N N 384 
TYR OXT  O  N N 385 
TYR H    H  N N 386 
TYR H2   H  N N 387 
TYR HA   H  N N 388 
TYR HB2  H  N N 389 
TYR HB3  H  N N 390 
TYR HD1  H  N N 391 
TYR HD2  H  N N 392 
TYR HE1  H  N N 393 
TYR HE2  H  N N 394 
TYR HH   H  N N 395 
TYR HXT  H  N N 396 
VAL N    N  N N 397 
VAL CA   C  N S 398 
VAL C    C  N N 399 
VAL O    O  N N 400 
VAL CB   C  N N 401 
VAL CG1  C  N N 402 
VAL CG2  C  N N 403 
VAL OXT  O  N N 404 
VAL H    H  N N 405 
VAL H2   H  N N 406 
VAL HA   H  N N 407 
VAL HB   H  N N 408 
VAL HG11 H  N N 409 
VAL HG12 H  N N 410 
VAL HG13 H  N N 411 
VAL HG21 H  N N 412 
VAL HG22 H  N N 413 
VAL HG23 H  N N 414 
VAL HXT  H  N N 415 
# 
loop_
_chem_comp_bond.comp_id 
_chem_comp_bond.atom_id_1 
_chem_comp_bond.atom_id_2 
_chem_comp_bond.value_order 
_chem_comp_bond.pdbx_aromatic_flag 
_chem_comp_bond.pdbx_stereo_config 
_chem_comp_bond.pdbx_ordinal 
ALA N   CA   sing N N 1   
ALA N   H    sing N N 2   
ALA N   H2   sing N N 3   
ALA CA  C    sing N N 4   
ALA CA  CB   sing N N 5   
ALA CA  HA   sing N N 6   
ALA C   O    doub N N 7   
ALA C   OXT  sing N N 8   
ALA CB  HB1  sing N N 9   
ALA CB  HB2  sing N N 10  
ALA CB  HB3  sing N N 11  
ALA OXT HXT  sing N N 12  
ARG N   CA   sing N N 13  
ARG N   H    sing N N 14  
ARG N   H2   sing N N 15  
ARG CA  C    sing N N 16  
ARG CA  CB   sing N N 17  
ARG CA  HA   sing N N 18  
ARG C   O    doub N N 19  
ARG C   OXT  sing N N 20  
ARG CB  CG   sing N N 21  
ARG CB  HB2  sing N N 22  
ARG CB  HB3  sing N N 23  
ARG CG  CD   sing N N 24  
ARG CG  HG2  sing N N 25  
ARG CG  HG3  sing N N 26  
ARG CD  NE   sing N N 27  
ARG CD  HD2  sing N N 28  
ARG CD  HD3  sing N N 29  
ARG NE  CZ   sing N N 30  
ARG NE  HE   sing N N 31  
ARG CZ  NH1  sing N N 32  
ARG CZ  NH2  doub N N 33  
ARG NH1 HH11 sing N N 34  
ARG NH1 HH12 sing N N 35  
ARG NH2 HH21 sing N N 36  
ARG NH2 HH22 sing N N 37  
ARG OXT HXT  sing N N 38  
ASN N   CA   sing N N 39  
ASN N   H    sing N N 40  
ASN N   H2   sing N N 41  
ASN CA  C    sing N N 42  
ASN CA  CB   sing N N 43  
ASN CA  HA   sing N N 44  
ASN C   O    doub N N 45  
ASN C   OXT  sing N N 46  
ASN CB  CG   sing N N 47  
ASN CB  HB2  sing N N 48  
ASN CB  HB3  sing N N 49  
ASN CG  OD1  doub N N 50  
ASN CG  ND2  sing N N 51  
ASN ND2 HD21 sing N N 52  
ASN ND2 HD22 sing N N 53  
ASN OXT HXT  sing N N 54  
ASP N   CA   sing N N 55  
ASP N   H    sing N N 56  
ASP N   H2   sing N N 57  
ASP CA  C    sing N N 58  
ASP CA  CB   sing N N 59  
ASP CA  HA   sing N N 60  
ASP C   O    doub N N 61  
ASP C   OXT  sing N N 62  
ASP CB  CG   sing N N 63  
ASP CB  HB2  sing N N 64  
ASP CB  HB3  sing N N 65  
ASP CG  OD1  doub N N 66  
ASP CG  OD2  sing N N 67  
ASP OD2 HD2  sing N N 68  
ASP OXT HXT  sing N N 69  
CYS N   CA   sing N N 70  
CYS N   H    sing N N 71  
CYS N   H2   sing N N 72  
CYS CA  C    sing N N 73  
CYS CA  CB   sing N N 74  
CYS CA  HA   sing N N 75  
CYS C   O    doub N N 76  
CYS C   OXT  sing N N 77  
CYS CB  SG   sing N N 78  
CYS CB  HB2  sing N N 79  
CYS CB  HB3  sing N N 80  
CYS SG  HG   sing N N 81  
CYS OXT HXT  sing N N 82  
GAL C1  C2   sing N N 83  
GAL C1  O1   sing N N 84  
GAL C1  O5   sing N N 85  
GAL C1  H1   sing N N 86  
GAL C2  C3   sing N N 87  
GAL C2  O2   sing N N 88  
GAL C2  H2   sing N N 89  
GAL C3  C4   sing N N 90  
GAL C3  O3   sing N N 91  
GAL C3  H3   sing N N 92  
GAL C4  C5   sing N N 93  
GAL C4  O4   sing N N 94  
GAL C4  H4   sing N N 95  
GAL C5  C6   sing N N 96  
GAL C5  O5   sing N N 97  
GAL C5  H5   sing N N 98  
GAL C6  O6   sing N N 99  
GAL C6  H61  sing N N 100 
GAL C6  H62  sing N N 101 
GAL O1  HO1  sing N N 102 
GAL O2  HO2  sing N N 103 
GAL O3  HO3  sing N N 104 
GAL O4  HO4  sing N N 105 
GAL O6  HO6  sing N N 106 
GLN N   CA   sing N N 107 
GLN N   H    sing N N 108 
GLN N   H2   sing N N 109 
GLN CA  C    sing N N 110 
GLN CA  CB   sing N N 111 
GLN CA  HA   sing N N 112 
GLN C   O    doub N N 113 
GLN C   OXT  sing N N 114 
GLN CB  CG   sing N N 115 
GLN CB  HB2  sing N N 116 
GLN CB  HB3  sing N N 117 
GLN CG  CD   sing N N 118 
GLN CG  HG2  sing N N 119 
GLN CG  HG3  sing N N 120 
GLN CD  OE1  doub N N 121 
GLN CD  NE2  sing N N 122 
GLN NE2 HE21 sing N N 123 
GLN NE2 HE22 sing N N 124 
GLN OXT HXT  sing N N 125 
GLU N   CA   sing N N 126 
GLU N   H    sing N N 127 
GLU N   H2   sing N N 128 
GLU CA  C    sing N N 129 
GLU CA  CB   sing N N 130 
GLU CA  HA   sing N N 131 
GLU C   O    doub N N 132 
GLU C   OXT  sing N N 133 
GLU CB  CG   sing N N 134 
GLU CB  HB2  sing N N 135 
GLU CB  HB3  sing N N 136 
GLU CG  CD   sing N N 137 
GLU CG  HG2  sing N N 138 
GLU CG  HG3  sing N N 139 
GLU CD  OE1  doub N N 140 
GLU CD  OE2  sing N N 141 
GLU OE2 HE2  sing N N 142 
GLU OXT HXT  sing N N 143 
GLY N   CA   sing N N 144 
GLY N   H    sing N N 145 
GLY N   H2   sing N N 146 
GLY CA  C    sing N N 147 
GLY CA  HA2  sing N N 148 
GLY CA  HA3  sing N N 149 
GLY C   O    doub N N 150 
GLY C   OXT  sing N N 151 
GLY OXT HXT  sing N N 152 
HIS N   CA   sing N N 153 
HIS N   H    sing N N 154 
HIS N   H2   sing N N 155 
HIS CA  C    sing N N 156 
HIS CA  CB   sing N N 157 
HIS CA  HA   sing N N 158 
HIS C   O    doub N N 159 
HIS C   OXT  sing N N 160 
HIS CB  CG   sing N N 161 
HIS CB  HB2  sing N N 162 
HIS CB  HB3  sing N N 163 
HIS CG  ND1  sing Y N 164 
HIS CG  CD2  doub Y N 165 
HIS ND1 CE1  doub Y N 166 
HIS ND1 HD1  sing N N 167 
HIS CD2 NE2  sing Y N 168 
HIS CD2 HD2  sing N N 169 
HIS CE1 NE2  sing Y N 170 
HIS CE1 HE1  sing N N 171 
HIS NE2 HE2  sing N N 172 
HIS OXT HXT  sing N N 173 
HOH O   H1   sing N N 174 
HOH O   H2   sing N N 175 
ILE N   CA   sing N N 176 
ILE N   H    sing N N 177 
ILE N   H2   sing N N 178 
ILE CA  C    sing N N 179 
ILE CA  CB   sing N N 180 
ILE CA  HA   sing N N 181 
ILE C   O    doub N N 182 
ILE C   OXT  sing N N 183 
ILE CB  CG1  sing N N 184 
ILE CB  CG2  sing N N 185 
ILE CB  HB   sing N N 186 
ILE CG1 CD1  sing N N 187 
ILE CG1 HG12 sing N N 188 
ILE CG1 HG13 sing N N 189 
ILE CG2 HG21 sing N N 190 
ILE CG2 HG22 sing N N 191 
ILE CG2 HG23 sing N N 192 
ILE CD1 HD11 sing N N 193 
ILE CD1 HD12 sing N N 194 
ILE CD1 HD13 sing N N 195 
ILE OXT HXT  sing N N 196 
LEU N   CA   sing N N 197 
LEU N   H    sing N N 198 
LEU N   H2   sing N N 199 
LEU CA  C    sing N N 200 
LEU CA  CB   sing N N 201 
LEU CA  HA   sing N N 202 
LEU C   O    doub N N 203 
LEU C   OXT  sing N N 204 
LEU CB  CG   sing N N 205 
LEU CB  HB2  sing N N 206 
LEU CB  HB3  sing N N 207 
LEU CG  CD1  sing N N 208 
LEU CG  CD2  sing N N 209 
LEU CG  HG   sing N N 210 
LEU CD1 HD11 sing N N 211 
LEU CD1 HD12 sing N N 212 
LEU CD1 HD13 sing N N 213 
LEU CD2 HD21 sing N N 214 
LEU CD2 HD22 sing N N 215 
LEU CD2 HD23 sing N N 216 
LEU OXT HXT  sing N N 217 
LYS N   CA   sing N N 218 
LYS N   H    sing N N 219 
LYS N   H2   sing N N 220 
LYS CA  C    sing N N 221 
LYS CA  CB   sing N N 222 
LYS CA  HA   sing N N 223 
LYS C   O    doub N N 224 
LYS C   OXT  sing N N 225 
LYS CB  CG   sing N N 226 
LYS CB  HB2  sing N N 227 
LYS CB  HB3  sing N N 228 
LYS CG  CD   sing N N 229 
LYS CG  HG2  sing N N 230 
LYS CG  HG3  sing N N 231 
LYS CD  CE   sing N N 232 
LYS CD  HD2  sing N N 233 
LYS CD  HD3  sing N N 234 
LYS CE  NZ   sing N N 235 
LYS CE  HE2  sing N N 236 
LYS CE  HE3  sing N N 237 
LYS NZ  HZ1  sing N N 238 
LYS NZ  HZ2  sing N N 239 
LYS NZ  HZ3  sing N N 240 
LYS OXT HXT  sing N N 241 
MET N   CA   sing N N 242 
MET N   H    sing N N 243 
MET N   H2   sing N N 244 
MET CA  C    sing N N 245 
MET CA  CB   sing N N 246 
MET CA  HA   sing N N 247 
MET C   O    doub N N 248 
MET C   OXT  sing N N 249 
MET CB  CG   sing N N 250 
MET CB  HB2  sing N N 251 
MET CB  HB3  sing N N 252 
MET CG  SD   sing N N 253 
MET CG  HG2  sing N N 254 
MET CG  HG3  sing N N 255 
MET SD  CE   sing N N 256 
MET CE  HE1  sing N N 257 
MET CE  HE2  sing N N 258 
MET CE  HE3  sing N N 259 
MET OXT HXT  sing N N 260 
PHE N   CA   sing N N 261 
PHE N   H    sing N N 262 
PHE N   H2   sing N N 263 
PHE CA  C    sing N N 264 
PHE CA  CB   sing N N 265 
PHE CA  HA   sing N N 266 
PHE C   O    doub N N 267 
PHE C   OXT  sing N N 268 
PHE CB  CG   sing N N 269 
PHE CB  HB2  sing N N 270 
PHE CB  HB3  sing N N 271 
PHE CG  CD1  doub Y N 272 
PHE CG  CD2  sing Y N 273 
PHE CD1 CE1  sing Y N 274 
PHE CD1 HD1  sing N N 275 
PHE CD2 CE2  doub Y N 276 
PHE CD2 HD2  sing N N 277 
PHE CE1 CZ   doub Y N 278 
PHE CE1 HE1  sing N N 279 
PHE CE2 CZ   sing Y N 280 
PHE CE2 HE2  sing N N 281 
PHE CZ  HZ   sing N N 282 
PHE OXT HXT  sing N N 283 
PRO N   CA   sing N N 284 
PRO N   CD   sing N N 285 
PRO N   H    sing N N 286 
PRO CA  C    sing N N 287 
PRO CA  CB   sing N N 288 
PRO CA  HA   sing N N 289 
PRO C   O    doub N N 290 
PRO C   OXT  sing N N 291 
PRO CB  CG   sing N N 292 
PRO CB  HB2  sing N N 293 
PRO CB  HB3  sing N N 294 
PRO CG  CD   sing N N 295 
PRO CG  HG2  sing N N 296 
PRO CG  HG3  sing N N 297 
PRO CD  HD2  sing N N 298 
PRO CD  HD3  sing N N 299 
PRO OXT HXT  sing N N 300 
SER N   CA   sing N N 301 
SER N   H    sing N N 302 
SER N   H2   sing N N 303 
SER CA  C    sing N N 304 
SER CA  CB   sing N N 305 
SER CA  HA   sing N N 306 
SER C   O    doub N N 307 
SER C   OXT  sing N N 308 
SER CB  OG   sing N N 309 
SER CB  HB2  sing N N 310 
SER CB  HB3  sing N N 311 
SER OG  HG   sing N N 312 
SER OXT HXT  sing N N 313 
THR N   CA   sing N N 314 
THR N   H    sing N N 315 
THR N   H2   sing N N 316 
THR CA  C    sing N N 317 
THR CA  CB   sing N N 318 
THR CA  HA   sing N N 319 
THR C   O    doub N N 320 
THR C   OXT  sing N N 321 
THR CB  OG1  sing N N 322 
THR CB  CG2  sing N N 323 
THR CB  HB   sing N N 324 
THR OG1 HG1  sing N N 325 
THR CG2 HG21 sing N N 326 
THR CG2 HG22 sing N N 327 
THR CG2 HG23 sing N N 328 
THR OXT HXT  sing N N 329 
TRP N   CA   sing N N 330 
TRP N   H    sing N N 331 
TRP N   H2   sing N N 332 
TRP CA  C    sing N N 333 
TRP CA  CB   sing N N 334 
TRP CA  HA   sing N N 335 
TRP C   O    doub N N 336 
TRP C   OXT  sing N N 337 
TRP CB  CG   sing N N 338 
TRP CB  HB2  sing N N 339 
TRP CB  HB3  sing N N 340 
TRP CG  CD1  doub Y N 341 
TRP CG  CD2  sing Y N 342 
TRP CD1 NE1  sing Y N 343 
TRP CD1 HD1  sing N N 344 
TRP CD2 CE2  doub Y N 345 
TRP CD2 CE3  sing Y N 346 
TRP NE1 CE2  sing Y N 347 
TRP NE1 HE1  sing N N 348 
TRP CE2 CZ2  sing Y N 349 
TRP CE3 CZ3  doub Y N 350 
TRP CE3 HE3  sing N N 351 
TRP CZ2 CH2  doub Y N 352 
TRP CZ2 HZ2  sing N N 353 
TRP CZ3 CH2  sing Y N 354 
TRP CZ3 HZ3  sing N N 355 
TRP CH2 HH2  sing N N 356 
TRP OXT HXT  sing N N 357 
TYR N   CA   sing N N 358 
TYR N   H    sing N N 359 
TYR N   H2   sing N N 360 
TYR CA  C    sing N N 361 
TYR CA  CB   sing N N 362 
TYR CA  HA   sing N N 363 
TYR C   O    doub N N 364 
TYR C   OXT  sing N N 365 
TYR CB  CG   sing N N 366 
TYR CB  HB2  sing N N 367 
TYR CB  HB3  sing N N 368 
TYR CG  CD1  doub Y N 369 
TYR CG  CD2  sing Y N 370 
TYR CD1 CE1  sing Y N 371 
TYR CD1 HD1  sing N N 372 
TYR CD2 CE2  doub Y N 373 
TYR CD2 HD2  sing N N 374 
TYR CE1 CZ   doub Y N 375 
TYR CE1 HE1  sing N N 376 
TYR CE2 CZ   sing Y N 377 
TYR CE2 HE2  sing N N 378 
TYR CZ  OH   sing N N 379 
TYR OH  HH   sing N N 380 
TYR OXT HXT  sing N N 381 
VAL N   CA   sing N N 382 
VAL N   H    sing N N 383 
VAL N   H2   sing N N 384 
VAL CA  C    sing N N 385 
VAL CA  CB   sing N N 386 
VAL CA  HA   sing N N 387 
VAL C   O    doub N N 388 
VAL C   OXT  sing N N 389 
VAL CB  CG1  sing N N 390 
VAL CB  CG2  sing N N 391 
VAL CB  HB   sing N N 392 
VAL CG1 HG11 sing N N 393 
VAL CG1 HG12 sing N N 394 
VAL CG1 HG13 sing N N 395 
VAL CG2 HG21 sing N N 396 
VAL CG2 HG22 sing N N 397 
VAL CG2 HG23 sing N N 398 
VAL OXT HXT  sing N N 399 
# 
_pdbx_audit_support.funding_organization   'Foundation for Science and Technology (FCT)' 
_pdbx_audit_support.country                Portugal 
_pdbx_audit_support.grant_number           PTDC/BIA-MIB/31730/2017 
_pdbx_audit_support.ordinal                1 
# 
_pdbx_entity_instance_feature.ordinal        1 
_pdbx_entity_instance_feature.comp_id        GAL 
_pdbx_entity_instance_feature.asym_id        ? 
_pdbx_entity_instance_feature.seq_num        ? 
_pdbx_entity_instance_feature.auth_comp_id   GAL 
_pdbx_entity_instance_feature.auth_asym_id   ? 
_pdbx_entity_instance_feature.auth_seq_num   ? 
_pdbx_entity_instance_feature.feature_type   'SUBJECT OF INVESTIGATION' 
_pdbx_entity_instance_feature.details        ? 
# 
_pdbx_initial_refinement_model.id               1 
_pdbx_initial_refinement_model.entity_id_list   ? 
_pdbx_initial_refinement_model.type             'experimental model' 
_pdbx_initial_refinement_model.source_name      PDB 
_pdbx_initial_refinement_model.accession_code   4A41 
_pdbx_initial_refinement_model.details          ? 
# 
_space_group.name_H-M_alt     'P 1 21 1' 
_space_group.name_Hall        'P 2yb' 
_space_group.IT_number        4 
_space_group.crystal_system   monoclinic 
_space_group.id               1 
# 
_atom_sites.entry_id                    7BLG 
_atom_sites.Cartn_transf_matrix[1][1]   ? 
_atom_sites.Cartn_transf_matrix[1][2]   ? 
_atom_sites.Cartn_transf_matrix[1][3]   ? 
_atom_sites.Cartn_transf_matrix[2][1]   ? 
_atom_sites.Cartn_transf_matrix[2][2]   ? 
_atom_sites.Cartn_transf_matrix[2][3]   ? 
_atom_sites.Cartn_transf_matrix[3][1]   ? 
_atom_sites.Cartn_transf_matrix[3][2]   ? 
_atom_sites.Cartn_transf_matrix[3][3]   ? 
_atom_sites.Cartn_transf_vector[1]      ? 
_atom_sites.Cartn_transf_vector[2]      ? 
_atom_sites.Cartn_transf_vector[3]      ? 
_atom_sites.fract_transf_matrix[1][1]   0.00835309 
_atom_sites.fract_transf_matrix[1][2]   -0.02612516 
_atom_sites.fract_transf_matrix[1][3]   0.00151181 
_atom_sites.fract_transf_matrix[2][1]   0.01313354 
_atom_sites.fract_transf_matrix[2][2]   0.00271357 
_atom_sites.fract_transf_matrix[2][3]   -0.02567329 
_atom_sites.fract_transf_matrix[3][1]   0.01855030 
_atom_sites.fract_transf_matrix[3][2]   0.00302943 
_atom_sites.fract_transf_matrix[3][3]   0.00980987 
_atom_sites.fract_transf_vector[1]      -0.385064 
_atom_sites.fract_transf_vector[2]      -0.060978 
_atom_sites.fract_transf_vector[3]      -0.232168 
_atom_sites.solution_primary            ? 
_atom_sites.solution_secondary          ? 
_atom_sites.solution_hydrogens          ? 
_atom_sites.special_details             ? 
# 
loop_
_atom_type.symbol 
_atom_type.scat_dispersion_real 
_atom_type.scat_dispersion_imag 
_atom_type.scat_Cromer_Mann_a1 
_atom_type.scat_Cromer_Mann_a2 
_atom_type.scat_Cromer_Mann_a3 
_atom_type.scat_Cromer_Mann_a4 
_atom_type.scat_Cromer_Mann_b1 
_atom_type.scat_Cromer_Mann_b2 
_atom_type.scat_Cromer_Mann_b3 
_atom_type.scat_Cromer_Mann_b4 
_atom_type.scat_Cromer_Mann_c 
_atom_type.scat_source 
_atom_type.scat_dispersion_source 
C  ? ? 3.54356 2.42580 ?       ? 25.62398 1.50364  ?        ? 0.0 
;2-Gaussian fit: Grosse-Kunstleve RW, Sauter NK, Adams PD: Newsletter of the IUCr Commission on Crystallographic Computing 2004, 3, 22-31.
;
? 
CA ? ? 8.75937 8.41257 2.76798 ? 9.64476  0.47514  97.39057 ? 0.0 
;3-Gaussian fit: Grosse-Kunstleve RW, Sauter NK, Adams PD: Newsletter of the IUCr Commission on Crystallographic Computing 2004, 3, 22-31.
;
? 
N  ? ? 4.01032 2.96436 ?       ? 19.97189 1.75589  ?        ? 0.0 
;2-Gaussian fit: Grosse-Kunstleve RW, Sauter NK, Adams PD: Newsletter of the IUCr Commission on Crystallographic Computing 2004, 3, 22-31.
;
? 
O  ? ? 4.49882 3.47563 ?       ? 15.80542 1.70748  ?        ? 0.0 
;2-Gaussian fit: Grosse-Kunstleve RW, Sauter NK, Adams PD: Newsletter of the IUCr Commission on Crystallographic Computing 2004, 3, 22-31.
;
? 
S  ? ? 9.55732 6.39887 ?       ? 1.23737  29.19336 ?        ? 0.0 
;2-Gaussian fit: Grosse-Kunstleve RW, Sauter NK, Adams PD: Newsletter of the IUCr Commission on Crystallographic Computing 2004, 3, 22-31.
;
? 
# 
loop_
_atom_site.group_PDB 
_atom_site.id 
_atom_site.type_symbol 
_atom_site.label_atom_id 
_atom_site.label_alt_id 
_atom_site.label_comp_id 
_atom_site.label_asym_id 
_atom_site.label_entity_id 
_atom_site.label_seq_id 
_atom_site.pdbx_PDB_ins_code 
_atom_site.Cartn_x 
_atom_site.Cartn_y 
_atom_site.Cartn_z 
_atom_site.occupancy 
_atom_site.B_iso_or_equiv 
_atom_site.pdbx_formal_charge 
_atom_site.auth_seq_id 
_atom_site.auth_comp_id 
_atom_site.auth_asym_id 
_atom_site.auth_atom_id 
_atom_site.pdbx_PDB_model_num 
ATOM   1    N  N   . GLY A 1 21  ? -15.43913 -13.46101 -11.49857 1.000 40.22195 ? 21  GLY A N   1 
ATOM   2    C  CA  . GLY A 1 21  ? -15.84897 -14.14571 -10.28658 1.000 40.03232 ? 21  GLY A CA  1 
ATOM   3    C  C   . GLY A 1 21  ? -14.91679 -13.93150 -9.10755  1.000 34.80598 ? 21  GLY A C   1 
ATOM   4    O  O   . GLY A 1 21  ? -15.01780 -14.63059 -8.09601  1.000 32.75630 ? 21  GLY A O   1 
ATOM   5    N  N   . ASP A 1 22  ? -14.00758 -12.96545 -9.23613  1.000 33.77007 ? 22  ASP A N   1 
ATOM   6    C  CA  . ASP A 1 22  ? -13.05377 -12.67436 -8.17418  1.000 25.79451 ? 22  ASP A CA  1 
ATOM   7    C  C   . ASP A 1 22  ? -13.72194 -11.86240 -7.07141  1.000 26.26648 ? 22  ASP A C   1 
ATOM   8    O  O   . ASP A 1 22  ? -14.58264 -11.01689 -7.33245  1.000 31.71323 ? 22  ASP A O   1 
ATOM   9    C  CB  . ASP A 1 22  ? -11.85221 -11.90067 -8.72509  1.000 21.70819 ? 22  ASP A CB  1 
ATOM   10   C  CG  . ASP A 1 22  ? -11.01208 -12.72265 -9.68527  1.000 24.41767 ? 22  ASP A CG  1 
ATOM   11   O  OD1 . ASP A 1 22  ? -11.31542 -13.91831 -9.87673  1.000 30.67192 ? 22  ASP A OD1 1 
ATOM   12   O  OD2 . ASP A 1 22  ? -10.03897 -12.17293 -10.24571 1.000 22.90753 ? 22  ASP A OD2 1 
ATOM   13   N  N   . ILE A 1 23  ? -13.31656 -12.12267 -5.83293  1.000 19.25613 ? 23  ILE A N   1 
ATOM   14   C  CA  . ILE A 1 23  ? -13.89650 -11.49490 -4.65163  1.000 18.76738 ? 23  ILE A CA  1 
ATOM   15   C  C   . ILE A 1 23  ? -12.93970 -10.41881 -4.16322  1.000 18.04985 ? 23  ILE A C   1 
ATOM   16   O  O   . ILE A 1 23  ? -11.74064 -10.67584 -4.00670  1.000 18.48154 ? 23  ILE A O   1 
ATOM   17   C  CB  . ILE A 1 23  ? -14.12939 -12.54031 -3.54628  1.000 23.21180 ? 23  ILE A CB  1 
ATOM   18   C  CG1 . ILE A 1 23  ? -15.02873 -13.67608 -4.04312  1.000 31.92825 ? 23  ILE A CG1 1 
ATOM   19   C  CG2 . ILE A 1 23  ? -14.72490 -11.89039 -2.30832  1.000 25.08722 ? 23  ILE A CG2 1 
ATOM   20   C  CD1 . ILE A 1 23  ? -16.17427 -13.21931 -4.92211  1.000 31.69742 ? 23  ILE A CD1 1 
ATOM   21   N  N   . LYS A 1 24  ? -13.45750 -9.21977  -3.91708  1.000 17.14045 ? 24  LYS A N   1 
ATOM   22   C  CA  . LYS A 1 24  ? -12.65214 -8.15894  -3.33048  1.000 16.72494 ? 24  LYS A CA  1 
ATOM   23   C  C   . LYS A 1 24  ? -12.75385 -8.27657  -1.81582  1.000 17.07381 ? 24  LYS A C   1 
ATOM   24   O  O   . LYS A 1 24  ? -13.85467 -8.23411  -1.25699  1.000 20.45941 ? 24  LYS A O   1 
ATOM   25   C  CB  . LYS A 1 24  ? -13.14737 -6.79661  -3.80129  1.000 18.13040 ? 24  LYS A CB  1 
ATOM   26   C  CG  . LYS A 1 24  ? -12.41201 -5.63667  -3.16453  1.000 21.54142 ? 24  LYS A CG  1 
ATOM   27   C  CD  . LYS A 1 24  ? -12.38658 -4.44396  -4.11073  1.000 25.33997 ? 24  LYS A CD  1 
ATOM   28   C  CE  . LYS A 1 24  ? -12.25702 -3.13595  -3.36275  1.000 31.18005 ? 24  LYS A CE  1 
ATOM   29   N  NZ  . LYS A 1 24  ? -12.77552 -2.01235  -4.19366  1.000 32.18708 ? 24  LYS A NZ  1 
ATOM   30   N  N   . ILE A 1 25  ? -11.61216 -8.42842  -1.15289  1.000 15.11829 ? 25  ILE A N   1 
ATOM   31   C  CA  . ILE A 1 25  ? -11.58054 -8.66281  0.28576   1.000 15.05813 ? 25  ILE A CA  1 
ATOM   32   C  C   . ILE A 1 25  ? -11.84250 -7.35647  1.01755   1.000 14.14750 ? 25  ILE A C   1 
ATOM   33   O  O   . ILE A 1 25  ? -11.33847 -6.29361  0.62929   1.000 16.76665 ? 25  ILE A O   1 
ATOM   34   C  CB  . ILE A 1 25  ? -10.22656 -9.27314  0.69674   1.000 15.27085 ? 25  ILE A CB  1 
ATOM   35   C  CG1 . ILE A 1 25  ? -9.91978  -10.53563 -0.12150  1.000 16.61219 ? 25  ILE A CG1 1 
ATOM   36   C  CG2 . ILE A 1 25  ? -10.20252 -9.57243  2.18714   1.000 18.05469 ? 25  ILE A CG2 1 
ATOM   37   C  CD1 . ILE A 1 25  ? -11.03864 -11.54993 -0.11960  1.000 20.78321 ? 25  ILE A CD1 1 
ATOM   38   N  N   . LYS A 1 26  ? -12.61716 -7.42808  2.09400   1.000 15.40981 ? 26  LYS A N   1 
ATOM   39   C  CA  . LYS A 1 26  ? -12.94406 -6.24037  2.87168   1.000 15.30242 ? 26  LYS A CA  1 
ATOM   40   C  C   . LYS A 1 26  ? -11.79254 -5.88987  3.81030   1.000 13.52793 ? 26  LYS A C   1 
ATOM   41   O  O   . LYS A 1 26  ? -11.43861 -6.67120  4.69984   1.000 15.44097 ? 26  LYS A O   1 
ATOM   42   C  CB  . LYS A 1 26  ? -14.22565 -6.47937  3.66816   1.000 16.31153 ? 26  LYS A CB  1 
ATOM   43   C  CG  . LYS A 1 26  ? -14.59602 -5.32138  4.57042   1.000 15.51021 ? 26  LYS A CG  1 
ATOM   44   C  CD  . LYS A 1 26  ? -14.86645 -4.05364  3.76842   1.000 17.42256 ? 26  LYS A CD  1 
ATOM   45   C  CE  . LYS A 1 26  ? -15.30894 -2.90476  4.67466   1.000 18.26457 ? 26  LYS A CE  1 
ATOM   46   N  NZ  . LYS A 1 26  ? -15.53908 -1.64067  3.91221   1.000 19.73907 ? 26  LYS A NZ  1 
ATOM   47   N  N   . ILE A 1 27  ? -11.21259 -4.71026  3.62016   1.000 14.12907 ? 27  ILE A N   1 
ATOM   48   C  CA  . ILE A 1 27  ? -10.24252 -4.16111  4.56271   1.000 13.03741 ? 27  ILE A CA  1 
ATOM   49   C  C   . ILE A 1 27  ? -11.01898 -3.44340  5.66196   1.000 12.15770 ? 27  ILE A C   1 
ATOM   50   O  O   . ILE A 1 27  ? -11.81528 -2.53433  5.38373   1.000 14.32335 ? 27  ILE A O   1 
ATOM   51   C  CB  . ILE A 1 27  ? -9.28204  -3.18598  3.86206   1.000 13.37363 ? 27  ILE A CB  1 
ATOM   52   C  CG1 . ILE A 1 27  ? -8.54995  -3.85990  2.69388   1.000 13.58381 ? 27  ILE A CG1 1 
ATOM   53   C  CG2 . ILE A 1 27  ? -8.31789  -2.58095  4.87175   1.000 13.77849 ? 27  ILE A CG2 1 
ATOM   54   C  CD1 . ILE A 1 27  ? -7.80283  -2.88304  1.78346   1.000 15.31015 ? 27  ILE A CD1 1 
ATOM   55   N  N   . VAL A 1 28  ? -10.77846 -3.82412  6.91423   1.000 13.02079 ? 28  VAL A N   1 
ATOM   56   C  CA  . VAL A 1 28  ? -11.51761 -3.23648  8.02748   1.000 15.58170 ? 28  VAL A CA  1 
ATOM   57   C  C   . VAL A 1 28  ? -10.72063 -2.20043  8.80448   1.000 14.33615 ? 28  VAL A C   1 
ATOM   58   O  O   . VAL A 1 28  ? -11.32614 -1.36212  9.49074   1.000 15.96204 ? 28  VAL A O   1 
ATOM   59   C  CB  . VAL A 1 28  ? -12.09617 -4.29915  8.98592   1.000 15.64396 ? 28  VAL A CB  1 
ATOM   60   C  CG1 . VAL A 1 28  ? -13.09127 -5.17430  8.24604   1.000 17.97901 ? 28  VAL A CG1 1 
ATOM   61   C  CG2 . VAL A 1 28  ? -10.99447 -5.13248  9.62079   1.000 15.51742 ? 28  VAL A CG2 1 
ATOM   62   N  N   . SER A 1 29  ? -9.39853  -2.23055  8.73078   1.000 14.03493 ? 29  SER A N   1 
ATOM   63   C  CA  . SER A 1 29  ? -8.58454  -1.29058  9.48511   1.000 13.26891 ? 29  SER A CA  1 
ATOM   64   C  C   . SER A 1 29  ? -7.19766  -1.28196  8.86651   1.000 13.75084 ? 29  SER A C   1 
ATOM   65   O  O   . SER A 1 29  ? -6.86217  -2.11635  8.02183   1.000 12.74841 ? 29  SER A O   1 
ATOM   66   C  CB  . SER A 1 29  ? -8.50623  -1.66560  10.96881  1.000 15.41765 ? 29  SER A CB  1 
ATOM   67   O  OG  . SER A 1 29  ? -7.79831  -2.88010  11.12896  1.000 16.70721 ? 29  SER A OG  1 
ATOM   68   N  N   . GLY A 1 30  ? -6.38688  -0.33854  9.31497   1.000 12.36413 ? 30  GLY A N   1 
ATOM   69   C  CA  . GLY A 1 30  ? -5.02169  -0.27304  8.83470   1.000 12.99556 ? 30  GLY A CA  1 
ATOM   70   C  C   . GLY A 1 30  ? -4.21901  0.69270   9.66819   1.000 12.33392 ? 30  GLY A C   1 
ATOM   71   O  O   . GLY A 1 30  ? -4.75570  1.40948   10.51577  1.000 13.45953 ? 30  GLY A O   1 
ATOM   72   N  N   . THR A 1 31  ? -2.91459  0.72763   9.39774   1.000 11.91365 ? 31  THR A N   1 
ATOM   73   C  CA  . THR A 1 31  ? -2.02946  1.68902   10.04239  1.000 12.44380 ? 31  THR A CA  1 
ATOM   74   C  C   . THR A 1 31  ? -1.02130  2.22072   9.03273   1.000 11.74882 ? 31  THR A C   1 
ATOM   75   O  O   . THR A 1 31  ? -0.70188  1.56076   8.03703   1.000 12.59605 ? 31  THR A O   1 
ATOM   76   C  CB  . THR A 1 31  ? -1.25068  1.09807   11.22889  1.000 12.11805 ? 31  THR A CB  1 
ATOM   77   O  OG1 . THR A 1 31  ? -0.25833  0.19277   10.73397  1.000 13.31431 ? 31  THR A OG1 1 
ATOM   78   C  CG2 . THR A 1 31  ? -2.16203  0.38878   12.22337  1.000 15.28673 ? 31  THR A CG2 1 
ATOM   79   N  N   . ALA A 1 32  ? -0.52530  3.42672   9.29606   1.000 11.91465 ? 32  ALA A N   1 
ATOM   80   C  CA  . ALA A 1 32  ? 0.54937   4.01867   8.51088   1.000 11.91197 ? 32  ALA A CA  1 
ATOM   81   C  C   . ALA A 1 32  ? 1.56460   4.62170   9.46376   1.000 12.28756 ? 32  ALA A C   1 
ATOM   82   O  O   . ALA A 1 32  ? 1.18808   5.32253   10.40933  1.000 13.16542 ? 32  ALA A O   1 
ATOM   83   C  CB  . ALA A 1 32  ? 0.01741   5.12108   7.59192   1.000 12.68862 ? 32  ALA A CB  1 
ATOM   84   N  N   . SER A 1 33  ? 2.84976   4.37172   9.20817   1.000 11.04449 ? 33  SER A N   1 
ATOM   85   C  CA  . SER A 1 33  ? 3.89404   4.96226   10.04406  1.000 12.06203 ? 33  SER A CA  1 
ATOM   86   C  C   . SER A 1 33  ? 4.03892   6.46324   9.81902   1.000 12.57127 ? 33  SER A C   1 
ATOM   87   O  O   . SER A 1 33  ? 4.64736   7.15808   10.64901  1.000 14.08429 ? 33  SER A O   1 
ATOM   88   C  CB  . SER A 1 33  ? 5.23353   4.28351   9.77357   1.000 11.72200 ? 33  SER A CB  1 
ATOM   89   O  OG  . SER A 1 33  ? 5.66523   4.52522   8.44638   1.000 12.82164 ? 33  SER A OG  1 
ATOM   90   N  N   . SER A 1 34  ? 3.51600   6.98368   8.70760   1.000 11.45782 ? 34  SER A N   1 
ATOM   91   C  CA  . SER A 1 34  ? 3.53325   8.41165   8.42923   1.000 11.52027 ? 34  SER A CA  1 
ATOM   92   C  C   . SER A 1 34  ? 2.23420   8.75368   7.72366   1.000 10.92921 ? 34  SER A C   1 
ATOM   93   O  O   . SER A 1 34  ? 1.86140   8.08788   6.75475   1.000 11.97250 ? 34  SER A O   1 
ATOM   94   C  CB  . SER A 1 34  ? 4.70557   8.74800   7.50024   1.000 11.60927 ? 34  SER A CB  1 
ATOM   95   O  OG  . SER A 1 34  ? 4.68839   10.11631  7.12529   1.000 12.27299 ? 34  SER A OG  1 
ATOM   96   N  N   . PHE A 1 35  ? 1.56231   9.80703   8.17955   1.000 11.90718 ? 35  PHE A N   1 
ATOM   97   C  CA  . PHE A 1 35  ? 0.38092   10.30467  7.47655   1.000 12.28899 ? 35  PHE A CA  1 
ATOM   98   C  C   . PHE A 1 35  ? 0.22347   11.79472  7.72947   1.000 12.29350 ? 35  PHE A C   1 
ATOM   99   O  O   . PHE A 1 35  ? 0.66912   12.31901  8.75300   1.000 14.41610 ? 35  PHE A O   1 
ATOM   100  C  CB  . PHE A 1 35  ? -0.90805  9.54714   7.84566   1.000 13.53937 ? 35  PHE A CB  1 
ATOM   101  C  CG  . PHE A 1 35  ? -1.39517  9.81659   9.24060   1.000 13.81603 ? 35  PHE A CG  1 
ATOM   102  C  CD1 . PHE A 1 35  ? -0.86305  9.12180   10.31799  1.000 15.13390 ? 35  PHE A CD1 1 
ATOM   103  C  CD2 . PHE A 1 35  ? -2.38886  10.75754  9.47452   1.000 15.51965 ? 35  PHE A CD2 1 
ATOM   104  C  CE1 . PHE A 1 35  ? -1.31199  9.35189   11.60515  1.000 19.68042 ? 35  PHE A CE1 1 
ATOM   105  C  CE2 . PHE A 1 35  ? -2.83658  11.00889  10.77295  1.000 18.73799 ? 35  PHE A CE2 1 
ATOM   106  C  CZ  . PHE A 1 35  ? -2.29477  10.30068  11.83484  1.000 18.82594 ? 35  PHE A CZ  1 
ATOM   107  N  N   . GLN A 1 36  ? -0.40277  12.47112  6.77364   1.000 11.75708 ? 36  GLN A N   1 
ATOM   108  C  CA  . GLN A 1 36  ? -0.85176  13.84012  6.95413   1.000 12.83587 ? 36  GLN A CA  1 
ATOM   109  C  C   . GLN A 1 36  ? -2.28054  13.79557  7.47080   1.000 13.12700 ? 36  GLN A C   1 
ATOM   110  O  O   . GLN A 1 36  ? -3.10793  13.04715  6.94768   1.000 13.61979 ? 36  GLN A O   1 
ATOM   111  C  CB  . GLN A 1 36  ? -0.79500  14.58699  5.62002   1.000 12.21431 ? 36  GLN A CB  1 
ATOM   112  C  CG  . GLN A 1 36  ? -1.09276  16.06533  5.72560   1.000 12.52560 ? 36  GLN A CG  1 
ATOM   113  C  CD  . GLN A 1 36  ? -0.02285  16.82969  6.47728   1.000 15.19656 ? 36  GLN A CD  1 
ATOM   114  O  OE1 . GLN A 1 36  ? 1.07052   16.33260  6.73645   1.000 15.41713 ? 36  GLN A OE1 1 
ATOM   115  N  NE2 . GLN A 1 36  ? -0.34331  18.05895  6.84273   1.000 16.23042 ? 36  GLN A NE2 1 
ATOM   116  N  N   . SER A 1 37  ? -2.56546  14.59373  8.49983   1.000 14.89739 ? 37  SER A N   1 
ATOM   117  C  CA  . SER A 1 37  ? -3.90770  14.63083  9.06210   1.000 15.37762 ? 37  SER A CA  1 
ATOM   118  C  C   . SER A 1 37  ? -4.93088  14.84474  7.95346   1.000 15.26212 ? 37  SER A C   1 
ATOM   119  O  O   . SER A 1 37  ? -4.73689  15.68939  7.07647   1.000 16.46131 ? 37  SER A O   1 
ATOM   120  C  CB  . SER A 1 37  ? -3.99337  15.77395  10.07450  1.000 18.89262 ? 37  SER A CB  1 
ATOM   121  O  OG  . SER A 1 37  ? -5.30574  15.89740  10.59158  1.000 26.08183 ? 37  SER A OG  1 
ATOM   122  N  N   . GLY A 1 38  ? -6.00996  14.05882  7.98522   1.000 16.04775 ? 38  GLY A N   1 
ATOM   123  C  CA  . GLY A 1 38  ? -7.02492  14.07399  6.95541   1.000 17.84558 ? 38  GLY A CA  1 
ATOM   124  C  C   . GLY A 1 38  ? -6.78255  13.10907  5.81648   1.000 15.24934 ? 38  GLY A C   1 
ATOM   125  O  O   . GLY A 1 38  ? -7.69478  12.88066  5.01272   1.000 16.18779 ? 38  GLY A O   1 
ATOM   126  N  N   . SER A 1 39  ? -5.58618  12.52670  5.72841   1.000 14.26119 ? 39  SER A N   1 
ATOM   127  C  CA  . SER A 1 39  ? -5.22498  11.56004  4.69829   1.000 14.30638 ? 39  SER A CA  1 
ATOM   128  C  C   . SER A 1 39  ? -4.57389  10.33777  5.32123   1.000 12.41281 ? 39  SER A C   1 
ATOM   129  O  O   . SER A 1 39  ? -3.57354  9.81267   4.82465   1.000 12.09969 ? 39  SER A O   1 
ATOM   130  C  CB  . SER A 1 39  ? -4.30545  12.19418  3.66219   1.000 13.41393 ? 39  SER A CB  1 
ATOM   131  O  OG  . SER A 1 39  ? -4.96403  13.28862  3.03283   1.000 16.83588 ? 39  SER A OG  1 
ATOM   132  N  N   . ASN A 1 40  ? -5.12293  9.88020   6.43846   1.000 13.34486 ? 40  ASN A N   1 
ATOM   133  C  CA  . ASN A 1 40  ? -4.67235  8.63619   7.04160   1.000 12.97312 ? 40  ASN A CA  1 
ATOM   134  C  C   . ASN A 1 40  ? -5.04992  7.43684   6.16916   1.000 12.50380 ? 40  ASN A C   1 
ATOM   135  O  O   . ASN A 1 40  ? -5.74222  7.54638   5.14997   1.000 12.52989 ? 40  ASN A O   1 
ATOM   136  C  CB  . ASN A 1 40  ? -5.20860  8.52082   8.46809   1.000 14.50969 ? 40  ASN A CB  1 
ATOM   137  C  CG  . ASN A 1 40  ? -4.30548  7.69275   9.39236   1.000 17.35202 ? 40  ASN A CG  1 
ATOM   138  O  OD1 . ASN A 1 40  ? -3.35502  7.01969   8.96325   1.000 14.94973 ? 40  ASN A OD1 1 
ATOM   139  N  ND2 . ASN A 1 40  ? -4.58770  7.77560   10.69099  1.000 22.87467 ? 40  ASN A ND2 1 
ATOM   140  N  N   . ILE A 1 41  ? -4.58054  6.26996   6.60450   1.000 12.58117 ? 41  ILE A N   1 
ATOM   141  C  CA  . ILE A 1 41  ? -4.56903  5.06989   5.77606   1.000 14.25052 ? 41  ILE A CA  1 
ATOM   142  C  C   . ILE A 1 41  ? -5.96566  4.65690   5.32881   1.000 12.44850 ? 41  ILE A C   1 
ATOM   143  O  O   . ILE A 1 41  ? -6.13204  4.10838   4.23280   1.000 12.73469 ? 41  ILE A O   1 
ATOM   144  C  CB  . ILE A 1 41  ? -3.82983  3.94587   6.53374   1.000 13.79364 ? 41  ILE A CB  1 
ATOM   145  C  CG1 . ILE A 1 41  ? -3.62561  2.72218   5.64414   1.000 16.40210 ? 41  ILE A CG1 1 
ATOM   146  C  CG2 . ILE A 1 41  ? -4.57805  3.57481   7.80175   1.000 16.30198 ? 41  ILE A CG2 1 
ATOM   147  C  CD1 . ILE A 1 41  ? -2.45084  2.84502   4.72348   1.000 21.41500 ? 41  ILE A CD1 1 
ATOM   148  N  N   . GLU A 1 42  ? -6.98753  4.91369   6.15343   1.000 13.67406 ? 42  GLU A N   1 
ATOM   149  C  CA  . GLU A 1 42  ? -8.34026  4.50206   5.79749   1.000 12.28958 ? 42  GLU A CA  1 
ATOM   150  C  C   . GLU A 1 42  ? -8.84522  5.18999   4.54071   1.000 12.81473 ? 42  GLU A C   1 
ATOM   151  O  O   . GLU A 1 42  ? -9.77856  4.69142   3.90886   1.000 13.26455 ? 42  GLU A O   1 
ATOM   152  C  CB  . GLU A 1 42  ? -9.30629  4.68928   6.96983   1.000 18.94598 ? 42  GLU A CB  1 
ATOM   153  C  CG  . GLU A 1 42  ? -9.67872  6.11265   7.27074   1.000 20.73354 ? 42  GLU A CG  1 
ATOM   154  C  CD  . GLU A 1 42  ? -8.61437  6.85054   8.05647   1.000 20.67991 ? 42  GLU A CD  1 
ATOM   155  O  OE1 . GLU A 1 42  ? -7.62511  6.21619   8.49634   1.000 20.91257 ? 42  GLU A OE1 1 
ATOM   156  O  OE2 . GLU A 1 42  ? -8.77993  8.07959   8.25332   1.000 25.95017 ? 42  GLU A OE2 1 
ATOM   157  N  N   . LYS A 1 43  ? -8.25332  6.32028   4.15941   1.000 12.84197 ? 43  LYS A N   1 
ATOM   158  C  CA  . LYS A 1 43  ? -8.62665  6.93699   2.89319   1.000 13.95265 ? 43  LYS A CA  1 
ATOM   159  C  C   . LYS A 1 43  ? -8.20126  6.10670   1.69333   1.000 12.07582 ? 43  LYS A C   1 
ATOM   160  O  O   . LYS A 1 43  ? -8.65702  6.38564   0.58335   1.000 12.83747 ? 43  LYS A O   1 
ATOM   161  C  CB  . LYS A 1 43  ? -8.03835  8.34041   2.78250   1.000 12.88835 ? 43  LYS A CB  1 
ATOM   162  C  CG  . LYS A 1 43  ? -8.54534  9.30970   3.84259   1.000 14.18256 ? 43  LYS A CG  1 
ATOM   163  C  CD  . LYS A 1 43  ? -10.07081 9.39566   3.85619   1.000 17.87404 ? 43  LYS A CD  1 
ATOM   164  C  CE  . LYS A 1 43  ? -10.56808 10.28841  4.97929   1.000 27.92018 ? 43  LYS A CE  1 
ATOM   165  N  NZ  . LYS A 1 43  ? -10.08694 11.68184  4.79717   1.000 30.59893 ? 43  LYS A NZ  1 
ATOM   166  N  N   . SER A 1 44  ? -7.34891  5.09643   1.87798   1.000 11.68234 ? 44  SER A N   1 
ATOM   167  C  CA  . SER A 1 44  ? -7.00726  4.17963   0.79694   1.000 13.85915 ? 44  SER A CA  1 
ATOM   168  C  C   . SER A 1 44  ? -7.84502  2.90602   0.80949   1.000 12.05812 ? 44  SER A C   1 
ATOM   169  O  O   . SER A 1 44  ? -7.55955  1.98188   0.04286   1.000 12.15192 ? 44  SER A O   1 
ATOM   170  C  CB  . SER A 1 44  ? -5.50217  3.86742   0.76478   1.000 12.40142 ? 44  SER A CB  1 
ATOM   171  O  OG  . SER A 1 44  ? -5.05636  3.16479   1.92199   1.000 13.27957 ? 44  SER A OG  1 
ATOM   172  N  N   . PHE A 1 45  ? -8.87842  2.83839   1.64738   1.000 13.34187 ? 45  PHE A N   1 
ATOM   173  C  CA  . PHE A 1 45  ? -9.82397  1.72608   1.55384   1.000 13.24324 ? 45  PHE A CA  1 
ATOM   174  C  C   . PHE A 1 45  ? -11.25424 2.20539   1.74711   1.000 14.24772 ? 45  PHE A C   1 
ATOM   175  O  O   . PHE A 1 45  ? -12.07603 1.54129   2.38667   1.000 14.26731 ? 45  PHE A O   1 
ATOM   176  C  CB  . PHE A 1 45  ? -9.45936  0.49059   2.39960   1.000 13.26914 ? 45  PHE A CB  1 
ATOM   177  C  CG  . PHE A 1 45  ? -9.11476  0.75563   3.84665   1.000 12.20894 ? 45  PHE A CG  1 
ATOM   178  C  CD1 . PHE A 1 45  ? -10.09705 0.74121   4.83537   1.000 13.85731 ? 45  PHE A CD1 1 
ATOM   179  C  CD2 . PHE A 1 45  ? -7.78962  0.91710   4.23871   1.000 14.40986 ? 45  PHE A CD2 1 
ATOM   180  C  CE1 . PHE A 1 45  ? -9.76177  0.93937   6.17298   1.000 15.14670 ? 45  PHE A CE1 1 
ATOM   181  C  CE2 . PHE A 1 45  ? -7.45882  1.10626   5.56623   1.000 14.85267 ? 45  PHE A CE2 1 
ATOM   182  C  CZ  . PHE A 1 45  ? -8.43917  1.11451   6.53307   1.000 15.20785 ? 45  PHE A CZ  1 
ATOM   183  N  N   . ASP A 1 46  ? -11.56553 3.37168   1.19439   1.000 13.72735 ? 46  ASP A N   1 
ATOM   184  C  CA  . ASP A 1 46  ? -12.91272 3.92473   1.23403   1.000 13.17522 ? 46  ASP A CA  1 
ATOM   185  C  C   . ASP A 1 46  ? -13.65753 3.75945   -0.08218  1.000 16.61413 ? 46  ASP A C   1 
ATOM   186  O  O   . ASP A 1 46  ? -14.75396 4.30962   -0.23662  1.000 19.07344 ? 46  ASP A O   1 
ATOM   187  C  CB  . ASP A 1 46  ? -12.90405 5.38734   1.70582   1.000 15.87427 ? 46  ASP A CB  1 
ATOM   188  C  CG  . ASP A 1 46  ? -12.19514 6.32988   0.74258   1.000 14.19213 ? 46  ASP A CG  1 
ATOM   189  O  OD1 . ASP A 1 46  ? -11.69235 5.88588   -0.31020  1.000 14.59565 ? 46  ASP A OD1 1 
ATOM   190  O  OD2 . ASP A 1 46  ? -12.14829 7.54947   1.04761   1.000 16.06016 ? 46  ASP A OD2 1 
ATOM   191  N  N   . GLY A 1 47  ? -13.09067 3.02659   -1.03531  1.000 15.28255 ? 47  GLY A N   1 
ATOM   192  C  CA  . GLY A 1 47  ? -13.75564 2.78491   -2.29984  1.000 16.38798 ? 47  GLY A CA  1 
ATOM   193  C  C   . GLY A 1 47  ? -13.75328 3.94577   -3.26559  1.000 17.66705 ? 47  GLY A C   1 
ATOM   194  O  O   . GLY A 1 47  ? -14.38262 3.85277   -4.32521  1.000 19.32172 ? 47  GLY A O   1 
ATOM   195  N  N   . ASP A 1 48  ? -13.05222 5.02668   -2.94827  1.000 15.43022 ? 48  ASP A N   1 
ATOM   196  C  CA  . ASP A 1 48  ? -13.07617 6.25904   -3.72269  1.000 15.53809 ? 48  ASP A CA  1 
ATOM   197  C  C   . ASP A 1 48  ? -11.67529 6.48836   -4.27224  1.000 13.82894 ? 48  ASP A C   1 
ATOM   198  O  O   . ASP A 1 48  ? -10.72091 6.63555   -3.50396  1.000 14.93761 ? 48  ASP A O   1 
ATOM   199  C  CB  . ASP A 1 48  ? -13.50372 7.40452   -2.79739  1.000 16.75504 ? 48  ASP A CB  1 
ATOM   200  C  CG  . ASP A 1 48  ? -13.71146 8.72314   -3.52328  1.000 18.67411 ? 48  ASP A CG  1 
ATOM   201  O  OD1 . ASP A 1 48  ? -12.92785 9.06087   -4.42711  1.000 19.50670 ? 48  ASP A OD1 1 
ATOM   202  O  OD2 . ASP A 1 48  ? -14.66536 9.45462   -3.16682  1.000 22.30230 ? 48  ASP A OD2 1 
ATOM   203  N  N   . TYR A 1 49  ? -11.54563 6.50849   -5.59750  1.000 14.36776 ? 49  TYR A N   1 
ATOM   204  C  CA  . TYR A 1 49  ? -10.23472 6.62870   -6.21859  1.000 14.62758 ? 49  TYR A CA  1 
ATOM   205  C  C   . TYR A 1 49  ? -9.71599  8.05220   -6.21944  1.000 14.96778 ? 49  TYR A C   1 
ATOM   206  O  O   . TYR A 1 49  ? -8.55985  8.27158   -6.58783  1.000 16.79730 ? 49  TYR A O   1 
ATOM   207  C  CB  . TYR A 1 49  ? -10.25604 6.07453   -7.64415  1.000 15.70242 ? 49  TYR A CB  1 
ATOM   208  C  CG  . TYR A 1 49  ? -10.55754 4.60334   -7.66847  1.000 16.88344 ? 49  TYR A CG  1 
ATOM   209  C  CD1 . TYR A 1 49  ? -9.56401  3.66794   -7.39395  1.000 16.82164 ? 49  TYR A CD1 1 
ATOM   210  C  CD2 . TYR A 1 49  ? -11.84021 4.14146   -7.93049  1.000 15.61485 ? 49  TYR A CD2 1 
ATOM   211  C  CE1 . TYR A 1 49  ? -9.83309  2.31249   -7.40317  1.000 17.22319 ? 49  TYR A CE1 1 
ATOM   212  C  CE2 . TYR A 1 49  ? -12.11882 2.78789   -7.94664  1.000 16.21189 ? 49  TYR A CE2 1 
ATOM   213  C  CZ  . TYR A 1 49  ? -11.11179 1.87849   -7.67150  1.000 17.29504 ? 49  TYR A CZ  1 
ATOM   214  O  OH  . TYR A 1 49  ? -11.38024 0.53123   -7.68194  1.000 20.26037 ? 49  TYR A OH  1 
ATOM   215  N  N   . SER A 1 50  ? -10.53601 9.01642   -5.81113  1.000 14.82018 ? 50  SER A N   1 
ATOM   216  C  CA  . SER A 1 50  ? -10.08498 10.39733  -5.69670  1.000 16.53411 ? 50  SER A CA  1 
ATOM   217  C  C   . SER A 1 50  ? -9.51063  10.72812  -4.32098  1.000 16.06032 ? 50  SER A C   1 
ATOM   218  O  O   . SER A 1 50  ? -8.67685  11.63925  -4.22353  1.000 20.88442 ? 50  SER A O   1 
ATOM   219  C  CB  . SER A 1 50  ? -11.20001 11.39389  -6.06338  1.000 18.33761 ? 50  SER A CB  1 
ATOM   220  O  OG  . SER A 1 50  ? -12.20513 11.43873  -5.07135  1.000 22.53989 ? 50  SER A OG  1 
ATOM   221  N  N   . THR A 1 51  ? -9.90503  10.00613  -3.26647  1.000 13.27457 ? 51  THR A N   1 
ATOM   222  C  CA  . THR A 1 51  ? -9.44257  10.29896  -1.91501  1.000 13.20208 ? 51  THR A CA  1 
ATOM   223  C  C   . THR A 1 51  ? -8.17247  9.50569   -1.64004  1.000 11.34879 ? 51  THR A C   1 
ATOM   224  O  O   . THR A 1 51  ? -8.08706  8.30881   -1.94983  1.000 12.29443 ? 51  THR A O   1 
ATOM   225  C  CB  . THR A 1 51  ? -10.49968 9.92493   -0.87720  1.000 13.67680 ? 51  THR A CB  1 
ATOM   226  O  OG1 . THR A 1 51  ? -10.77083 8.51735   -0.95269  1.000 14.06211 ? 51  THR A OG1 1 
ATOM   227  C  CG2 . THR A 1 51  ? -11.78791 10.72276  -1.08856  1.000 15.85852 ? 51  THR A CG2 1 
ATOM   228  N  N   . LEU A 1 52  ? -7.18507  10.16780  -1.04921  1.000 12.41927 ? 52  LEU A N   1 
ATOM   229  C  CA  . LEU A 1 52  ? -5.85590  9.59267   -0.88405  1.000 12.42392 ? 52  LEU A CA  1 
ATOM   230  C  C   . LEU A 1 52  ? -5.47818  9.37704   0.57596   1.000 11.12227 ? 52  LEU A C   1 
ATOM   231  O  O   . LEU A 1 52  ? -5.71195  10.24622  1.43392   1.000 12.51967 ? 52  LEU A O   1 
ATOM   232  C  CB  . LEU A 1 52  ? -4.79742  10.53043  -1.46080  1.000 12.95714 ? 52  LEU A CB  1 
ATOM   233  C  CG  . LEU A 1 52  ? -4.98337  11.05524  -2.87969  1.000 12.66877 ? 52  LEU A CG  1 
ATOM   234  C  CD1 . LEU A 1 52  ? -3.79460  11.92131  -3.28052  1.000 15.14502 ? 52  LEU A CD1 1 
ATOM   235  C  CD2 . LEU A 1 52  ? -5.18026  9.90488   -3.84496  1.000 13.85077 ? 52  LEU A CD2 1 
ATOM   236  N  N   . TYR A 1 53  ? -4.85454  8.22601   0.84172   1.000 11.07251 ? 53  TYR A N   1 
ATOM   237  C  CA  . TYR A 1 53  ? -3.88318  8.14959   1.92559   1.000 11.54250 ? 53  TYR A CA  1 
ATOM   238  C  C   . TYR A 1 53  ? -2.64578  8.92145   1.46835   1.000 11.54873 ? 53  TYR A C   1 
ATOM   239  O  O   . TYR A 1 53  ? -2.23529  8.82057   0.30709   1.000 11.23020 ? 53  TYR A O   1 
ATOM   240  C  CB  . TYR A 1 53  ? -3.48460  6.68435   2.23956   1.000 11.26395 ? 53  TYR A CB  1 
ATOM   241  C  CG  . TYR A 1 53  ? -2.09193  6.66438   2.83843   1.000 9.80956  ? 53  TYR A CG  1 
ATOM   242  C  CD1 . TYR A 1 53  ? -1.87076  7.08579   4.14820   1.000 10.80504 ? 53  TYR A CD1 1 
ATOM   243  C  CD2 . TYR A 1 53  ? -0.98267  6.36598   2.05021   1.000 10.93558 ? 53  TYR A CD2 1 
ATOM   244  C  CE1 . TYR A 1 53  ? -0.58334  7.18634   4.66103   1.000 10.48081 ? 53  TYR A CE1 1 
ATOM   245  C  CE2 . TYR A 1 53  ? 0.29260   6.45309   2.56000   1.000 11.04997 ? 53  TYR A CE2 1 
ATOM   246  C  CZ  . TYR A 1 53  ? 0.48697   6.84977   3.85705   1.000 10.93709 ? 53  TYR A CZ  1 
ATOM   247  O  OH  . TYR A 1 53  ? 1.77539   6.95658   4.33340   1.000 11.99025 ? 53  TYR A OH  1 
ATOM   248  N  N   . HIS A 1 54  ? -2.05158  9.70770   2.36395   1.000 11.27253 ? 54  HIS A N   1 
ATOM   249  C  CA  . HIS A 1 54  ? -0.84307  10.44970  2.01517   1.000 10.52247 ? 54  HIS A CA  1 
ATOM   250  C  C   . HIS A 1 54  ? 0.03915   10.54918  3.24874   1.000 10.31573 ? 54  HIS A C   1 
ATOM   251  O  O   . HIS A 1 54  ? -0.44457  10.86660  4.33989   1.000 11.31222 ? 54  HIS A O   1 
ATOM   252  C  CB  . HIS A 1 54  ? -1.20187  11.85711  1.50006   1.000 11.54952 ? 54  HIS A CB  1 
ATOM   253  C  CG  . HIS A 1 54  ? -0.11602  12.56361  0.72614   1.000 11.23377 ? 54  HIS A CG  1 
ATOM   254  N  ND1 . HIS A 1 54  ? 1.08517   12.94518  1.28550   1.000 10.76678 ? 54  HIS A ND1 1 
ATOM   255  C  CD2 . HIS A 1 54  ? -0.09265  13.02506  -0.55062  1.000 12.52872 ? 54  HIS A CD2 1 
ATOM   256  C  CE1 . HIS A 1 54  ? 1.80791   13.59286  0.38535   1.000 11.07767 ? 54  HIS A CE1 1 
ATOM   257  N  NE2 . HIS A 1 54  ? 1.11604   13.65327  -0.73890  1.000 12.34060 ? 54  HIS A NE2 1 
ATOM   258  N  N   . SER A 1 55  ? 1.33675   10.30253  3.06867   1.000 10.16235 ? 55  SER A N   1 
ATOM   259  C  CA  . SER A 1 55  ? 2.27939   10.43605  4.16289   1.000 10.39054 ? 55  SER A CA  1 
ATOM   260  C  C   . SER A 1 55  ? 2.40876   11.89954  4.59578   1.000 11.46236 ? 55  SER A C   1 
ATOM   261  O  O   . SER A 1 55  ? 1.94750   12.81969  3.92580   1.000 11.41453 ? 55  SER A O   1 
ATOM   262  C  CB  . SER A 1 55  ? 3.63323   9.86437   3.74872   1.000 11.50638 ? 55  SER A CB  1 
ATOM   263  O  OG  . SER A 1 55  ? 4.16532   10.54211  2.60898   1.000 11.34386 ? 55  SER A OG  1 
ATOM   264  N  N   . SER A 1 56  ? 3.05902   12.11267  5.73649   1.000 10.93773 ? 56  SER A N   1 
ATOM   265  C  CA  . SER A 1 56  ? 3.18324   13.46128  6.26708   1.000 11.81697 ? 56  SER A CA  1 
ATOM   266  C  C   . SER A 1 56  ? 3.81977   14.39951  5.25129   1.000 11.76420 ? 56  SER A C   1 
ATOM   267  O  O   . SER A 1 56  ? 4.79838   14.06440  4.57907   1.000 11.22587 ? 56  SER A O   1 
ATOM   268  C  CB  . SER A 1 56  ? 4.03123   13.44705  7.53138   1.000 12.95369 ? 56  SER A CB  1 
ATOM   269  O  OG  . SER A 1 56  ? 4.26992   14.78847  7.94486   1.000 13.89094 ? 56  SER A OG  1 
ATOM   270  N  N   . TRP A 1 57  ? 3.27642   15.60758  5.16478   1.000 11.75854 ? 57  TRP A N   1 
ATOM   271  C  CA  . TRP A 1 57  ? 3.85316   16.57776  4.24865   1.000 11.40611 ? 57  TRP A CA  1 
ATOM   272  C  C   . TRP A 1 57  ? 5.22072   17.07742  4.70736   1.000 11.85862 ? 57  TRP A C   1 
ATOM   273  O  O   . TRP A 1 57  ? 5.93106   17.70431  3.91593   1.000 14.01291 ? 57  TRP A O   1 
ATOM   274  C  CB  . TRP A 1 57  ? 2.89329   17.74038  4.04386   1.000 13.03367 ? 57  TRP A CB  1 
ATOM   275  C  CG  . TRP A 1 57  ? 1.64368   17.37848  3.32954   1.000 12.34784 ? 57  TRP A CG  1 
ATOM   276  C  CD1 . TRP A 1 57  ? 1.14252   16.12923  3.09112   1.000 13.02723 ? 57  TRP A CD1 1 
ATOM   277  C  CD2 . TRP A 1 57  ? 0.71487   18.29928  2.76472   1.000 12.25806 ? 57  TRP A CD2 1 
ATOM   278  N  NE1 . TRP A 1 57  ? -0.04404  16.22268  2.40256   1.000 12.32271 ? 57  TRP A NE1 1 
ATOM   279  C  CE2 . TRP A 1 57  ? -0.33428  17.55105  2.20523   1.000 12.51357 ? 57  TRP A CE2 1 
ATOM   280  C  CE3 . TRP A 1 57  ? 0.66584   19.69997  2.68823   1.000 12.98956 ? 57  TRP A CE3 1 
ATOM   281  C  CZ2 . TRP A 1 57  ? -1.42113  18.15986  1.56042   1.000 13.35666 ? 57  TRP A CZ2 1 
ATOM   282  C  CZ3 . TRP A 1 57  ? -0.40825  20.29866  2.04985   1.000 14.04795 ? 57  TRP A CZ3 1 
ATOM   283  C  CH2 . TRP A 1 57  ? -1.43476  19.53358  1.49552   1.000 14.19662 ? 57  TRP A CH2 1 
ATOM   284  N  N   . SER A 1 58  ? 5.60657   16.81423  5.95852   1.000 14.02769 ? 58  SER A N   1 
ATOM   285  C  CA  . SER A 1 58  ? 6.93031   17.18475  6.47913   1.000 13.97995 ? 58  SER A CA  1 
ATOM   286  C  C   . SER A 1 58  ? 7.92565   16.09441  6.11136   1.000 14.18998 ? 58  SER A C   1 
ATOM   287  O  O   . SER A 1 58  ? 8.23029   15.19187  6.89311   1.000 17.72946 ? 58  SER A O   1 
ATOM   288  C  CB  . SER A 1 58  ? 6.88328   17.37987  7.99053   1.000 18.55053 ? 58  SER A CB  1 
ATOM   289  O  OG  . SER A 1 58  ? 5.95545   18.38742  8.33272   1.000 24.66647 ? 58  SER A OG  1 
ATOM   290  N  N   . ASN A 1 59  ? 8.45438   16.18111  4.89658   1.000 13.44251 ? 59  ASN A N   1 
ATOM   291  C  CA  . ASN A 1 59  ? 9.27335   15.10357  4.35622   1.000 13.51112 ? 59  ASN A CA  1 
ATOM   292  C  C   . ASN A 1 59  ? 10.76555  15.42839  4.33039   1.000 16.18965 ? 59  ASN A C   1 
ATOM   293  O  O   . ASN A 1 59  ? 11.48961  14.94191  3.45828   1.000 15.27716 ? 59  ASN A O   1 
ATOM   294  C  CB  . ASN A 1 59  ? 8.76049   14.62948  2.99488   1.000 13.33678 ? 59  ASN A CB  1 
ATOM   295  C  CG  . ASN A 1 59  ? 9.04909   15.61768  1.87753   1.000 13.65682 ? 59  ASN A CG  1 
ATOM   296  O  OD1 . ASN A 1 59  ? 9.10652   16.82781  2.09260   1.000 14.64245 ? 59  ASN A OD1 1 
ATOM   297  N  ND2 . ASN A 1 59  ? 9.23064   15.10303  0.67081   1.000 12.99334 ? 59  ASN A ND2 1 
ATOM   298  N  N   . GLY A 1 60  ? 11.25282  16.21180  5.30261   1.000 17.58220 ? 60  GLY A N   1 
ATOM   299  C  CA  . GLY A 1 60  ? 12.66031  16.57365  5.34235   1.000 16.66353 ? 60  GLY A CA  1 
ATOM   300  C  C   . GLY A 1 60  ? 13.58134  15.71450  6.17904   1.000 19.11820 ? 60  GLY A C   1 
ATOM   301  O  O   . GLY A 1 60  ? 14.80170  15.84052  6.03200   1.000 18.29795 ? 60  GLY A O   1 
ATOM   302  N  N   . ALA A 1 61  ? 13.05239  14.85464  7.05252   1.000 15.92241 ? 61  ALA A N   1 
ATOM   303  C  CA  . ALA A 1 61  ? 13.88760  14.04887  7.93196   1.000 18.70525 ? 61  ALA A CA  1 
ATOM   304  C  C   . ALA A 1 61  ? 14.68988  13.00526  7.16122   1.000 18.47682 ? 61  ALA A C   1 
ATOM   305  O  O   . ALA A 1 61  ? 14.20952  12.42149  6.18920   1.000 17.38901 ? 61  ALA A O   1 
ATOM   306  C  CB  . ALA A 1 61  ? 12.99701  13.31244  8.92285   1.000 22.97131 ? 61  ALA A CB  1 
ATOM   307  N  N   . SER A 1 62  ? 15.90774  12.71445  7.64632   1.000 18.14915 ? 62  SER A N   1 
ATOM   308  C  CA  . SER A 1 62  ? 16.73229  11.68761  7.00641   1.000 20.11964 ? 62  SER A CA  1 
ATOM   309  C  C   . SER A 1 62  ? 16.11189  10.30169  7.12331   1.000 18.65881 ? 62  SER A C   1 
ATOM   310  O  O   . SER A 1 62  ? 16.35155  9.43567   6.27393   1.000 20.58925 ? 62  SER A O   1 
ATOM   311  C  CB  . SER A 1 62  ? 18.13250  11.67951  7.61598   1.000 22.63915 ? 62  SER A CB  1 
ATOM   312  O  OG  . SER A 1 62  ? 18.73729  12.94854  7.46578   1.000 20.97436 ? 62  SER A OG  1 
ATOM   313  N  N   . ASN A 1 63  ? 15.31086  10.08033  8.15489   1.000 17.86808 ? 63  ASN A N   1 
ATOM   314  C  CA  . ASN A 1 63  ? 14.67327  8.79867   8.40707   1.000 14.53779 ? 63  ASN A CA  1 
ATOM   315  C  C   . ASN A 1 63  ? 13.18883  8.82714   8.07711   1.000 15.41403 ? 63  ASN A C   1 
ATOM   316  O  O   . ASN A 1 63  ? 12.39978  8.07063   8.64935   1.000 16.16813 ? 63  ASN A O   1 
ATOM   317  C  CB  . ASN A 1 63  ? 14.92736  8.37060   9.84526   1.000 15.80380 ? 63  ASN A CB  1 
ATOM   318  C  CG  . ASN A 1 63  ? 16.39566  8.37615   10.17779  1.000 28.26915 ? 63  ASN A CG  1 
ATOM   319  O  OD1 . ASN A 1 63  ? 16.87493  9.22558   10.93052  1.000 30.99672 ? 63  ASN A OD1 1 
ATOM   320  N  ND2 . ASN A 1 63  ? 17.13169  7.45082   9.57941   1.000 25.72068 ? 63  ASN A ND2 1 
ATOM   321  N  N   . TYR A 1 64  ? 12.80847  9.68545   7.13405   1.000 15.29194 ? 64  TYR A N   1 
ATOM   322  C  CA  . TYR A 1 64  ? 11.41253  9.79553   6.73082   1.000 14.00215 ? 64  TYR A CA  1 
ATOM   323  C  C   . TYR A 1 64  ? 10.93832  8.52679   6.03560   1.000 13.38547 ? 64  TYR A C   1 
ATOM   324  O  O   . TYR A 1 64  ? 9.84942   8.01693   6.33007   1.000 14.79111 ? 64  TYR A O   1 
ATOM   325  C  CB  . TYR A 1 64  ? 11.26996  11.00292  5.81248   1.000 13.39307 ? 64  TYR A CB  1 
ATOM   326  C  CG  . TYR A 1 64  ? 9.88348   11.24112  5.27104   1.000 11.48010 ? 64  TYR A CG  1 
ATOM   327  C  CD1 . TYR A 1 64  ? 8.91596   11.86040  6.04094   1.000 14.04993 ? 64  TYR A CD1 1 
ATOM   328  C  CD2 . TYR A 1 64  ? 9.55432   10.86514  3.97736   1.000 12.40309 ? 64  TYR A CD2 1 
ATOM   329  C  CE1 . TYR A 1 64  ? 7.65285   12.09852  5.53688   1.000 12.90882 ? 64  TYR A CE1 1 
ATOM   330  C  CE2 . TYR A 1 64  ? 8.29140   11.10595  3.45503   1.000 12.63083 ? 64  TYR A CE2 1 
ATOM   331  C  CZ  . TYR A 1 64  ? 7.34932   11.71637  4.23950   1.000 11.55118 ? 64  TYR A CZ  1 
ATOM   332  O  OH  . TYR A 1 64  ? 6.10025   11.96855  3.73285   1.000 11.99922 ? 64  TYR A OH  1 
ATOM   333  N  N   . PHE A 1 65  ? 11.72478  8.02204   5.08722   1.000 12.67109 ? 65  PHE A N   1 
ATOM   334  C  CA  . PHE A 1 65  ? 11.54362  6.68713   4.53219   1.000 13.08817 ? 65  PHE A CA  1 
ATOM   335  C  C   . PHE A 1 65  ? 12.38648  5.69949   5.33549   1.000 14.94859 ? 65  PHE A C   1 
ATOM   336  O  O   . PHE A 1 65  ? 13.42154  6.07455   5.90409   1.000 14.76355 ? 65  PHE A O   1 
ATOM   337  C  CB  . PHE A 1 65  ? 12.00456  6.65367   3.07070   1.000 13.06614 ? 65  PHE A CB  1 
ATOM   338  C  CG  . PHE A 1 65  ? 11.02509  7.27852   2.09313   1.000 12.16391 ? 65  PHE A CG  1 
ATOM   339  C  CD1 . PHE A 1 65  ? 9.88876   6.58822   1.68195   1.000 13.96932 ? 65  PHE A CD1 1 
ATOM   340  C  CD2 . PHE A 1 65  ? 11.25149  8.54804   1.57624   1.000 13.44836 ? 65  PHE A CD2 1 
ATOM   341  C  CE1 . PHE A 1 65  ? 8.98946   7.15691   0.77614   1.000 12.97517 ? 65  PHE A CE1 1 
ATOM   342  C  CE2 . PHE A 1 65  ? 10.36052  9.11266   0.67219   1.000 13.51472 ? 65  PHE A CE2 1 
ATOM   343  C  CZ  . PHE A 1 65  ? 9.22640   8.42205   0.27692   1.000 12.13614 ? 65  PHE A CZ  1 
ATOM   344  N  N   . PRO A 1 66  ? 11.99015  4.42432   5.40826   1.000 13.47736 ? 66  PRO A N   1 
ATOM   345  C  CA  . PRO A 1 66  ? 10.79834  3.87937   4.75725   1.000 11.66507 ? 66  PRO A CA  1 
ATOM   346  C  C   . PRO A 1 66  ? 9.51129   4.22101   5.48289   1.000 12.40158 ? 66  PRO A C   1 
ATOM   347  O  O   . PRO A 1 66  ? 9.50608   4.61840   6.64464   1.000 13.53616 ? 66  PRO A O   1 
ATOM   348  C  CB  . PRO A 1 66  ? 11.03611  2.37204   4.82039   1.000 14.31662 ? 66  PRO A CB  1 
ATOM   349  C  CG  . PRO A 1 66  ? 11.85173  2.18185   6.04720   1.000 17.99636 ? 66  PRO A CG  1 
ATOM   350  C  CD  . PRO A 1 66  ? 12.76863  3.37738   6.09523   1.000 16.12851 ? 66  PRO A CD  1 
ATOM   351  N  N   . ILE A 1 67  ? 8.41011   4.06691   4.75961   1.000 11.50609 ? 67  ILE A N   1 
ATOM   352  C  CA  . ILE A 1 67  ? 7.07365   4.29868   5.28265   1.000 12.10365 ? 67  ILE A CA  1 
ATOM   353  C  C   . ILE A 1 67  ? 6.34313   2.97119   5.22370   1.000 11.80600 ? 67  ILE A C   1 
ATOM   354  O  O   . ILE A 1 67  ? 6.27925   2.34068   4.16264   1.000 13.17256 ? 67  ILE A O   1 
ATOM   355  C  CB  . ILE A 1 67  ? 6.34121   5.39810   4.48590   1.000 12.35555 ? 67  ILE A CB  1 
ATOM   356  C  CG1 . ILE A 1 67  ? 6.99605   6.76074   4.73891   1.000 13.61430 ? 67  ILE A CG1 1 
ATOM   357  C  CG2 . ILE A 1 67  ? 4.86446   5.45105   4.85029   1.000 13.38663 ? 67  ILE A CG2 1 
ATOM   358  C  CD1 . ILE A 1 67  ? 6.67124   7.77998   3.67643   1.000 14.83882 ? 67  ILE A CD1 1 
ATOM   359  N  N   . THR A 1 68  ? 5.81980   2.53911   6.36411   1.000 11.74267 ? 68  THR A N   1 
ATOM   360  C  CA  . THR A 1 68  ? 5.21894   1.21644   6.49284   1.000 11.64102 ? 68  THR A CA  1 
ATOM   361  C  C   . THR A 1 68  ? 3.70892   1.34532   6.61243   1.000 11.21182 ? 68  THR A C   1 
ATOM   362  O  O   . THR A 1 68  ? 3.20288   2.04595   7.50035   1.000 11.26804 ? 68  THR A O   1 
ATOM   363  C  CB  . THR A 1 68  ? 5.80789   0.48860   7.69708   1.000 13.49002 ? 68  THR A CB  1 
ATOM   364  O  OG1 . THR A 1 68  ? 7.22112   0.35157   7.49920   1.000 13.24432 ? 68  THR A OG1 1 
ATOM   365  C  CG2 . THR A 1 68  ? 5.19548   -0.89545  7.84706   1.000 12.39092 ? 68  THR A CG2 1 
ATOM   366  N  N   . LEU A 1 69  ? 2.99982   0.66977   5.70981   1.000 11.42899 ? 69  LEU A N   1 
ATOM   367  C  CA  . LEU A 1 69  ? 1.54697   0.68355   5.63096   1.000 10.94507 ? 69  LEU A CA  1 
ATOM   368  C  C   . LEU A 1 69  ? 1.04586   -0.73288  5.86738   1.000 11.06326 ? 69  LEU A C   1 
ATOM   369  O  O   . LEU A 1 69  ? 1.55735   -1.68729  5.27020   1.000 12.54468 ? 69  LEU A O   1 
ATOM   370  C  CB  . LEU A 1 69  ? 1.09557   1.12978   4.23998   1.000 12.17781 ? 69  LEU A CB  1 
ATOM   371  C  CG  . LEU A 1 69  ? 1.73095   2.43822   3.75133   1.000 13.88758 ? 69  LEU A CG  1 
ATOM   372  C  CD1 . LEU A 1 69  ? 1.30831   2.71083   2.31793   1.000 15.56377 ? 69  LEU A CD1 1 
ATOM   373  C  CD2 . LEU A 1 69  ? 1.37624   3.59293   4.66689   1.000 13.41467 ? 69  LEU A CD2 1 
ATOM   374  N  N   . THR A 1 70  ? 0.03950   -0.87031  6.72263   1.000 11.57343 ? 70  THR A N   1 
ATOM   375  C  CA  . THR A 1 70  ? -0.51735  -2.17865  7.04051   1.000 11.44449 ? 70  THR A CA  1 
ATOM   376  C  C   . THR A 1 70  ? -2.02061  -2.15331  6.81894   1.000 10.84221 ? 70  THR A C   1 
ATOM   377  O  O   . THR A 1 70  ? -2.69524  -1.21319  7.24832   1.000 12.22688 ? 70  THR A O   1 
ATOM   378  C  CB  . THR A 1 70  ? -0.18566  -2.55013  8.49204   1.000 11.60229 ? 70  THR A CB  1 
ATOM   379  O  OG1 . THR A 1 70  ? 1.22825   -2.47489  8.67595   1.000 12.30410 ? 70  THR A OG1 1 
ATOM   380  C  CG2 . THR A 1 70  ? -0.66131  -3.96548  8.82827   1.000 12.63615 ? 70  THR A CG2 1 
ATOM   381  N  N   . TYR A 1 71  ? -2.53163  -3.18220  6.14822   1.000 10.59469 ? 71  TYR A N   1 
ATOM   382  C  CA  . TYR A 1 71  ? -3.94471  -3.31389  5.82004   1.000 11.42047 ? 71  TYR A CA  1 
ATOM   383  C  C   . TYR A 1 71  ? -4.45401  -4.60006  6.45811   1.000 10.78438 ? 71  TYR A C   1 
ATOM   384  O  O   . TYR A 1 71  ? -3.86275  -5.66735  6.26415   1.000 11.69318 ? 71  TYR A O   1 
ATOM   385  C  CB  . TYR A 1 71  ? -4.14320  -3.37933  4.30118   1.000 12.36078 ? 71  TYR A CB  1 
ATOM   386  C  CG  . TYR A 1 71  ? -3.77408  -2.08828  3.59709   1.000 10.77840 ? 71  TYR A CG  1 
ATOM   387  C  CD1 . TYR A 1 71  ? -4.71416  -1.07651  3.42386   1.000 12.34246 ? 71  TYR A CD1 1 
ATOM   388  C  CD2 . TYR A 1 71  ? -2.48871  -1.87511  3.12847   1.000 11.64888 ? 71  TYR A CD2 1 
ATOM   389  C  CE1 . TYR A 1 71  ? -4.38390  0.11047   2.78712   1.000 12.58803 ? 71  TYR A CE1 1 
ATOM   390  C  CE2 . TYR A 1 71  ? -2.14758  -0.69101  2.49701   1.000 11.19880 ? 71  TYR A CE2 1 
ATOM   391  C  CZ  . TYR A 1 71  ? -3.10104  0.29815   2.32706   1.000 11.97937 ? 71  TYR A CZ  1 
ATOM   392  O  OH  . TYR A 1 71  ? -2.75707  1.46781   1.69780   1.000 13.06397 ? 71  TYR A OH  1 
ATOM   393  N  N   . ASN A 1 72  ? -5.54172  -4.50273  7.22931   1.000 11.36301 ? 72  ASN A N   1 
ATOM   394  C  CA  . ASN A 1 72  ? -6.04905  -5.63230  8.00423   1.000 11.78414 ? 72  ASN A CA  1 
ATOM   395  C  C   . ASN A 1 72  ? -7.43329  -6.05684  7.54214   1.000 11.52131 ? 72  ASN A C   1 
ATOM   396  O  O   . ASN A 1 72  ? -8.31410  -5.22174  7.32486   1.000 12.95704 ? 72  ASN A O   1 
ATOM   397  C  CB  . ASN A 1 72  ? -6.15494  -5.25827  9.47565   1.000 13.62686 ? 72  ASN A CB  1 
ATOM   398  C  CG  . ASN A 1 72  ? -4.83266  -4.84734  10.05071  1.000 13.18347 ? 72  ASN A CG  1 
ATOM   399  O  OD1 . ASN A 1 72  ? -3.82958  -5.53094  9.85552   1.000 14.69070 ? 72  ASN A OD1 1 
ATOM   400  N  ND2 . ASN A 1 72  ? -4.80670  -3.71369  10.74190  1.000 13.96086 ? 72  ASN A ND2 1 
ATOM   401  N  N   . PHE A 1 73  ? -7.63052  -7.36762  7.44626   1.000 13.07834 ? 73  PHE A N   1 
ATOM   402  C  CA  . PHE A 1 73  ? -8.93491  -7.96471  7.19993   1.000 15.07620 ? 73  PHE A CA  1 
ATOM   403  C  C   . PHE A 1 73  ? -9.57817  -8.36991  8.52885   1.000 13.76729 ? 73  PHE A C   1 
ATOM   404  O  O   . PHE A 1 73  ? -8.93354  -8.40543  9.57721   1.000 17.35885 ? 73  PHE A O   1 
ATOM   405  C  CB  . PHE A 1 73  ? -8.79618  -9.19710  6.29431   1.000 14.13142 ? 73  PHE A CB  1 
ATOM   406  C  CG  . PHE A 1 73  ? -7.91209  -8.97896  5.09235   1.000 12.37879 ? 73  PHE A CG  1 
ATOM   407  C  CD1 . PHE A 1 73  ? -8.04035  -7.84478  4.30461   1.000 15.01799 ? 73  PHE A CD1 1 
ATOM   408  C  CD2 . PHE A 1 73  ? -6.94169  -9.91037  4.76254   1.000 14.52625 ? 73  PHE A CD2 1 
ATOM   409  C  CE1 . PHE A 1 73  ? -7.22433  -7.65118  3.20668   1.000 14.62933 ? 73  PHE A CE1 1 
ATOM   410  C  CE2 . PHE A 1 73  ? -6.12321  -9.71727  3.67046   1.000 15.58148 ? 73  PHE A CE2 1 
ATOM   411  C  CZ  . PHE A 1 73  ? -6.26379  -8.58875  2.88840   1.000 16.01746 ? 73  PHE A CZ  1 
ATOM   412  N  N   . GLU A 1 74  ? -10.87636 -8.69934  8.46994   1.000 17.53016 ? 74  GLU A N   1 
ATOM   413  C  CA  . GLU A 1 74  ? -11.59227 -9.12063  9.67402   1.000 21.98220 ? 74  GLU A CA  1 
ATOM   414  C  C   . GLU A 1 74  ? -11.04778 -10.43690 10.20246  1.000 21.30963 ? 74  GLU A C   1 
ATOM   415  O  O   . GLU A 1 74  ? -10.88990 -10.61785 11.41676  1.000 25.47911 ? 74  GLU A O   1 
ATOM   416  C  CB  . GLU A 1 74  ? -13.07329 -9.30315  9.35097   1.000 28.48342 ? 74  GLU A CB  1 
ATOM   417  C  CG  . GLU A 1 74  ? -13.97708 -8.19973  9.82896   1.000 34.95055 ? 74  GLU A CG  1 
ATOM   418  C  CD  . GLU A 1 74  ? -15.42673 -8.44092  9.45749   1.000 32.23017 ? 74  GLU A CD  1 
ATOM   419  O  OE1 . GLU A 1 74  ? -15.75210 -9.54629  8.97173   1.000 36.27566 ? 74  GLU A OE1 1 
ATOM   420  O  OE2 . GLU A 1 74  ? -16.23514 -7.51053  9.62022   1.000 20.14947 ? 74  GLU A OE2 1 
ATOM   421  N  N   . THR A 1 75  ? -10.77982 -11.37291 9.30047   1.000 19.27192 ? 75  THR A N   1 
ATOM   422  C  CA  . THR A 1 75  ? -10.32744 -12.70861 9.64127   1.000 20.42055 ? 75  THR A CA  1 
ATOM   423  C  C   . THR A 1 75  ? -9.28121  -13.10518 8.61349   1.000 18.30306 ? 75  THR A C   1 
ATOM   424  O  O   . THR A 1 75  ? -9.10692  -12.43644 7.58997   1.000 17.81502 ? 75  THR A O   1 
ATOM   425  C  CB  . THR A 1 75  ? -11.48297 -13.72212 9.58982   1.000 22.45150 ? 75  THR A CB  1 
ATOM   426  O  OG1 . THR A 1 75  ? -12.07469 -13.70926 8.28389   1.000 28.89508 ? 75  THR A OG1 1 
ATOM   427  C  CG2 . THR A 1 75  ? -12.55433 -13.38293 10.62611  1.000 29.44937 ? 75  THR A CG2 1 
ATOM   428  N  N   . VAL A 1 76  ? -8.57043  -14.19755 8.89836   1.000 18.32677 ? 76  VAL A N   1 
ATOM   429  C  CA  . VAL A 1 76  ? -7.65360  -14.76668 7.91655   1.000 17.00056 ? 76  VAL A CA  1 
ATOM   430  C  C   . VAL A 1 76  ? -8.43102  -15.12500 6.65953   1.000 17.05110 ? 76  VAL A C   1 
ATOM   431  O  O   . VAL A 1 76  ? -9.47393  -15.79037 6.71997   1.000 22.64573 ? 76  VAL A O   1 
ATOM   432  C  CB  . VAL A 1 76  ? -6.93339  -15.98549 8.50979   1.000 20.06435 ? 76  VAL A CB  1 
ATOM   433  C  CG1 . VAL A 1 76  ? -5.94307  -16.55169 7.50570   1.000 27.65064 ? 76  VAL A CG1 1 
ATOM   434  C  CG2 . VAL A 1 76  ? -6.24079  -15.59994 9.79733   1.000 24.60400 ? 76  VAL A CG2 1 
ATOM   435  N  N   . THR A 1 77  ? -7.92487  -14.68545 5.50794   1.000 15.35317 ? 77  THR A N   1 
ATOM   436  C  CA  . THR A 1 77  ? -8.65679  -14.73613 4.25194   1.000 17.78431 ? 77  THR A CA  1 
ATOM   437  C  C   . THR A 1 77  ? -7.70454  -15.16443 3.14404   1.000 17.05482 ? 77  THR A C   1 
ATOM   438  O  O   . THR A 1 77  ? -6.52832  -14.78865 3.15439   1.000 17.65431 ? 77  THR A O   1 
ATOM   439  C  CB  . THR A 1 77  ? -9.24356  -13.34669 3.93153   1.000 20.52680 ? 77  THR A CB  1 
ATOM   440  O  OG1 . THR A 1 77  ? -10.00868 -12.86984 5.04969   1.000 22.37557 ? 77  THR A OG1 1 
ATOM   441  C  CG2 . THR A 1 77  ? -10.12282 -13.39714 2.70394   1.000 21.82084 ? 77  THR A CG2 1 
ATOM   442  N  N   . ASP A 1 78  ? -8.21488  -15.94938 2.19454   1.000 17.43596 ? 78  ASP A N   1 
ATOM   443  C  CA  . ASP A 1 78  ? -7.44754  -16.29168 1.00250   1.000 16.79331 ? 78  ASP A CA  1 
ATOM   444  C  C   . ASP A 1 78  ? -7.29260  -15.05938 0.12055   1.000 15.45322 ? 78  ASP A C   1 
ATOM   445  O  O   . ASP A 1 78  ? -8.26477  -14.33134 -0.11757  1.000 17.39580 ? 78  ASP A O   1 
ATOM   446  C  CB  . ASP A 1 78  ? -8.17296  -17.37936 0.20861   1.000 21.91069 ? 78  ASP A CB  1 
ATOM   447  C  CG  . ASP A 1 78  ? -8.15651  -18.72849 0.90164   1.000 28.11869 ? 78  ASP A CG  1 
ATOM   448  O  OD1 . ASP A 1 78  ? -7.54479  -18.84903 1.98167   1.000 27.91006 ? 78  ASP A OD1 1 
ATOM   449  O  OD2 . ASP A 1 78  ? -8.76037  -19.67585 0.35469   1.000 34.58561 ? 78  ASP A OD2 1 
ATOM   450  N  N   . VAL A 1 79  ? -6.07245  -14.82791 -0.37119  1.000 15.76455 ? 79  VAL A N   1 
ATOM   451  C  CA  . VAL A 1 79  ? -5.77305  -13.72056 -1.27648  1.000 14.70935 ? 79  VAL A CA  1 
ATOM   452  C  C   . VAL A 1 79  ? -4.87979  -14.23191 -2.40313  1.000 14.52287 ? 79  VAL A C   1 
ATOM   453  O  O   . VAL A 1 79  ? -3.90465  -14.95059 -2.15714  1.000 14.77797 ? 79  VAL A O   1 
ATOM   454  C  CB  . VAL A 1 79  ? -5.09538  -12.54850 -0.53957  1.000 14.32143 ? 79  VAL A CB  1 
ATOM   455  C  CG1 . VAL A 1 79  ? -4.83965  -11.40320 -1.49718  1.000 17.37948 ? 79  VAL A CG1 1 
ATOM   456  C  CG2 . VAL A 1 79  ? -5.95051  -12.08292 0.63506   1.000 19.89027 ? 79  VAL A CG2 1 
ATOM   457  N  N   . ASP A 1 80  ? -5.21106  -13.86083 -3.64290  1.000 13.48492 ? 80  ASP A N   1 
ATOM   458  C  CA  . ASP A 1 80  ? -4.46592  -14.28570 -4.81657  1.000 14.28702 ? 80  ASP A CA  1 
ATOM   459  C  C   . ASP A 1 80  ? -3.75362  -13.15738 -5.54151  1.000 13.28556 ? 80  ASP A C   1 
ATOM   460  O  O   . ASP A 1 80  ? -2.77412  -13.42627 -6.24506  1.000 14.74363 ? 80  ASP A O   1 
ATOM   461  C  CB  . ASP A 1 80  ? -5.40175  -14.99470 -5.79734  1.000 15.27664 ? 80  ASP A CB  1 
ATOM   462  C  CG  . ASP A 1 80  ? -5.85671  -16.33084 -5.27063  1.000 17.43603 ? 80  ASP A CG  1 
ATOM   463  O  OD1 . ASP A 1 80  ? -4.98748  -17.21191 -5.08860  1.000 19.08904 ? 80  ASP A OD1 1 
ATOM   464  O  OD2 . ASP A 1 80  ? -7.06348  -16.47940 -5.00021  1.000 19.48927 ? 80  ASP A OD2 1 
ATOM   465  N  N   . TYR A 1 81  ? -4.21243  -11.91676 -5.40048  1.000 13.82922 ? 81  TYR A N   1 
ATOM   466  C  CA  . TYR A 1 81  ? -3.50369  -10.79362 -5.98961  1.000 13.25688 ? 81  TYR A CA  1 
ATOM   467  C  C   . TYR A 1 81  ? -3.95371  -9.51829  -5.29998  1.000 12.77145 ? 81  TYR A C   1 
ATOM   468  O  O   . TYR A 1 81  ? -4.93665  -9.49927  -4.55264  1.000 12.54066 ? 81  TYR A O   1 
ATOM   469  C  CB  . TYR A 1 81  ? -3.68199  -10.72828 -7.51026  1.000 13.20749 ? 81  TYR A CB  1 
ATOM   470  C  CG  . TYR A 1 81  ? -5.09192  -10.52615 -7.99989  1.000 14.24238 ? 81  TYR A CG  1 
ATOM   471  C  CD1 . TYR A 1 81  ? -5.93236  -11.61461 -8.20316  1.000 17.64979 ? 81  TYR A CD1 1 
ATOM   472  C  CD2 . TYR A 1 81  ? -5.57203  -9.25338  -8.30961  1.000 16.12494 ? 81  TYR A CD2 1 
ATOM   473  C  CE1 . TYR A 1 81  ? -7.22496  -11.45103 -8.67257  1.000 19.05587 ? 81  TYR A CE1 1 
ATOM   474  C  CE2 . TYR A 1 81  ? -6.86214  -9.07962  -8.79319  1.000 17.97878 ? 81  TYR A CE2 1 
ATOM   475  C  CZ  . TYR A 1 81  ? -7.68335  -10.18108 -8.96483  1.000 16.97844 ? 81  TYR A CZ  1 
ATOM   476  O  OH  . TYR A 1 81  ? -8.96432  -9.99225  -9.43687  1.000 21.27990 ? 81  TYR A OH  1 
ATOM   477  N  N   . LEU A 1 82  ? -3.19248  -8.45460  -5.54341  1.000 12.70416 ? 82  LEU A N   1 
ATOM   478  C  CA  . LEU A 1 82  ? -3.52372  -7.13931  -5.03488  1.000 11.97982 ? 82  LEU A CA  1 
ATOM   479  C  C   . LEU A 1 82  ? -3.33736  -6.12381  -6.15153  1.000 12.81260 ? 82  LEU A C   1 
ATOM   480  O  O   . LEU A 1 82  ? -2.59714  -6.35406  -7.11224  1.000 13.79351 ? 82  LEU A O   1 
ATOM   481  C  CB  . LEU A 1 82  ? -2.66758  -6.76815  -3.81921  1.000 13.22924 ? 82  LEU A CB  1 
ATOM   482  C  CG  . LEU A 1 82  ? -1.15554  -6.68875  -4.01396  1.000 14.07172 ? 82  LEU A CG  1 
ATOM   483  C  CD1 . LEU A 1 82  ? -0.71856  -5.30618  -4.47574  1.000 14.63620 ? 82  LEU A CD1 1 
ATOM   484  C  CD2 . LEU A 1 82  ? -0.47458  -7.04864  -2.71028  1.000 17.32986 ? 82  LEU A CD2 1 
ATOM   485  N  N   . ILE A 1 83  ? -4.00370  -4.97794  -6.00719  1.000 12.99984 ? 83  ILE A N   1 
ATOM   486  C  CA  . ILE A 1 83  ? -3.83368  -3.85654  -6.92449  1.000 12.92299 ? 83  ILE A CA  1 
ATOM   487  C  C   . ILE A 1 83  ? -3.61209  -2.59077  -6.10865  1.000 11.87164 ? 83  ILE A C   1 
ATOM   488  O  O   . ILE A 1 83  ? -4.44677  -2.23607  -5.26182  1.000 12.97179 ? 83  ILE A O   1 
ATOM   489  C  CB  . ILE A 1 83  ? -5.02596  -3.66318  -7.87604  1.000 13.33741 ? 83  ILE A CB  1 
ATOM   490  C  CG1 . ILE A 1 83  ? -5.35927  -4.96805  -8.59971  1.000 16.78751 ? 83  ILE A CG1 1 
ATOM   491  C  CG2 . ILE A 1 83  ? -4.73054  -2.54627  -8.87223  1.000 15.77756 ? 83  ILE A CG2 1 
ATOM   492  C  CD1 . ILE A 1 83  ? -6.58552  -4.87947  -9.48071  1.000 19.59654 ? 83  ILE A CD1 1 
ATOM   493  N  N   . TYR A 1 84  ? -2.49761  -1.91988  -6.36953  1.000 11.87783 ? 84  TYR A N   1 
ATOM   494  C  CA  . TYR A 1 84  ? -2.20419  -0.60953  -5.80840  1.000 11.60551 ? 84  TYR A CA  1 
ATOM   495  C  C   . TYR A 1 84  ? -2.64669  0.44224   -6.81889  1.000 11.85732 ? 84  TYR A C   1 
ATOM   496  O  O   . TYR A 1 84  ? -2.19828  0.42693   -7.97411  1.000 12.87788 ? 84  TYR A O   1 
ATOM   497  C  CB  . TYR A 1 84  ? -0.69740  -0.49354  -5.57805  1.000 12.57989 ? 84  TYR A CB  1 
ATOM   498  C  CG  . TYR A 1 84  ? -0.21236  0.93134   -5.39354  1.000 11.61177 ? 84  TYR A CG  1 
ATOM   499  C  CD1 . TYR A 1 84  ? -0.56983  1.66306   -4.26053  1.000 12.17166 ? 84  TYR A CD1 1 
ATOM   500  C  CD2 . TYR A 1 84  ? 0.58978   1.54549   -6.34662  1.000 13.27279 ? 84  TYR A CD2 1 
ATOM   501  C  CE1 . TYR A 1 84  ? -0.13841  2.97784   -4.08124  1.000 11.50209 ? 84  TYR A CE1 1 
ATOM   502  C  CE2 . TYR A 1 84  ? 1.02636   2.85170   -6.18044  1.000 12.09637 ? 84  TYR A CE2 1 
ATOM   503  C  CZ  . TYR A 1 84  ? 0.67017   3.55741   -5.04715  1.000 11.22329 ? 84  TYR A CZ  1 
ATOM   504  O  OH  . TYR A 1 84  ? 1.12747   4.85903   -4.92308  1.000 12.01291 ? 84  TYR A OH  1 
ATOM   505  N  N   . HIS A 1 85  ? -3.51978  1.35473   -6.38557  1.000 11.93271 ? 85  HIS A N   1 
ATOM   506  C  CA  . HIS A 1 85  ? -3.97550  2.46251   -7.22131  1.000 12.00583 ? 85  HIS A CA  1 
ATOM   507  C  C   . HIS A 1 85  ? -3.31831  3.74694   -6.74869  1.000 13.30235 ? 85  HIS A C   1 
ATOM   508  O  O   . HIS A 1 85  ? -3.68043  4.26461   -5.67648  1.000 13.15886 ? 85  HIS A O   1 
ATOM   509  C  CB  . HIS A 1 85  ? -5.49258  2.60395   -7.13984  1.000 12.62161 ? 85  HIS A CB  1 
ATOM   510  C  CG  . HIS A 1 85  ? -6.23570  1.40417   -7.62929  1.000 14.44573 ? 85  HIS A CG  1 
ATOM   511  N  ND1 . HIS A 1 85  ? -6.64438  1.26430   -8.93746  1.000 16.62797 ? 85  HIS A ND1 1 
ATOM   512  C  CD2 . HIS A 1 85  ? -6.63531  0.28276   -6.98636  1.000 13.59212 ? 85  HIS A CD2 1 
ATOM   513  C  CE1 . HIS A 1 85  ? -7.27615  0.11249   -9.07649  1.000 15.19631 ? 85  HIS A CE1 1 
ATOM   514  N  NE2 . HIS A 1 85  ? -7.27423  -0.50980  -7.91078  1.000 14.65126 ? 85  HIS A NE2 1 
ATOM   515  N  N   . PRO A 1 86  ? -2.37146  4.29915   -7.49751  1.000 13.07895 ? 86  PRO A N   1 
ATOM   516  C  CA  . PRO A 1 86  ? -1.75850  5.57194   -7.11078  1.000 13.70584 ? 86  PRO A CA  1 
ATOM   517  C  C   . PRO A 1 86  ? -2.68351  6.72342   -7.47450  1.000 13.95510 ? 86  PRO A C   1 
ATOM   518  O  O   . PRO A 1 86  ? -3.67686  6.55497   -8.18040  1.000 14.78415 ? 86  PRO A O   1 
ATOM   519  C  CB  . PRO A 1 86  ? -0.50299  5.61240   -7.98640  1.000 13.51975 ? 86  PRO A CB  1 
ATOM   520  C  CG  . PRO A 1 86  ? -0.91514  4.89465   -9.24785  1.000 14.53244 ? 86  PRO A CG  1 
ATOM   521  C  CD  . PRO A 1 86  ? -1.83886  3.78658   -8.77644  1.000 14.23627 ? 86  PRO A CD  1 
ATOM   522  N  N   . ARG A 1 87  ? -2.34432  7.90639   -6.97015  1.000 12.89283 ? 87  ARG A N   1 
ATOM   523  C  CA  . ARG A 1 87  ? -3.04514  9.11554   -7.38264  1.000 12.63840 ? 87  ARG A CA  1 
ATOM   524  C  C   . ARG A 1 87  ? -2.86763  9.34303   -8.88491  1.000 14.32778 ? 87  ARG A C   1 
ATOM   525  O  O   . ARG A 1 87  ? -1.78710  9.14515   -9.44615  1.000 14.62653 ? 87  ARG A O   1 
ATOM   526  C  CB  . ARG A 1 87  ? -2.51327  10.31870  -6.59322  1.000 13.17798 ? 87  ARG A CB  1 
ATOM   527  C  CG  . ARG A 1 87  ? -1.08603  10.71409  -6.94544  1.000 13.35035 ? 87  ARG A CG  1 
ATOM   528  C  CD  . ARG A 1 87  ? -0.50359  11.71083  -5.96900  1.000 12.87179 ? 87  ARG A CD  1 
ATOM   529  N  NE  . ARG A 1 87  ? -1.28657  12.93920  -5.96030  1.000 12.45082 ? 87  ARG A NE  1 
ATOM   530  C  CZ  . ARG A 1 87  ? -1.24556  13.84767  -4.99757  1.000 12.53563 ? 87  ARG A CZ  1 
ATOM   531  N  NH1 . ARG A 1 87  ? -0.45416  13.70907  -3.94577  1.000 12.59183 ? 87  ARG A NH1 1 
ATOM   532  N  NH2 . ARG A 1 87  ? -2.02038  14.92614  -5.08924  1.000 13.70170 ? 87  ARG A NH2 1 
ATOM   533  N  N   . ASN A 1 88  ? -3.93720  9.77292   -9.54519  1.000 16.03281 ? 88  ASN A N   1 
ATOM   534  C  CA  . ASN A 1 88  ? -3.80848  10.09741  -10.96049 1.000 17.86533 ? 88  ASN A CA  1 
ATOM   535  C  C   . ASN A 1 88  ? -3.56184  11.57667  -11.21460 1.000 17.50904 ? 88  ASN A C   1 
ATOM   536  O  O   . ASN A 1 88  ? -3.20181  11.94328  -12.34037 1.000 19.56533 ? 88  ASN A O   1 
ATOM   537  C  CB  . ASN A 1 88  ? -5.01879  9.61570   -11.77509 1.000 20.48883 ? 88  ASN A CB  1 
ATOM   538  C  CG  . ASN A 1 88  ? -6.28171  10.39799  -11.47318 1.000 20.81017 ? 88  ASN A CG  1 
ATOM   539  O  OD1 . ASN A 1 88  ? -6.43980  10.95728  -10.38824 1.000 24.29111 ? 88  ASN A OD1 1 
ATOM   540  N  ND2 . ASN A 1 88  ? -7.19268  10.44522  -12.44477 1.000 22.95778 ? 88  ASN A ND2 1 
ATOM   541  N  N   . ASN A 1 89  ? -3.72641  12.42533  -10.20459 1.000 16.43727 ? 89  ASN A N   1 
ATOM   542  C  CA  . ASN A 1 89  ? -3.51518  13.85834  -10.34509 1.000 16.52478 ? 89  ASN A CA  1 
ATOM   543  C  C   . ASN A 1 89  ? -2.46785  14.29602  -9.33741  1.000 15.58122 ? 89  ASN A C   1 
ATOM   544  O  O   . ASN A 1 89  ? -2.67161  14.15355  -8.12582  1.000 17.31056 ? 89  ASN A O   1 
ATOM   545  C  CB  . ASN A 1 89  ? -4.82147  14.61309  -10.11658 1.000 20.87579 ? 89  ASN A CB  1 
ATOM   546  C  CG  . ASN A 1 89  ? -4.72097  16.06922  -10.51076 1.000 20.75571 ? 89  ASN A CG  1 
ATOM   547  O  OD1 . ASN A 1 89  ? -3.72748  16.49332  -11.09968 1.000 24.21986 ? 89  ASN A OD1 1 
ATOM   548  N  ND2 . ASN A 1 89  ? -5.74826  16.84085  -10.18921 1.000 25.20692 ? 89  ASN A ND2 1 
ATOM   549  N  N   . GLY A 1 90  ? -1.35690  14.80832  -9.83296  1.000 15.92321 ? 90  GLY A N   1 
ATOM   550  C  CA  . GLY A 1 90  ? -0.25934  15.15971  -8.94703  1.000 19.23668 ? 90  GLY A CA  1 
ATOM   551  C  C   . GLY A 1 90  ? 0.72927   14.02265  -8.79822  1.000 14.73537 ? 90  GLY A C   1 
ATOM   552  O  O   . GLY A 1 90  ? 0.38811   12.84227  -8.86626  1.000 16.28355 ? 90  GLY A O   1 
ATOM   553  N  N   . ASN A 1 91  ? 1.99177   14.39004  -8.59029  1.000 15.63560 ? 91  ASN A N   1 
ATOM   554  C  CA  . ASN A 1 91  ? 3.08286   13.42603  -8.58993  1.000 16.80466 ? 91  ASN A CA  1 
ATOM   555  C  C   . ASN A 1 91  ? 3.65604   13.17486  -7.19868  1.000 15.27766 ? 91  ASN A C   1 
ATOM   556  O  O   . ASN A 1 91  ? 4.77089   12.65546  -7.08237  1.000 17.40109 ? 91  ASN A O   1 
ATOM   557  C  CB  . ASN A 1 91  ? 4.19988   13.88653  -9.52806  1.000 18.72008 ? 91  ASN A CB  1 
ATOM   558  C  CG  . ASN A 1 91  ? 5.13566   12.75172  -9.92891  1.000 15.49258 ? 91  ASN A CG  1 
ATOM   559  O  OD1 . ASN A 1 91  ? 4.70367   11.62013  -10.18424 1.000 18.77562 ? 91  ASN A OD1 1 
ATOM   560  N  ND2 . ASN A 1 91  ? 6.43476   13.04062  -9.92962  1.000 20.49386 ? 91  ASN A ND2 1 
ATOM   561  N  N   . ASN A 1 92  ? 2.94571   13.53360  -6.13532  1.000 13.28332 ? 92  ASN A N   1 
ATOM   562  C  CA  . ASN A 1 92  ? 3.48244   13.32324  -4.79233  1.000 12.07033 ? 92  ASN A CA  1 
ATOM   563  C  C   . ASN A 1 92  ? 3.01972   11.98233  -4.23134  1.000 11.35225 ? 92  ASN A C   1 
ATOM   564  O  O   . ASN A 1 92  ? 1.84165   11.80462  -3.90545  1.000 12.24130 ? 92  ASN A O   1 
ATOM   565  C  CB  . ASN A 1 92  ? 3.11940   14.47687  -3.86949  1.000 12.35137 ? 92  ASN A CB  1 
ATOM   566  C  CG  . ASN A 1 92  ? 3.98427   15.68306  -4.09935  1.000 12.57172 ? 92  ASN A CG  1 
ATOM   567  O  OD1 . ASN A 1 92  ? 5.09407   15.58329  -4.64322  1.000 14.47135 ? 92  ASN A OD1 1 
ATOM   568  N  ND2 . ASN A 1 92  ? 3.48968   16.84395  -3.69110  1.000 12.28213 ? 92  ASN A ND2 1 
ATOM   569  N  N   . GLY A 1 93  ? 3.95592   11.04188  -4.11507  1.000 11.24411 ? 93  GLY A N   1 
ATOM   570  C  CA  . GLY A 1 93  ? 3.75082   9.80305   -3.38947  1.000 12.25265 ? 93  GLY A CA  1 
ATOM   571  C  C   . GLY A 1 93  ? 3.45963   8.56032   -4.20803  1.000 11.37201 ? 93  GLY A C   1 
ATOM   572  O  O   . GLY A 1 93  ? 3.13227   7.52637   -3.62531  1.000 11.43987 ? 93  GLY A O   1 
ATOM   573  N  N   . ARG A 1 94  ? 3.57568   8.60595   -5.52650  1.000 12.13578 ? 94  ARG A N   1 
ATOM   574  C  CA  . ARG A 1 94  ? 3.41949   7.37699   -6.29916  1.000 12.72060 ? 94  ARG A CA  1 
ATOM   575  C  C   . ARG A 1 94  ? 4.51714   6.38911   -5.91307  1.000 11.26247 ? 94  ARG A C   1 
ATOM   576  O  O   . ARG A 1 94  ? 5.70561   6.72782   -5.94274  1.000 11.09762 ? 94  ARG A O   1 
ATOM   577  C  CB  . ARG A 1 94  ? 3.47253   7.70940   -7.78608  1.000 12.75143 ? 94  ARG A CB  1 
ATOM   578  C  CG  . ARG A 1 94  ? 2.28597   8.54402   -8.19833  1.000 14.67576 ? 94  ARG A CG  1 
ATOM   579  C  CD  . ARG A 1 94  ? 2.41001   9.08211   -9.59390  1.000 14.45581 ? 94  ARG A CD  1 
ATOM   580  N  NE  . ARG A 1 94  ? 1.13068   9.64945   -10.00732 1.000 15.15850 ? 94  ARG A NE  1 
ATOM   581  C  CZ  . ARG A 1 94  ? 0.99404   10.62466  -10.89224 1.000 17.35846 ? 94  ARG A CZ  1 
ATOM   582  N  NH1 . ARG A 1 94  ? 2.04591   11.22252  -11.42683 1.000 18.55186 ? 94  ARG A NH1 1 
ATOM   583  N  NH2 . ARG A 1 94  ? -0.23084  10.99955  -11.25527 1.000 16.48659 ? 94  ARG A NH2 1 
ATOM   584  N  N   . PHE A 1 95  ? 4.12105   5.18633   -5.48843  1.000 11.64501 ? 95  PHE A N   1 
ATOM   585  C  CA  . PHE A 1 95  ? 5.08992   4.25211   -4.92768  1.000 11.64540 ? 95  PHE A CA  1 
ATOM   586  C  C   . PHE A 1 95  ? 6.17639   3.93587   -5.94249  1.000 10.83774 ? 95  PHE A C   1 
ATOM   587  O  O   . PHE A 1 95  ? 5.91199   3.77532   -7.13887  1.000 12.21686 ? 95  PHE A O   1 
ATOM   588  C  CB  . PHE A 1 95  ? 4.43649   2.91152   -4.58101  1.000 12.30470 ? 95  PHE A CB  1 
ATOM   589  C  CG  . PHE A 1 95  ? 3.54880   2.90392   -3.34579  1.000 12.55723 ? 95  PHE A CG  1 
ATOM   590  C  CD1 . PHE A 1 95  ? 3.20637   4.04888   -2.63782  1.000 12.03926 ? 95  PHE A CD1 1 
ATOM   591  C  CD2 . PHE A 1 95  ? 3.02471   1.69138   -2.92282  1.000 12.10080 ? 95  PHE A CD2 1 
ATOM   592  C  CE1 . PHE A 1 95  ? 2.35490   3.97333   -1.52373  1.000 12.51548 ? 95  PHE A CE1 1 
ATOM   593  C  CE2 . PHE A 1 95  ? 2.19079   1.61411   -1.81370  1.000 12.85336 ? 95  PHE A CE2 1 
ATOM   594  C  CZ  . PHE A 1 95  ? 1.85655   2.75462   -1.12232  1.000 14.24630 ? 95  PHE A CZ  1 
ATOM   595  N  N   A LYS A 1 96  ? 7.40034   3.80718   -5.44229  0.437 11.49948 ? 96  LYS A N   1 
ATOM   596  N  N   B LYS A 1 96  ? 7.40995   3.86642   -5.45044  0.563 11.53245 ? 96  LYS A N   1 
ATOM   597  C  CA  A LYS A 1 96  ? 8.50601   3.28342   -6.22808  0.437 11.88455 ? 96  LYS A CA  1 
ATOM   598  C  CA  B LYS A 1 96  ? 8.52205   3.29503   -6.19332  0.563 11.84120 ? 96  LYS A CA  1 
ATOM   599  C  C   A LYS A 1 96  ? 8.90338   1.91485   -5.67849  0.437 11.92360 ? 96  LYS A C   1 
ATOM   600  C  C   B LYS A 1 96  ? 8.85382   1.94312   -5.57102  0.563 12.05772 ? 96  LYS A C   1 
ATOM   601  O  O   A LYS A 1 96  ? 8.15837   0.94877   -5.87177  0.437 14.49793 ? 96  LYS A O   1 
ATOM   602  O  O   B LYS A 1 96  ? 8.01994   1.03387   -5.58871  0.563 11.95126 ? 96  LYS A O   1 
ATOM   603  C  CB  A LYS A 1 96  ? 9.63467   4.31456   -6.29812  0.437 13.30670 ? 96  LYS A CB  1 
ATOM   604  C  CB  B LYS A 1 96  ? 9.71681   4.25774   -6.21331  0.563 13.50124 ? 96  LYS A CB  1 
ATOM   605  C  CG  A LYS A 1 96  ? 9.17122   5.60678   -6.97824  0.437 11.12102 ? 96  LYS A CG  1 
ATOM   606  C  CG  B LYS A 1 96  ? 9.49180   5.48731   -7.09508  0.563 13.36472 ? 96  LYS A CG  1 
ATOM   607  C  CD  A LYS A 1 96  ? 10.06664  6.78937   -6.65789  0.437 15.35986 ? 96  LYS A CD  1 
ATOM   608  C  CD  B LYS A 1 96  ? 10.55560  6.56664   -6.88409  0.563 14.40917 ? 96  LYS A CD  1 
ATOM   609  C  CE  A LYS A 1 96  ? 11.44664  6.57140   -7.20548  0.437 15.78497 ? 96  LYS A CE  1 
ATOM   610  C  CE  B LYS A 1 96  ? 10.28108  7.79912   -7.73101  0.563 13.32200 ? 96  LYS A CE  1 
ATOM   611  N  NZ  A LYS A 1 96  ? 11.59283  7.03835   -8.61323  0.437 15.38355 ? 96  LYS A NZ  1 
ATOM   612  N  NZ  B LYS A 1 96  ? 10.71587  7.61408   -9.13622  0.563 22.91159 ? 96  LYS A NZ  1 
ATOM   613  N  N   . GLU A 1 97  ? 10.02672  1.81223   -4.96885  1.000 12.61074 ? 97  GLU A N   1 
ATOM   614  C  CA  . GLU A 1 97  ? 10.46525  0.52342   -4.44051  1.000 14.34206 ? 97  GLU A CA  1 
ATOM   615  C  C   . GLU A 1 97  ? 9.75261   0.17792   -3.13911  1.000 13.71269 ? 97  GLU A C   1 
ATOM   616  O  O   . GLU A 1 97  ? 9.73632   0.97661   -2.19179  1.000 13.12549 ? 97  GLU A O   1 
ATOM   617  C  CB  . GLU A 1 97  ? 11.96886  0.54030   -4.23108  1.000 14.15101 ? 97  GLU A CB  1 
ATOM   618  C  CG  . GLU A 1 97  ? 12.71561  0.56924   -5.53399  1.000 16.97577 ? 97  GLU A CG  1 
ATOM   619  C  CD  . GLU A 1 97  ? 14.18747  0.36956   -5.36210  1.000 20.33445 ? 97  GLU A CD  1 
ATOM   620  O  OE1 . GLU A 1 97  ? 14.59205  -0.45141  -4.51364  1.000 28.40689 ? 97  GLU A OE1 1 
ATOM   621  O  OE2 . GLU A 1 97  ? 14.94208  1.03851   -6.08426  1.000 25.77021 ? 97  GLU A OE2 1 
ATOM   622  N  N   A THR A 1 98  ? 9.18827   -1.03241  -3.07470  0.352 13.54756 ? 98  THR A N   1 
ATOM   623  N  N   B THR A 1 98  ? 9.14807   -1.00549  -3.11523  0.648 13.44162 ? 98  THR A N   1 
ATOM   624  C  CA  A THR A 1 98  ? 8.35962   -1.45159  -1.94916  0.352 14.62345 ? 98  THR A CA  1 
ATOM   625  C  CA  B THR A 1 98  ? 8.42943   -1.49677  -1.95550  0.648 14.62996 ? 98  THR A CA  1 
ATOM   626  C  C   A THR A 1 98  ? 8.56199   -2.93399  -1.65676  0.352 13.50095 ? 98  THR A C   1 
ATOM   627  C  C   B THR A 1 98  ? 8.87112   -2.91837  -1.63336  0.648 14.33692 ? 98  THR A C   1 
ATOM   628  O  O   A THR A 1 98  ? 8.59488   -3.75553  -2.58068  0.352 16.77363 ? 98  THR A O   1 
ATOM   629  O  O   B THR A 1 98  ? 9.37982   -3.66246  -2.48506  0.648 14.46341 ? 98  THR A O   1 
ATOM   630  C  CB  A THR A 1 98  ? 6.87462   -1.21001  -2.26826  0.352 13.43641 ? 98  THR A CB  1 
ATOM   631  C  CB  B THR A 1 98  ? 6.89876   -1.44484  -2.16355  0.648 13.34910 ? 98  THR A CB  1 
ATOM   632  O  OG1 A THR A 1 98  ? 6.67279   0.16306   -2.63137  0.352 13.98768 ? 98  THR A OG1 1 
ATOM   633  O  OG1 B THR A 1 98  ? 6.47398   -2.53565  -2.99274  0.648 13.52241 ? 98  THR A OG1 1 
ATOM   634  C  CG2 A THR A 1 98  ? 6.00418   -1.54173  -1.06392  0.352 17.38500 ? 98  THR A CG2 1 
ATOM   635  C  CG2 B THR A 1 98  ? 6.45837   -0.10529  -2.79017  0.648 15.48945 ? 98  THR A CG2 1 
ATOM   636  N  N   . GLU A 1 99  ? 8.69069   -3.27703  -0.37046  1.000 13.62769 ? 99  GLU A N   1 
ATOM   637  C  CA  . GLU A 1 99  ? 8.69824   -4.66929  0.06730   1.000 13.15390 ? 99  GLU A CA  1 
ATOM   638  C  C   . GLU A 1 99  ? 7.28632   -5.00195  0.52622   1.000 13.08771 ? 99  GLU A C   1 
ATOM   639  O  O   . GLU A 1 99  ? 6.72360   -4.29314  1.36877   1.000 14.56353 ? 99  GLU A O   1 
ATOM   640  C  CB  . GLU A 1 99  ? 9.67776   -4.89337  1.21667   1.000 15.24671 ? 99  GLU A CB  1 
ATOM   641  C  CG  . GLU A 1 99  ? 9.62627   -6.30868  1.77319   1.000 18.77908 ? 99  GLU A CG  1 
ATOM   642  C  CD  . GLU A 1 99  ? 10.65171  -6.54319  2.85431   1.000 23.56689 ? 99  GLU A CD  1 
ATOM   643  O  OE1 . GLU A 1 99  ? 11.61771  -5.75698  2.94331   1.000 27.17495 ? 99  GLU A OE1 1 
ATOM   644  O  OE2 . GLU A 1 99  ? 10.48561  -7.51268  3.61960   1.000 21.89300 ? 99  GLU A OE2 1 
ATOM   645  N  N   . ILE A 1 100 ? 6.70418   -6.04874  -0.04837  1.000 12.35412 ? 100 ILE A N   1 
ATOM   646  C  CA  . ILE A 1 100 ? 5.36532   -6.49412  0.31196   1.000 12.88035 ? 100 ILE A CA  1 
ATOM   647  C  C   . ILE A 1 100 ? 5.49480   -7.69515  1.23050   1.000 11.49729 ? 100 ILE A C   1 
ATOM   648  O  O   . ILE A 1 100 ? 6.23901   -8.64010  0.93231   1.000 12.89798 ? 100 ILE A O   1 
ATOM   649  C  CB  . ILE A 1 100 ? 4.52838   -6.82435  -0.92935  1.000 12.75184 ? 100 ILE A CB  1 
ATOM   650  C  CG1 . ILE A 1 100 ? 4.45251   -5.58812  -1.82761  1.000 13.76561 ? 100 ILE A CG1 1 
ATOM   651  C  CG2 . ILE A 1 100 ? 3.12542   -7.26206  -0.52095  1.000 15.82525 ? 100 ILE A CG2 1 
ATOM   652  C  CD1 . ILE A 1 100 ? 3.74863   -5.81786  -3.13942  1.000 16.06716 ? 100 ILE A CD1 1 
ATOM   653  N  N   . GLN A 1 101 ? 4.76147   -7.66956  2.33832   1.000 12.37543 ? 101 GLN A N   1 
ATOM   654  C  CA  . GLN A 1 101 ? 4.76022   -8.72082  3.34382   1.000 11.80450 ? 101 GLN A CA  1 
ATOM   655  C  C   . GLN A 1 101 ? 3.31857   -9.09980  3.65793   1.000 11.81785 ? 101 GLN A C   1 
ATOM   656  O  O   . GLN A 1 101 ? 2.37975   -8.34167  3.38554   1.000 12.28646 ? 101 GLN A O   1 
ATOM   657  C  CB  . GLN A 1 101 ? 5.42847   -8.25141  4.64334   1.000 13.42647 ? 101 GLN A CB  1 
ATOM   658  C  CG  . GLN A 1 101 ? 6.79661   -7.61587  4.45457   1.000 13.89555 ? 101 GLN A CG  1 
ATOM   659  C  CD  . GLN A 1 101 ? 7.38918   -7.14355  5.76344   1.000 15.07251 ? 101 GLN A CD  1 
ATOM   660  O  OE1 . GLN A 1 101 ? 6.66514   -6.78400  6.68969   1.000 16.24794 ? 101 GLN A OE1 1 
ATOM   661  N  NE2 . GLN A 1 101 ? 8.71337   -7.17010  5.85927   1.000 20.81782 ? 101 GLN A NE2 1 
ATOM   662  N  N   . TYR A 1 102 ? 3.13800   -10.26601 4.27141   1.000 13.04625 ? 102 TYR A N   1 
ATOM   663  C  CA  . TYR A 1 102 ? 1.81939   -10.64759 4.75664   1.000 13.44709 ? 102 TYR A CA  1 
ATOM   664  C  C   . TYR A 1 102 ? 1.95525   -11.22239 6.15724   1.000 13.25048 ? 102 TYR A C   1 
ATOM   665  O  O   . TYR A 1 102 ? 3.04442   -11.60384 6.59226   1.000 14.16870 ? 102 TYR A O   1 
ATOM   666  C  CB  . TYR A 1 102 ? 1.11611   -11.65339 3.83062   1.000 15.18742 ? 102 TYR A CB  1 
ATOM   667  C  CG  . TYR A 1 102 ? 1.63748   -13.04777 4.01644   1.000 14.44482 ? 102 TYR A CG  1 
ATOM   668  C  CD1 . TYR A 1 102 ? 2.79173   -13.45413 3.36747   1.000 16.61512 ? 102 TYR A CD1 1 
ATOM   669  C  CD2 . TYR A 1 102 ? 0.99468   -13.96121 4.85616   1.000 16.46455 ? 102 TYR A CD2 1 
ATOM   670  C  CE1 . TYR A 1 102 ? 3.29619   -14.72042 3.53448   1.000 16.19675 ? 102 TYR A CE1 1 
ATOM   671  C  CE2 . TYR A 1 102 ? 1.49469   -15.24334 5.03226   1.000 17.52408 ? 102 TYR A CE2 1 
ATOM   672  C  CZ  . TYR A 1 102 ? 2.65138   -15.60929 4.37184   1.000 16.41900 ? 102 TYR A CZ  1 
ATOM   673  O  OH  . TYR A 1 102 ? 3.16390   -16.87851 4.53892   1.000 18.96054 ? 102 TYR A OH  1 
ATOM   674  N  N   . SER A 1 103 ? 0.82731   -11.29586 6.85480   1.000 13.41503 ? 103 SER A N   1 
ATOM   675  C  CA  . SER A 1 103 ? 0.78791   -11.88556 8.18167   1.000 13.36392 ? 103 SER A CA  1 
ATOM   676  C  C   . SER A 1 103 ? -0.42434  -12.78852 8.27481   1.000 14.76501 ? 103 SER A C   1 
ATOM   677  O  O   . SER A 1 103 ? -1.53163  -12.38815 7.90309   1.000 15.05691 ? 103 SER A O   1 
ATOM   678  C  CB  . SER A 1 103 ? 0.66293   -10.81719 9.26306   1.000 13.82859 ? 103 SER A CB  1 
ATOM   679  O  OG  . SER A 1 103 ? 0.54955   -11.43632 10.53676  1.000 15.59701 ? 103 SER A OG  1 
ATOM   680  N  N   . ALA A 1 104 ? -0.21487  -13.99893 8.78325   1.000 14.85838 ? 104 ALA A N   1 
ATOM   681  C  CA  . ALA A 1 104 ? -1.32700  -14.90884 9.02223   1.000 18.83970 ? 104 ALA A CA  1 
ATOM   682  C  C   . ALA A 1 104 ? -2.10502  -14.56828 10.28295  1.000 21.14910 ? 104 ALA A C   1 
ATOM   683  O  O   . ALA A 1 104 ? -3.26420  -14.97920 10.40631  1.000 24.71249 ? 104 ALA A O   1 
ATOM   684  C  CB  . ALA A 1 104 ? -0.82406  -16.35096 9.11856   1.000 22.32547 ? 104 ALA A CB  1 
ATOM   685  N  N   . ASP A 1 105 ? -1.50193  -13.84196 11.22163  1.000 20.24247 ? 105 ASP A N   1 
ATOM   686  C  CA  . ASP A 1 105 ? -2.14448  -13.54873 12.49170  1.000 21.22609 ? 105 ASP A CA  1 
ATOM   687  C  C   . ASP A 1 105 ? -2.29284  -12.06620 12.79069  1.000 23.87479 ? 105 ASP A C   1 
ATOM   688  O  O   . ASP A 1 105 ? -2.94010  -11.71891 13.78548  1.000 25.55940 ? 105 ASP A O   1 
ATOM   689  C  CB  . ASP A 1 105 ? -1.41812  -14.25268 13.65353  1.000 26.31403 ? 105 ASP A CB  1 
ATOM   690  C  CG  . ASP A 1 105 ? 0.04202   -13.83765 13.78501  1.000 29.35350 ? 105 ASP A CG  1 
ATOM   691  O  OD1 . ASP A 1 105 ? 0.45924   -12.82682 13.17906  1.000 25.03140 ? 105 ASP A OD1 1 
ATOM   692  O  OD2 . ASP A 1 105 ? 0.78410   -14.53180 14.50997  1.000 36.67167 ? 105 ASP A OD2 1 
ATOM   693  N  N   . GLY A 1 106 ? -1.72186  -11.18765 11.96972  1.000 19.04434 ? 106 GLY A N   1 
ATOM   694  C  CA  . GLY A 1 106 ? -1.80298  -9.76339  12.19508  1.000 19.99070 ? 106 GLY A CA  1 
ATOM   695  C  C   . GLY A 1 106 ? -0.65132  -9.18284  12.98240  1.000 19.51918 ? 106 GLY A C   1 
ATOM   696  O  O   . GLY A 1 106 ? -0.55170  -7.95345  13.08702  1.000 20.73849 ? 106 GLY A O   1 
ATOM   697  N  N   . HIS A 1 107 ? 0.22499   -10.02438 13.53043  1.000 20.74203 ? 107 HIS A N   1 
ATOM   698  C  CA  . HIS A 1 107 ? 1.34625   -9.58631  14.35248  1.000 25.18833 ? 107 HIS A CA  1 
ATOM   699  C  C   . HIS A 1 107 ? 2.69373   -9.90147  13.72405  1.000 19.50187 ? 107 HIS A C   1 
ATOM   700  O  O   . HIS A 1 107 ? 3.56895   -9.02674  13.68008  1.000 24.66480 ? 107 HIS A O   1 
ATOM   701  C  CB  . HIS A 1 107 ? 1.26068   -10.23336 15.74579  1.000 30.06914 ? 107 HIS A CB  1 
ATOM   702  C  CG  . HIS A 1 107 ? -0.10005  -10.16254 16.36484  1.000 26.37554 ? 107 HIS A CG  1 
ATOM   703  N  ND1 . HIS A 1 107 ? -0.57171  -9.03342  16.99928  1.000 35.73754 ? 107 HIS A ND1 1 
ATOM   704  C  CD2 . HIS A 1 107 ? -1.09048  -11.08300 16.44857  1.000 30.98139 ? 107 HIS A CD2 1 
ATOM   705  C  CE1 . HIS A 1 107 ? -1.79504  -9.26006  17.44455  1.000 38.57619 ? 107 HIS A CE1 1 
ATOM   706  N  NE2 . HIS A 1 107 ? -2.13312  -10.49655 17.12435  1.000 35.22487 ? 107 HIS A NE2 1 
ATOM   707  N  N   . THR A 1 108 ? 2.87760   -11.12181 13.22143  1.000 19.53160 ? 108 THR A N   1 
ATOM   708  C  CA  . THR A 1 108 ? 4.14391   -11.57177 12.65733  1.000 19.96478 ? 108 THR A CA  1 
ATOM   709  C  C   . THR A 1 108 ? 4.05184   -11.53838 11.13909  1.000 16.88313 ? 108 THR A C   1 
ATOM   710  O  O   . THR A 1 108 ? 3.13180   -12.12141 10.56069  1.000 17.19019 ? 108 THR A O   1 
ATOM   711  C  CB  . THR A 1 108 ? 4.43350   -13.00406 13.10339  1.000 25.91921 ? 108 THR A CB  1 
ATOM   712  O  OG1 . THR A 1 108 ? 4.29446   -13.10127 14.52698  1.000 35.11647 ? 108 THR A OG1 1 
ATOM   713  C  CG2 . THR A 1 108 ? 5.83901   -13.41079 12.69586  1.000 31.08132 ? 108 THR A CG2 1 
ATOM   714  N  N   . PHE A 1 109 ? 5.01539   -10.88032 10.49954  1.000 17.16412 ? 109 PHE A N   1 
ATOM   715  C  CA  . PHE A 1 109 ? 4.97328   -10.63709 9.06459   1.000 14.73299 ? 109 PHE A CA  1 
ATOM   716  C  C   . PHE A 1 109 ? 6.08445   -11.38118 8.33635   1.000 15.26862 ? 109 PHE A C   1 
ATOM   717  O  O   . PHE A 1 109 ? 7.20304   -11.51185 8.84422   1.000 20.35301 ? 109 PHE A O   1 
ATOM   718  C  CB  . PHE A 1 109 ? 5.02527   -9.13521  8.76376   1.000 16.51730 ? 109 PHE A CB  1 
ATOM   719  C  CG  . PHE A 1 109 ? 3.72702   -8.43828  9.03802   1.000 14.38064 ? 109 PHE A CG  1 
ATOM   720  C  CD1 . PHE A 1 109 ? 3.36324   -8.12038  10.33459  1.000 16.32090 ? 109 PHE A CD1 1 
ATOM   721  C  CD2 . PHE A 1 109 ? 2.84166   -8.15569  8.01422   1.000 15.10034 ? 109 PHE A CD2 1 
ATOM   722  C  CE1 . PHE A 1 109 ? 2.15276   -7.50063  10.60325  1.000 16.24408 ? 109 PHE A CE1 1 
ATOM   723  C  CE2 . PHE A 1 109 ? 1.62579   -7.53871  8.28268   1.000 15.53706 ? 109 PHE A CE2 1 
ATOM   724  C  CZ  . PHE A 1 109 ? 1.28507   -7.20937  9.57915   1.000 15.09931 ? 109 PHE A CZ  1 
ATOM   725  N  N   . THR A 1 110 ? 5.76330   -11.83792 7.13038   1.000 14.47289 ? 110 THR A N   1 
ATOM   726  C  CA  . THR A 1 110 ? 6.64956   -12.62866 6.29080   1.000 15.35014 ? 110 THR A CA  1 
ATOM   727  C  C   . THR A 1 110 ? 6.81684   -11.90384 4.96628   1.000 13.46083 ? 110 THR A C   1 
ATOM   728  O  O   . THR A 1 110 ? 5.82616   -11.48151 4.36286   1.000 13.50653 ? 110 THR A O   1 
ATOM   729  C  CB  . THR A 1 110 ? 6.01709   -13.99865 6.02668   1.000 16.40215 ? 110 THR A CB  1 
ATOM   730  O  OG1 . THR A 1 110 ? 5.81273   -14.68916 7.26805   1.000 19.95679 ? 110 THR A OG1 1 
ATOM   731  C  CG2 . THR A 1 110 ? 6.90339   -14.83309 5.11950   1.000 19.67860 ? 110 THR A CG2 1 
ATOM   732  N  N   . LYS A 1 111 ? 8.06096   -11.77163 4.50904   1.000 15.13890 ? 111 LYS A N   1 
ATOM   733  C  CA  . LYS A 1 111 ? 8.31138   -11.13265 3.22174   1.000 13.50784 ? 111 LYS A CA  1 
ATOM   734  C  C   . LYS A 1 111 ? 7.74959   -11.97729 2.08443   1.000 13.19408 ? 111 LYS A C   1 
ATOM   735  O  O   . LYS A 1 111 ? 7.98032   -13.19462 2.01986   1.000 14.10692 ? 111 LYS A O   1 
ATOM   736  C  CB  . LYS A 1 111 ? 9.80500   -10.90386 3.00241   1.000 14.94914 ? 111 LYS A CB  1 
ATOM   737  C  CG  . LYS A 1 111 ? 10.13295  -10.45582 1.57856   1.000 18.45090 ? 111 LYS A CG  1 
ATOM   738  C  CD  . LYS A 1 111 ? 11.58593  -10.03703 1.43239   1.000 19.57803 ? 111 LYS A CD  1 
ATOM   739  C  CE  . LYS A 1 111 ? 11.82595  -9.39406  0.07881   1.000 24.56163 ? 111 LYS A CE  1 
ATOM   740  N  NZ  . LYS A 1 111 ? 13.25419  -9.00229  -0.08011  1.000 28.56664 ? 111 LYS A NZ  1 
ATOM   741  N  N   . LEU A 1 112 ? 7.02673   -11.32525 1.17689   1.000 13.59366 ? 112 LEU A N   1 
ATOM   742  C  CA  . LEU A 1 112 ? 6.50151   -11.95636 -0.01838  1.000 16.67679 ? 112 LEU A CA  1 
ATOM   743  C  C   . LEU A 1 112 ? 7.33878   -11.61956 -1.24245  1.000 17.15323 ? 112 LEU A C   1 
ATOM   744  O  O   . LEU A 1 112 ? 7.84188   -12.52218 -1.91348  1.000 19.81180 ? 112 LEU A O   1 
ATOM   745  C  CB  . LEU A 1 112 ? 5.04679   -11.53131 -0.23941  1.000 15.88759 ? 112 LEU A CB  1 
ATOM   746  C  CG  . LEU A 1 112 ? 4.36596   -12.17794 -1.44140  1.000 21.18625 ? 112 LEU A CG  1 
ATOM   747  C  CD1 . LEU A 1 112 ? 4.31062   -13.69602 -1.29484  1.000 22.70321 ? 112 LEU A CD1 1 
ATOM   748  C  CD2 . LEU A 1 112 ? 2.98729   -11.57686 -1.63790  1.000 24.83387 ? 112 LEU A CD2 1 
ATOM   749  N  N   . ILE A 1 113 ? 7.53034   -10.33257 -1.53226  1.000 16.92502 ? 113 ILE A N   1 
ATOM   750  C  CA  . ILE A 1 113 ? 8.20651   -9.92483  -2.75604  1.000 19.49237 ? 113 ILE A CA  1 
ATOM   751  C  C   . ILE A 1 113 ? 8.68587   -8.49093  -2.59278  1.000 17.44364 ? 113 ILE A C   1 
ATOM   752  O  O   . ILE A 1 113 ? 8.08151   -7.69385  -1.86481  1.000 18.74735 ? 113 ILE A O   1 
ATOM   753  C  CB  . ILE A 1 113 ? 7.25132   -10.07036 -3.96829  1.000 22.83236 ? 113 ILE A CB  1 
ATOM   754  C  CG1 . ILE A 1 113 ? 8.00547   -9.93689  -5.29140  1.000 32.13327 ? 113 ILE A CG1 1 
ATOM   755  C  CG2 . ILE A 1 113 ? 6.14551   -9.03008  -3.90182  1.000 22.98547 ? 113 ILE A CG2 1 
ATOM   756  C  CD1 . ILE A 1 113 ? 8.47996   -11.25973 -5.85807  1.000 37.49007 ? 113 ILE A CD1 1 
ATOM   757  N  N   . ASP A 1 114 ? 9.78608   -8.16459  -3.26515  1.000 17.22840 ? 114 ASP A N   1 
ATOM   758  C  CA  . ASP A 1 114 ? 10.16958  -6.77985  -3.50682  1.000 19.32151 ? 114 ASP A CA  1 
ATOM   759  C  C   . ASP A 1 114 ? 9.52677   -6.35762  -4.82015  1.000 20.10656 ? 114 ASP A C   1 
ATOM   760  O  O   . ASP A 1 114 ? 9.76162   -6.98649  -5.85986  1.000 22.88071 ? 114 ASP A O   1 
ATOM   761  C  CB  . ASP A 1 114 ? 11.68896  -6.66977  -3.61467  1.000 22.13887 ? 114 ASP A CB  1 
ATOM   762  C  CG  . ASP A 1 114 ? 12.38133  -6.83736  -2.28177  1.000 24.97231 ? 114 ASP A CG  1 
ATOM   763  O  OD1 . ASP A 1 114 ? 11.98083  -6.15692  -1.31220  1.000 29.39431 ? 114 ASP A OD1 1 
ATOM   764  O  OD2 . ASP A 1 114 ? 13.33049  -7.64806  -2.20558  1.000 28.45946 ? 114 ASP A OD2 1 
ATOM   765  N  N   . LYS A 1 115 ? 8.70659   -5.31013  -4.77648  1.000 16.47492 ? 115 LYS A N   1 
ATOM   766  C  CA  . LYS A 1 115 ? 7.97427   -4.84491  -5.94696  1.000 16.13476 ? 115 LYS A CA  1 
ATOM   767  C  C   . LYS A 1 115 ? 8.29521   -3.37950  -6.19451  1.000 15.81011 ? 115 LYS A C   1 
ATOM   768  O  O   . LYS A 1 115 ? 8.11988   -2.54252  -5.30167  1.000 16.67232 ? 115 LYS A O   1 
ATOM   769  C  CB  . LYS A 1 115 ? 6.47125   -5.01249  -5.73924  1.000 18.29119 ? 115 LYS A CB  1 
ATOM   770  C  CG  . LYS A 1 115 ? 5.62517   -4.32769  -6.78652  1.000 20.25885 ? 115 LYS A CG  1 
ATOM   771  C  CD  . LYS A 1 115 ? 5.73693   -4.98110  -8.15825  1.000 18.76170 ? 115 LYS A CD  1 
ATOM   772  C  CE  . LYS A 1 115 ? 4.77256   -4.29779  -9.11393  1.000 22.17585 ? 115 LYS A CE  1 
ATOM   773  N  NZ  . LYS A 1 115 ? 4.81714   -4.86010  -10.48753 1.000 31.19756 ? 115 LYS A NZ  1 
ATOM   774  N  N   . ASP A 1 116 ? 8.75537   -3.07167  -7.40089  1.000 14.47112 ? 116 ASP A N   1 
ATOM   775  C  CA  . ASP A 1 116 ? 9.01279   -1.70063  -7.81803  1.000 14.85908 ? 116 ASP A CA  1 
ATOM   776  C  C   . ASP A 1 116 ? 7.78774   -1.22910  -8.58780  1.000 14.14919 ? 116 ASP A C   1 
ATOM   777  O  O   . ASP A 1 116 ? 7.52382   -1.69617  -9.70220  1.000 16.12737 ? 116 ASP A O   1 
ATOM   778  C  CB  . ASP A 1 116 ? 10.25998  -1.65189  -8.69719  1.000 17.64063 ? 116 ASP A CB  1 
ATOM   779  C  CG  . ASP A 1 116 ? 10.68814  -0.23285  -9.04094  1.000 17.70930 ? 116 ASP A CG  1 
ATOM   780  O  OD1 . ASP A 1 116 ? 10.01082  0.73608   -8.64122  1.000 16.44638 ? 116 ASP A OD1 1 
ATOM   781  O  OD2 . ASP A 1 116 ? 11.73156  -0.09403  -9.71231  1.000 21.25038 ? 116 ASP A OD2 1 
ATOM   782  N  N   . PHE A 1 117 ? 7.02341   -0.32216  -7.98261  1.000 14.82689 ? 117 PHE A N   1 
ATOM   783  C  CA  . PHE A 1 117 ? 5.88857   0.27237   -8.66981  1.000 14.01129 ? 117 PHE A CA  1 
ATOM   784  C  C   . PHE A 1 117 ? 6.29765   1.40610   -9.59971  1.000 14.44071 ? 117 PHE A C   1 
ATOM   785  O  O   . PHE A 1 117 ? 5.44066   1.94961   -10.29883 1.000 16.13451 ? 117 PHE A O   1 
ATOM   786  C  CB  . PHE A 1 117 ? 4.83322   0.73342   -7.66294  1.000 14.01743 ? 117 PHE A CB  1 
ATOM   787  C  CG  . PHE A 1 117 ? 4.10637   -0.39825  -6.97505  1.000 13.81033 ? 117 PHE A CG  1 
ATOM   788  C  CD1 . PHE A 1 117 ? 3.04711   -1.04172  -7.59708  1.000 14.37873 ? 117 PHE A CD1 1 
ATOM   789  C  CD2 . PHE A 1 117 ? 4.47249   -0.79489  -5.70177  1.000 13.88440 ? 117 PHE A CD2 1 
ATOM   790  C  CE1 . PHE A 1 117 ? 2.36222   -2.07075  -6.95254  1.000 14.19005 ? 117 PHE A CE1 1 
ATOM   791  C  CE2 . PHE A 1 117 ? 3.80202   -1.81832  -5.05491  1.000 15.29759 ? 117 PHE A CE2 1 
ATOM   792  C  CZ  . PHE A 1 117 ? 2.74290   -2.46012  -5.68633  1.000 14.19773 ? 117 PHE A CZ  1 
ATOM   793  N  N   A GLN A 1 118 ? 7.57898   1.77498   -9.62923  0.473 13.99521 ? 118 GLN A N   1 
ATOM   794  N  N   B GLN A 1 118 ? 7.57394   1.78903   -9.58237  0.527 13.90896 ? 118 GLN A N   1 
ATOM   795  C  CA  A GLN A 1 118 ? 8.17544   2.60865   -10.67240 0.473 14.96258 ? 118 GLN A CA  1 
ATOM   796  C  CA  B GLN A 1 118 ? 8.18875   2.59849   -10.62446 0.527 14.97169 ? 118 GLN A CA  1 
ATOM   797  C  C   A GLN A 1 118 ? 7.76674   4.07298   -10.61893 0.473 13.48081 ? 118 GLN A C   1 
ATOM   798  C  C   B GLN A 1 118 ? 7.66049   4.02418   -10.66944 0.527 13.40904 ? 118 GLN A C   1 
ATOM   799  O  O   A GLN A 1 118 ? 8.11314   4.82921   -11.53428 0.473 17.95364 ? 118 GLN A O   1 
ATOM   800  O  O   B GLN A 1 118 ? 7.80306   4.70080   -11.69468 0.527 17.21304 ? 118 GLN A O   1 
ATOM   801  C  CB  A GLN A 1 118 ? 7.90501   2.07265   -12.08473 0.473 18.35532 ? 118 GLN A CB  1 
ATOM   802  C  CB  B GLN A 1 118 ? 8.06535   1.92462   -11.99667 0.527 18.77741 ? 118 GLN A CB  1 
ATOM   803  C  CG  A GLN A 1 118 ? 8.43243   0.68123   -12.34394 0.473 20.81299 ? 118 GLN A CG  1 
ATOM   804  C  CG  B GLN A 1 118 ? 8.59077   0.49591   -12.01797 0.527 19.29976 ? 118 GLN A CG  1 
ATOM   805  C  CD  A GLN A 1 118 ? 8.38196   0.31390   -13.81597 0.473 22.67751 ? 118 GLN A CD  1 
ATOM   806  C  CD  B GLN A 1 118 ? 8.70719   -0.06353  -13.42390 0.527 21.27458 ? 118 GLN A CD  1 
ATOM   807  O  OE1 A GLN A 1 118 ? 8.90181   1.03648   -14.66613 0.473 17.59633 ? 118 GLN A OE1 1 
ATOM   808  O  OE1 B GLN A 1 118 ? 7.83013   0.14593   -14.26536 0.527 24.58607 ? 118 GLN A OE1 1 
ATOM   809  N  NE2 A GLN A 1 118 ? 7.75952   -0.81858  -14.12280 0.473 28.33229 ? 118 GLN A NE2 1 
ATOM   810  N  NE2 B GLN A 1 118 ? 9.79530   -0.77618  -13.68612 0.527 25.61280 ? 118 GLN A NE2 1 
ATOM   811  N  N   . GLY A 1 119 ? 7.04922   4.50592   -9.58540  1.000 13.92909 ? 119 GLY A N   1 
ATOM   812  C  CA  . GLY A 1 119 ? 6.48357   5.83934   -9.61020  1.000 14.47197 ? 119 GLY A CA  1 
ATOM   813  C  C   . GLY A 1 119 ? 5.40144   5.98995   -10.64873 1.000 14.99890 ? 119 GLY A C   1 
ATOM   814  O  O   . GLY A 1 119 ? 5.10164   7.10659   -11.07462 1.000 16.21595 ? 119 GLY A O   1 
ATOM   815  N  N   . SER A 1 120 ? 4.81532   4.88139   -11.08248 1.000 15.05338 ? 120 SER A N   1 
ATOM   816  C  CA  . SER A 1 120 ? 3.82118   4.90691   -12.13957 1.000 16.04997 ? 120 SER A CA  1 
ATOM   817  C  C   . SER A 1 120 ? 2.56366   5.64300   -11.68739 1.000 15.69945 ? 120 SER A C   1 
ATOM   818  O  O   . SER A 1 120 ? 2.16921   5.60546   -10.51401 1.000 14.52323 ? 120 SER A O   1 
ATOM   819  C  CB  . SER A 1 120 ? 3.46049   3.47319   -12.52938 1.000 18.32050 ? 120 SER A CB  1 
ATOM   820  O  OG  . SER A 1 120 ? 2.31116   3.44115   -13.34980 1.000 20.05366 ? 120 SER A OG  1 
ATOM   821  N  N   . ALA A 1 121 ? 1.92538   6.31074   -12.64230 1.000 16.33567 ? 121 ALA A N   1 
ATOM   822  C  CA  . ALA A 1 121 ? 0.66259   6.98172   -12.39925 1.000 16.36108 ? 121 ALA A CA  1 
ATOM   823  C  C   . ALA A 1 121 ? -0.53413  6.07029   -12.59770 1.000 18.76446 ? 121 ALA A C   1 
ATOM   824  O  O   . ALA A 1 121 ? -1.66711  6.51484   -12.39478 1.000 18.19410 ? 121 ALA A O   1 
ATOM   825  C  CB  . ALA A 1 121 ? 0.52531   8.20915   -13.30644 1.000 18.94567 ? 121 ALA A CB  1 
ATOM   826  N  N   . THR A 1 122 ? -0.31328  4.81854   -12.98476 1.000 17.14322 ? 122 THR A N   1 
ATOM   827  C  CA  . THR A 1 122 ? -1.38766  3.86709   -13.21272 1.000 18.40306 ? 122 THR A CA  1 
ATOM   828  C  C   . THR A 1 122 ? -1.31649  2.71994   -12.21152 1.000 17.17510 ? 122 THR A C   1 
ATOM   829  O  O   . THR A 1 122 ? -0.29298  2.48592   -11.55875 1.000 16.26710 ? 122 THR A O   1 
ATOM   830  C  CB  . THR A 1 122 ? -1.34451  3.32356   -14.64469 1.000 21.35282 ? 122 THR A CB  1 
ATOM   831  O  OG1 . THR A 1 122 ? -0.08677  2.68141   -14.87800 1.000 26.92972 ? 122 THR A OG1 1 
ATOM   832  C  CG2 . THR A 1 122 ? -1.52394  4.45315   -15.64437 1.000 23.00414 ? 122 THR A CG2 1 
ATOM   833  N  N   . ALA A 1 123 ? -2.43563  2.01220   -12.09882 1.000 17.97660 ? 123 ALA A N   1 
ATOM   834  C  CA  . ALA A 1 123 ? -2.54066  0.92210   -11.14160 1.000 15.84200 ? 123 ALA A CA  1 
ATOM   835  C  C   . ALA A 1 123 ? -1.47420  -0.13536  -11.40056 1.000 18.56248 ? 123 ALA A C   1 
ATOM   836  O  O   . ALA A 1 123 ? -1.11306  -0.42204  -12.54857 1.000 17.92846 ? 123 ALA A O   1 
ATOM   837  C  CB  . ALA A 1 123 ? -3.93219  0.29964   -11.22208 1.000 17.61032 ? 123 ALA A CB  1 
ATOM   838  N  N   . GLY A 1 124 ? -0.95343  -0.69663  -10.31467 1.000 13.96300 ? 124 GLY A N   1 
ATOM   839  C  CA  . GLY A 1 124 ? 0.00902   -1.77535  -10.38666 1.000 16.63662 ? 124 GLY A CA  1 
ATOM   840  C  C   . GLY A 1 124 ? -0.51096  -3.00547  -9.68189  1.000 16.25544 ? 124 GLY A C   1 
ATOM   841  O  O   . GLY A 1 124 ? -0.83479  -2.96975  -8.49090  1.000 15.86048 ? 124 GLY A O   1 
ATOM   842  N  N   . LYS A 1 125 ? -0.60026  -4.09950  -10.42292 1.000 18.98386 ? 125 LYS A N   1 
ATOM   843  C  CA  . LYS A 1 125 ? -1.11369  -5.35412  -9.90479  1.000 16.79002 ? 125 LYS A CA  1 
ATOM   844  C  C   . LYS A 1 125 ? 0.04948   -6.26345  -9.54274  1.000 21.44251 ? 125 LYS A C   1 
ATOM   845  O  O   . LYS A 1 125 ? 1.06989   -6.29746  -10.23967 1.000 23.62409 ? 125 LYS A O   1 
ATOM   846  C  CB  . LYS A 1 125 ? -2.00683  -6.02010  -10.95334 1.000 22.98940 ? 125 LYS A CB  1 
ATOM   847  C  CG  . LYS A 1 125 ? -2.67131  -7.30939  -10.50081 1.000 25.75493 ? 125 LYS A CG  1 
ATOM   848  C  CD  . LYS A 1 125 ? -3.32702  -8.03104  -11.66782 1.000 30.23978 ? 125 LYS A CD  1 
ATOM   849  C  CE  . LYS A 1 125 ? -4.75714  -7.55702  -11.85324 1.000 33.30497 ? 125 LYS A CE  1 
ATOM   850  N  NZ  . LYS A 1 125 ? -5.66395  -8.62465  -12.35163 1.000 34.59965 ? 125 LYS A NZ  1 
ATOM   851  N  N   . VAL A 1 126 ? -0.09776  -6.97909  -8.43447  1.000 16.64310 ? 126 VAL A N   1 
ATOM   852  C  CA  . VAL A 1 126 ? 0.85265   -7.99878  -8.02158  1.000 18.72700 ? 126 VAL A CA  1 
ATOM   853  C  C   . VAL A 1 126 ? 0.07139   -9.28811  -7.86471  1.000 14.65282 ? 126 VAL A C   1 
ATOM   854  O  O   . VAL A 1 126 ? -0.83830  -9.36867  -7.03508  1.000 14.76704 ? 126 VAL A O   1 
ATOM   855  C  CB  . VAL A 1 126 ? 1.55231   -7.61585  -6.70988  1.000 16.50425 ? 126 VAL A CB  1 
ATOM   856  C  CG1 . VAL A 1 126 ? 2.49879   -8.72293  -6.25911  1.000 21.84976 ? 126 VAL A CG1 1 
ATOM   857  C  CG2 . VAL A 1 126 ? 2.30170   -6.29578  -6.88136  1.000 22.45288 ? 126 VAL A CG2 1 
ATOM   858  N  N   A THR A 1 127 ? 0.42841   -10.29917 -8.65391  0.630 16.03386 ? 127 THR A N   1 
ATOM   859  N  N   B THR A 1 127 ? 0.40367   -10.28014 -8.67908  0.370 16.07161 ? 127 THR A N   1 
ATOM   860  C  CA  A THR A 1 127 ? -0.23913  -11.59590 -8.63633  0.630 16.33390 ? 127 THR A CA  1 
ATOM   861  C  CA  B THR A 1 127 ? -0.22994  -11.58537 -8.61127  0.370 16.39535 ? 127 THR A CA  1 
ATOM   862  C  C   A THR A 1 127 ? 0.68066   -12.62689 -7.99886  0.630 16.07856 ? 127 THR A C   1 
ATOM   863  C  C   B THR A 1 127 ? 0.70973   -12.55542 -7.91358  0.370 16.07681 ? 127 THR A C   1 
ATOM   864  O  O   A THR A 1 127 ? 1.85159   -12.73789 -8.37952  0.630 22.23444 ? 127 THR A O   1 
ATOM   865  O  O   B THR A 1 127 ? 1.92234   -12.54066 -8.14801  0.370 20.39561 ? 127 THR A O   1 
ATOM   866  C  CB  A THR A 1 127 ? -0.60433  -12.03870 -10.05548 0.630 18.61006 ? 127 THR A CB  1 
ATOM   867  C  CB  B THR A 1 127 ? -0.55548  -12.09841 -10.01384 0.370 18.59844 ? 127 THR A CB  1 
ATOM   868  O  OG1 A THR A 1 127 ? -1.46355  -11.06220 -10.65674 0.630 19.36099 ? 127 THR A OG1 1 
ATOM   869  O  OG1 B THR A 1 127 ? 0.66159   -12.33704 -10.72815 0.370 18.77059 ? 127 THR A OG1 1 
ATOM   870  C  CG2 A THR A 1 127 ? -1.32051  -13.38392 -10.03133 0.630 22.25120 ? 127 THR A CG2 1 
ATOM   871  C  CG2 B THR A 1 127 ? -1.38905  -11.07618 -10.77333 0.370 19.46256 ? 127 THR A CG2 1 
ATOM   872  N  N   . PHE A 1 128 ? 0.14760   -13.38087 -7.04116  1.000 15.47320 ? 128 PHE A N   1 
ATOM   873  C  CA  . PHE A 1 128 ? 0.90508   -14.41263 -6.35108  1.000 15.50778 ? 128 PHE A CA  1 
ATOM   874  C  C   . PHE A 1 128 ? 0.77654   -15.73542 -7.09957  1.000 16.33984 ? 128 PHE A C   1 
ATOM   875  O  O   . PHE A 1 128 ? -0.26508  -16.03019 -7.68862  1.000 20.03350 ? 128 PHE A O   1 
ATOM   876  C  CB  . PHE A 1 128 ? 0.39477   -14.62436 -4.92139  1.000 18.30039 ? 128 PHE A CB  1 
ATOM   877  C  CG  . PHE A 1 128 ? -0.07615  -13.37648 -4.21268  1.000 19.26693 ? 128 PHE A CG  1 
ATOM   878  C  CD1 . PHE A 1 128 ? 0.54398   -12.14877 -4.39645  1.000 18.40374 ? 128 PHE A CD1 1 
ATOM   879  C  CD2 . PHE A 1 128 ? -1.16700  -13.44202 -3.35837  1.000 20.48568 ? 128 PHE A CD2 1 
ATOM   880  C  CE1 . PHE A 1 128 ? 0.09050   -11.01054 -3.72496  1.000 16.34580 ? 128 PHE A CE1 1 
ATOM   881  C  CE2 . PHE A 1 128 ? -1.61713  -12.31447 -2.68434  1.000 21.92752 ? 128 PHE A CE2 1 
ATOM   882  C  CZ  . PHE A 1 128 ? -0.98842  -11.09797 -2.87165  1.000 18.14303 ? 128 PHE A CZ  1 
ATOM   883  N  N   . ASP A 1 129 ? 1.83470   -16.54843 -7.05759  1.000 14.48537 ? 129 ASP A N   1 
ATOM   884  C  CA  . ASP A 1 129 ? 1.77402   -17.86721 -7.68571  1.000 17.19435 ? 129 ASP A CA  1 
ATOM   885  C  C   . ASP A 1 129 ? 1.38514   -18.96482 -6.69911  1.000 15.93275 ? 129 ASP A C   1 
ATOM   886  O  O   . ASP A 1 129 ? 1.49644   -20.15058 -7.02681  1.000 18.76567 ? 129 ASP A O   1 
ATOM   887  C  CB  . ASP A 1 129 ? 3.07297   -18.20437 -8.43738  1.000 20.81069 ? 129 ASP A CB  1 
ATOM   888  C  CG  . ASP A 1 129 ? 4.29176   -18.25045 -7.54192  1.000 20.18618 ? 129 ASP A CG  1 
ATOM   889  O  OD1 . ASP A 1 129 ? 4.14354   -18.44359 -6.31828  1.000 22.95750 ? 129 ASP A OD1 1 
ATOM   890  O  OD2 . ASP A 1 129 ? 5.41119   -18.05104 -8.06581  1.000 27.52601 ? 129 ASP A OD2 1 
ATOM   891  N  N   . GLN A 1 130 ? 0.97224   -18.58988 -5.49346  1.000 15.08876 ? 130 GLN A N   1 
ATOM   892  C  CA  . GLN A 1 130 ? 0.33816   -19.45836 -4.50860  1.000 15.66218 ? 130 GLN A CA  1 
ATOM   893  C  C   . GLN A 1 130 ? -0.62068  -18.59716 -3.69938  1.000 15.43399 ? 130 GLN A C   1 
ATOM   894  O  O   . GLN A 1 130 ? -0.27661  -17.47068 -3.33072  1.000 17.36380 ? 130 GLN A O   1 
ATOM   895  C  CB  . GLN A 1 130 ? 1.34672   -20.17072 -3.57835  1.000 15.93677 ? 130 GLN A CB  1 
ATOM   896  C  CG  . GLN A 1 130 ? 0.68626   -21.18951 -2.63172  1.000 18.45225 ? 130 GLN A CG  1 
ATOM   897  C  CD  . GLN A 1 130 ? 1.53929   -21.61153 -1.42135  1.000 16.41649 ? 130 GLN A CD  1 
ATOM   898  O  OE1 . GLN A 1 130 ? 1.07470   -22.37447 -0.56770  1.000 19.19948 ? 130 GLN A OE1 1 
ATOM   899  N  NE2 . GLN A 1 130 ? 2.80004   -21.18715 -1.38585  1.000 15.79499 ? 130 GLN A NE2 1 
ATOM   900  N  N   . THR A 1 131 ? -1.82959  -19.10555 -3.46179  1.000 15.51455 ? 131 THR A N   1 
ATOM   901  C  CA  . THR A 1 131 ? -2.77408  -18.38528 -2.60994  1.000 15.42968 ? 131 THR A CA  1 
ATOM   902  C  C   . THR A 1 131 ? -2.14602  -18.12943 -1.24922  1.000 16.69116 ? 131 THR A C   1 
ATOM   903  O  O   . THR A 1 131 ? -1.44510  -18.98667 -0.69939  1.000 16.55597 ? 131 THR A O   1 
ATOM   904  C  CB  . THR A 1 131 ? -4.05916  -19.19886 -2.43656  1.000 16.58178 ? 131 THR A CB  1 
ATOM   905  O  OG1 . THR A 1 131 ? -4.61166  -19.48832 -3.72300  1.000 17.91396 ? 131 THR A OG1 1 
ATOM   906  C  CG2 . THR A 1 131 ? -5.09250  -18.44389 -1.60334  1.000 18.15257 ? 131 THR A CG2 1 
ATOM   907  N  N   . ILE A 1 132 ? -2.36837  -16.92999 -0.71917  1.000 15.39432 ? 132 ILE A N   1 
ATOM   908  C  CA  . ILE A 1 132 ? -1.87584  -16.55160 0.59858   1.000 15.38410 ? 132 ILE A CA  1 
ATOM   909  C  C   . ILE A 1 132 ? -3.05465  -16.47141 1.55135   1.000 16.57810 ? 132 ILE A C   1 
ATOM   910  O  O   . ILE A 1 132 ? -4.05613  -15.81676 1.25015   1.000 16.75051 ? 132 ILE A O   1 
ATOM   911  C  CB  . ILE A 1 132 ? -1.10279  -15.22278 0.56104   1.000 16.14585 ? 132 ILE A CB  1 
ATOM   912  C  CG1 . ILE A 1 132 ? 0.13029   -15.35637 -0.32935  1.000 16.21785 ? 132 ILE A CG1 1 
ATOM   913  C  CG2 . ILE A 1 132 ? -0.74241  -14.76405 1.96441   1.000 16.55108 ? 132 ILE A CG2 1 
ATOM   914  C  CD1 . ILE A 1 132 ? 0.75726   -14.04429 -0.64730  1.000 22.74126 ? 132 ILE A CD1 1 
ATOM   915  N  N   . GLN A 1 133 ? -2.93826  -17.11785 2.70351   1.000 14.24746 ? 133 GLN A N   1 
ATOM   916  C  CA  . GLN A 1 133 ? -3.93327  -16.99854 3.75962   1.000 14.95854 ? 133 GLN A CA  1 
ATOM   917  C  C   . GLN A 1 133 ? -3.42748  -15.94133 4.72888   1.000 16.04616 ? 133 GLN A C   1 
ATOM   918  O  O   . GLN A 1 133 ? -2.46889  -16.17004 5.47421   1.000 16.60148 ? 133 GLN A O   1 
ATOM   919  C  CB  . GLN A 1 133 ? -4.16141  -18.33631 4.45238   1.000 17.33844 ? 133 GLN A CB  1 
ATOM   920  C  CG  . GLN A 1 133 ? -4.76490  -19.38599 3.54209   1.000 23.55873 ? 133 GLN A CG  1 
ATOM   921  C  CD  . GLN A 1 133 ? -4.88855  -20.73124 4.22254   1.000 31.95467 ? 133 GLN A CD  1 
ATOM   922  O  OE1 . GLN A 1 133 ? -4.08790  -21.63484 3.99172   1.000 39.68756 ? 133 GLN A OE1 1 
ATOM   923  N  NE2 . GLN A 1 133 ? -5.89621  -20.86706 5.07532   1.000 36.11046 ? 133 GLN A NE2 1 
ATOM   924  N  N   . ALA A 1 134 ? -4.04975  -14.77362 4.69478   1.000 13.50477 ? 134 ALA A N   1 
ATOM   925  C  CA  . ALA A 1 134 ? -3.53080  -13.62431 5.41021   1.000 13.73070 ? 134 ALA A CA  1 
ATOM   926  C  C   . ALA A 1 134 ? -4.62968  -12.95411 6.21819   1.000 12.42981 ? 134 ALA A C   1 
ATOM   927  O  O   . ALA A 1 134 ? -5.77682  -12.85559 5.77296   1.000 15.26908 ? 134 ALA A O   1 
ATOM   928  C  CB  . ALA A 1 134 ? -2.94831  -12.59330 4.43719   1.000 15.23981 ? 134 ALA A CB  1 
ATOM   929  N  N   . LYS A 1 135 ? -4.26191  -12.50770 7.40591   1.000 12.91722 ? 135 LYS A N   1 
ATOM   930  C  CA  . LYS A 1 135 ? -5.04528  -11.53596 8.15482   1.000 15.01164 ? 135 LYS A CA  1 
ATOM   931  C  C   . LYS A 1 135 ? -4.68598  -10.10121 7.77724   1.000 13.37425 ? 135 LYS A C   1 
ATOM   932  O  O   . LYS A 1 135 ? -5.52248  -9.20057  7.90165   1.000 15.01720 ? 135 LYS A O   1 
ATOM   933  C  CB  . LYS A 1 135 ? -4.80708  -11.74116 9.65805   1.000 18.33888 ? 135 LYS A CB  1 
ATOM   934  C  CG  . LYS A 1 135 ? -5.49439  -10.73351 10.57366  1.000 25.28473 ? 135 LYS A CG  1 
ATOM   935  C  CD  . LYS A 1 135 ? -6.91540  -11.15247 10.90754  1.000 31.48520 ? 135 LYS A CD  1 
ATOM   936  C  CE  . LYS A 1 135 ? -7.36742  -10.56304 12.23826  1.000 31.17655 ? 135 LYS A CE  1 
ATOM   937  N  NZ  . LYS A 1 135 ? -7.62740  -9.10169  12.11255  1.000 34.88480 ? 135 LYS A NZ  1 
ATOM   938  N  N   . SER A 1 136 ? -3.45754  -9.87002  7.31423   1.000 13.20590 ? 136 SER A N   1 
ATOM   939  C  CA  . SER A 1 136 ? -2.96011  -8.53353  7.02662   1.000 11.72775 ? 136 SER A CA  1 
ATOM   940  C  C   . SER A 1 136 ? -1.94673  -8.59791  5.89538   1.000 10.94870 ? 136 SER A C   1 
ATOM   941  O  O   . SER A 1 136 ? -1.25630  -9.60775  5.72044   1.000 12.11435 ? 136 SER A O   1 
ATOM   942  C  CB  . SER A 1 136 ? -2.21137  -7.95410  8.22845   1.000 13.69289 ? 136 SER A CB  1 
ATOM   943  O  OG  . SER A 1 136 ? -2.95195  -8.07028  9.42879   1.000 15.31638 ? 136 SER A OG  1 
ATOM   944  N  N   . PHE A 1 137 ? -1.83525  -7.48685  5.16812   1.000 11.30893 ? 137 PHE A N   1 
ATOM   945  C  CA  . PHE A 1 137 ? -0.74096  -7.24269  4.24692   1.000 11.47050 ? 137 PHE A CA  1 
ATOM   946  C  C   . PHE A 1 137 ? -0.02986  -5.96519  4.66400   1.000 11.07745 ? 137 PHE A C   1 
ATOM   947  O  O   . PHE A 1 137 ? -0.63865  -5.04954  5.23221   1.000 12.38004 ? 137 PHE A O   1 
ATOM   948  C  CB  . PHE A 1 137 ? -1.23374  -7.10311  2.80571   1.000 12.57743 ? 137 PHE A CB  1 
ATOM   949  C  CG  . PHE A 1 137 ? -1.36456  -8.41991  2.09237   1.000 12.53772 ? 137 PHE A CG  1 
ATOM   950  C  CD1 . PHE A 1 137 ? -2.48055  -9.21010  2.28875   1.000 13.86626 ? 137 PHE A CD1 1 
ATOM   951  C  CD2 . PHE A 1 137 ? -0.37145  -8.87724  1.24014   1.000 14.78000 ? 137 PHE A CD2 1 
ATOM   952  C  CE1 . PHE A 1 137 ? -2.61009  -10.42927 1.64892   1.000 17.72254 ? 137 PHE A CE1 1 
ATOM   953  C  CE2 . PHE A 1 137 ? -0.50157  -10.10547 0.59391   1.000 16.95419 ? 137 PHE A CE2 1 
ATOM   954  C  CZ  . PHE A 1 137 ? -1.61921  -10.86978 0.80562   1.000 14.95749 ? 137 PHE A CZ  1 
ATOM   955  N  N   . ARG A 1 138 ? 1.26227   -5.90663  4.37682   1.000 11.06292 ? 138 ARG A N   1 
ATOM   956  C  CA  . ARG A 1 138 ? 2.09625   -4.78371  4.76357   1.000 12.19719 ? 138 ARG A CA  1 
ATOM   957  C  C   . ARG A 1 138 ? 2.97473   -4.36514  3.59744   1.000 10.99647 ? 138 ARG A C   1 
ATOM   958  O  O   . ARG A 1 138 ? 3.50002   -5.20576  2.85464   1.000 12.08308 ? 138 ARG A O   1 
ATOM   959  C  CB  . ARG A 1 138 ? 2.94735   -5.13765  5.98150   1.000 11.83266 ? 138 ARG A CB  1 
ATOM   960  C  CG  . ARG A 1 138 ? 4.01865   -4.12762  6.35152   1.000 11.73299 ? 138 ARG A CG  1 
ATOM   961  C  CD  . ARG A 1 138 ? 4.54977   -4.39850  7.74035   1.000 13.33538 ? 138 ARG A CD  1 
ATOM   962  N  NE  . ARG A 1 138 ? 3.57380   -4.04114  8.76023   1.000 13.22407 ? 138 ARG A NE  1 
ATOM   963  C  CZ  . ARG A 1 138 ? 3.67347   -4.35517  10.04560  1.000 13.01173 ? 138 ARG A CZ  1 
ATOM   964  N  NH1 . ARG A 1 138 ? 4.70916   -5.03464  10.51479  1.000 14.00334 ? 138 ARG A NH1 1 
ATOM   965  N  NH2 . ARG A 1 138 ? 2.70919   -3.96723  10.88090  1.000 14.15651 ? 138 ARG A NH2 1 
ATOM   966  N  N   . PHE A 1 139 ? 3.11154   -3.05573  3.42521   1.000 11.19204 ? 139 PHE A N   1 
ATOM   967  C  CA  . PHE A 1 139 ? 3.96900   -2.47320  2.40238   1.000 11.46250 ? 139 PHE A CA  1 
ATOM   968  C  C   . PHE A 1 139 ? 5.02241   -1.64914  3.11359   1.000 10.72970 ? 139 PHE A C   1 
ATOM   969  O  O   . PHE A 1 139 ? 4.69101   -0.70076  3.83145   1.000 12.21948 ? 139 PHE A O   1 
ATOM   970  C  CB  . PHE A 1 139 ? 3.16010   -1.58957  1.44402   1.000 11.58376 ? 139 PHE A CB  1 
ATOM   971  C  CG  . PHE A 1 139 ? 2.09345   -2.34375  0.70054   1.000 13.43233 ? 139 PHE A CG  1 
ATOM   972  C  CD1 . PHE A 1 139 ? 0.93384   -2.74222  1.35056   1.000 14.38284 ? 139 PHE A CD1 1 
ATOM   973  C  CD2 . PHE A 1 139 ? 2.25477   -2.68482  -0.62952  1.000 15.45811 ? 139 PHE A CD2 1 
ATOM   974  C  CE1 . PHE A 1 139 ? -0.04535  -3.45675  0.69733   1.000 17.12603 ? 139 PHE A CE1 1 
ATOM   975  C  CE2 . PHE A 1 139 ? 1.26219   -3.39860  -1.29962  1.000 16.56540 ? 139 PHE A CE2 1 
ATOM   976  C  CZ  . PHE A 1 139 ? 0.11955   -3.78316  -0.62287  1.000 17.23437 ? 139 PHE A CZ  1 
ATOM   977  N  N   . ILE A 1 140 ? 6.28563   -1.99756  2.91583   1.000 11.55895 ? 140 ILE A N   1 
ATOM   978  C  CA  . ILE A 1 140 ? 7.38674   -1.16776  3.37956   1.000 11.81826 ? 140 ILE A CA  1 
ATOM   979  C  C   . ILE A 1 140 ? 7.82931   -0.35020  2.17219   1.000 11.69882 ? 140 ILE A C   1 
ATOM   980  O  O   . ILE A 1 140 ? 8.50322   -0.85575  1.26672   1.000 13.30804 ? 140 ILE A O   1 
ATOM   981  C  CB  . ILE A 1 140 ? 8.50558   -1.99059  4.02019   1.000 14.80917 ? 140 ILE A CB  1 
ATOM   982  C  CG1 . ILE A 1 140 ? 7.93278   -2.76138  5.22312   1.000 15.58826 ? 140 ILE A CG1 1 
ATOM   983  C  CG2 . ILE A 1 140 ? 9.63918   -1.06886  4.47967   1.000 15.88736 ? 140 ILE A CG2 1 
ATOM   984  C  CD1 . ILE A 1 140 ? 8.89104   -3.78472  5.81512   1.000 23.45715 ? 140 ILE A CD1 1 
ATOM   985  N  N   . VAL A 1 141 ? 7.37705   0.89886   2.11952   1.000 11.82581 ? 141 VAL A N   1 
ATOM   986  C  CA  . VAL A 1 141 ? 7.64488   1.77261   0.98166   1.000 11.03637 ? 141 VAL A CA  1 
ATOM   987  C  C   . VAL A 1 141 ? 9.00540   2.41837   1.19881   1.000 12.46486 ? 141 VAL A C   1 
ATOM   988  O  O   . VAL A 1 141 ? 9.17756   3.25010   2.09310   1.000 12.39696 ? 141 VAL A O   1 
ATOM   989  C  CB  . VAL A 1 141 ? 6.54007   2.81439   0.79522   1.000 12.10577 ? 141 VAL A CB  1 
ATOM   990  C  CG1 . VAL A 1 141 ? 6.83176   3.65379   -0.44289  1.000 12.64294 ? 141 VAL A CG1 1 
ATOM   991  C  CG2 . VAL A 1 141 ? 5.18626   2.12254   0.68032   1.000 12.98682 ? 141 VAL A CG2 1 
ATOM   992  N  N   . LYS A 1 142 ? 9.98105   2.00312   0.39477   1.000 11.51145 ? 142 LYS A N   1 
ATOM   993  C  CA  . LYS A 1 142 ? 11.34355  2.50246   0.53093   1.000 12.73467 ? 142 LYS A CA  1 
ATOM   994  C  C   . LYS A 1 142 ? 11.54399  3.81632   -0.20232  1.000 12.00937 ? 142 LYS A C   1 
ATOM   995  O  O   . LYS A 1 142 ? 12.43425  4.58906   0.15895   1.000 12.84111 ? 142 LYS A O   1 
ATOM   996  C  CB  . LYS A 1 142 ? 12.31945  1.44882   0.00116   1.000 14.41595 ? 142 LYS A CB  1 
ATOM   997  C  CG  . LYS A 1 142 ? 12.08397  0.06452   0.58491   1.000 20.52809 ? 142 LYS A CG  1 
ATOM   998  C  CD  . LYS A 1 142 ? 13.10527  -0.94226  0.08446   1.000 30.82891 ? 142 LYS A CD  1 
ATOM   999  C  CE  . LYS A 1 142 ? 12.54725  -2.36022  0.06459   1.000 33.64859 ? 142 LYS A CE  1 
ATOM   1000 N  NZ  . LYS A 1 142 ? 12.17168  -2.82329  -1.30367  1.000 36.65262 ? 142 LYS A NZ  1 
ATOM   1001 N  N   . SER A 1 143 ? 10.74754  4.05889   -1.24067  1.000 12.49075 ? 143 SER A N   1 
ATOM   1002 C  CA  . SER A 1 143 ? 10.86133  5.27635   -2.02646  1.000 12.39530 ? 143 SER A CA  1 
ATOM   1003 C  C   . SER A 1 143 ? 9.52760   5.55109   -2.70660  1.000 10.95348 ? 143 SER A C   1 
ATOM   1004 O  O   . SER A 1 143 ? 8.71387   4.64467   -2.91485  1.000 11.65892 ? 143 SER A O   1 
ATOM   1005 C  CB  . SER A 1 143 ? 11.99583  5.16357   -3.05227  1.000 12.00843 ? 143 SER A CB  1 
ATOM   1006 O  OG  . SER A 1 143 ? 11.85908  3.96499   -3.80492  1.000 13.32466 ? 143 SER A OG  1 
ATOM   1007 N  N   . GLY A 1 144 ? 9.29777   6.82685   -2.99462  1.000 11.70740 ? 144 GLY A N   1 
ATOM   1008 C  CA  . GLY A 1 144 ? 8.08041   7.27584   -3.64137  1.000 12.14278 ? 144 GLY A CA  1 
ATOM   1009 C  C   . GLY A 1 144 ? 8.34751   8.60059   -4.31042  1.000 12.15513 ? 144 GLY A C   1 
ATOM   1010 O  O   . GLY A 1 144 ? 9.26444   9.32900   -3.93261  1.000 12.55669 ? 144 GLY A O   1 
ATOM   1011 N  N   A SER A 1 145 ? 7.54445   8.90044   -5.32687  0.153 12.08967 ? 145 SER A N   1 
ATOM   1012 N  N   B SER A 1 145 ? 7.53655   8.89670   -5.31671  0.847 12.02419 ? 145 SER A N   1 
ATOM   1013 C  CA  A SER A 1 145 ? 7.79556   10.07525  -6.14923  0.153 11.72032 ? 145 SER A CA  1 
ATOM   1014 C  CA  B SER A 1 145 ? 7.75766   10.07408  -6.14001  0.847 11.64745 ? 145 SER A CA  1 
ATOM   1015 C  C   A SER A 1 145 ? 7.41374   11.35781  -5.41456  0.153 11.66520 ? 145 SER A C   1 
ATOM   1016 C  C   B SER A 1 145 ? 7.42195   11.36421  -5.39040  0.847 11.63110 ? 145 SER A C   1 
ATOM   1017 O  O   A SER A 1 145 ? 6.68631   11.34793  -4.41654  0.153 12.32929 ? 145 SER A O   1 
ATOM   1018 O  O   B SER A 1 145 ? 6.72865   11.37531  -4.36477  0.847 12.30759 ? 145 SER A O   1 
ATOM   1019 C  CB  A SER A 1 145 ? 6.98445   10.00236  -7.44233  0.153 13.75317 ? 145 SER A CB  1 
ATOM   1020 C  CB  B SER A 1 145 ? 6.90176   9.98703   -7.39994  0.847 13.55822 ? 145 SER A CB  1 
ATOM   1021 O  OG  A SER A 1 145 ? 7.30970   8.84950   -8.19560  0.153 14.07161 ? 145 SER A OG  1 
ATOM   1022 O  OG  B SER A 1 145 ? 5.52499   10.13093  -7.09709  0.847 13.93452 ? 145 SER A OG  1 
ATOM   1023 N  N   . GLY A 1 146 ? 7.92060   12.48195  -5.92794  1.000 12.18040 ? 146 GLY A N   1 
ATOM   1024 C  CA  . GLY A 1 146 ? 7.41494   13.78575  -5.54971  1.000 14.57248 ? 146 GLY A CA  1 
ATOM   1025 C  C   . GLY A 1 146 ? 8.48133   14.79459  -5.18703  1.000 14.39455 ? 146 GLY A C   1 
ATOM   1026 O  O   . GLY A 1 146 ? 9.67566   14.61428  -5.44762  1.000 15.04617 ? 146 GLY A O   1 
ATOM   1027 N  N   . ASP A 1 147 ? 8.01367   15.89509  -4.59747  1.000 13.21826 ? 147 ASP A N   1 
ATOM   1028 C  CA  . ASP A 1 147 ? 8.87612   16.98613  -4.16998  1.000 15.77558 ? 147 ASP A CA  1 
ATOM   1029 C  C   . ASP A 1 147 ? 9.88902   16.50871  -3.12827  1.000 14.40923 ? 147 ASP A C   1 
ATOM   1030 O  O   . ASP A 1 147 ? 9.60821   15.62782  -2.30744  1.000 14.19646 ? 147 ASP A O   1 
ATOM   1031 C  CB  . ASP A 1 147 ? 7.99688   18.08195  -3.55821  1.000 16.78840 ? 147 ASP A CB  1 
ATOM   1032 C  CG  . ASP A 1 147 ? 6.96884   18.63418  -4.54525  1.000 24.02904 ? 147 ASP A CG  1 
ATOM   1033 O  OD1 . ASP A 1 147 ? 7.27595   18.71420  -5.75327  1.000 30.59019 ? 147 ASP A OD1 1 
ATOM   1034 O  OD2 . ASP A 1 147 ? 5.83691   18.96932  -4.11718  1.000 28.43734 ? 147 ASP A OD2 1 
ATOM   1035 N  N   . GLY A 1 148 ? 11.07410  17.12076  -3.14659  1.000 14.45331 ? 148 GLY A N   1 
ATOM   1036 C  CA  . GLY A 1 148 ? 12.11364  16.74136  -2.20313  1.000 15.02511 ? 148 GLY A CA  1 
ATOM   1037 C  C   . GLY A 1 148 ? 12.49540  15.28147  -2.35705  1.000 13.77598 ? 148 GLY A C   1 
ATOM   1038 O  O   . GLY A 1 148 ? 12.68419  14.77950  -3.46769  1.000 14.50175 ? 148 GLY A O   1 
ATOM   1039 N  N   . GLN A 1 149 ? 12.62488  14.57936  -1.23099  1.000 13.27582 ? 149 GLN A N   1 
ATOM   1040 C  CA  . GLN A 1 149 ? 12.96384  13.16542  -1.30271  1.000 12.99525 ? 149 GLN A CA  1 
ATOM   1041 C  C   . GLN A 1 149 ? 11.77093  12.28972  -1.66357  1.000 11.43282 ? 149 GLN A C   1 
ATOM   1042 O  O   . GLN A 1 149 ? 11.94505  11.08128  -1.81396  1.000 12.22841 ? 149 GLN A O   1 
ATOM   1043 C  CB  . GLN A 1 149 ? 13.60491  12.69773  0.00629   1.000 13.77387 ? 149 GLN A CB  1 
ATOM   1044 C  CG  . GLN A 1 149 ? 12.64281  12.52398  1.17079   1.000 13.43336 ? 149 GLN A CG  1 
ATOM   1045 C  CD  . GLN A 1 149 ? 13.32578  11.94703  2.38820   1.000 13.91875 ? 149 GLN A CD  1 
ATOM   1046 O  OE1 . GLN A 1 149 ? 13.98058  10.91082  2.31996   1.000 14.55858 ? 149 GLN A OE1 1 
ATOM   1047 N  NE2 . GLN A 1 149 ? 13.19929  12.63906  3.50872   1.000 13.88064 ? 149 GLN A NE2 1 
ATOM   1048 N  N   . GLY A 1 150 ? 10.57931  12.87424  -1.80758  1.000 12.15970 ? 150 GLY A N   1 
ATOM   1049 C  CA  . GLY A 1 150 ? 9.38455   12.13090  -2.17383  1.000 11.95172 ? 150 GLY A CA  1 
ATOM   1050 C  C   . GLY A 1 150 ? 8.46646   11.87491  -0.99090  1.000 10.49739 ? 150 GLY A C   1 
ATOM   1051 O  O   . GLY A 1 150 ? 8.73668   12.25916  0.14976   1.000 12.08623 ? 150 GLY A O   1 
ATOM   1052 N  N   . PHE A 1 151 ? 7.34311   11.22685  -1.30453  1.000 11.13569 ? 151 PHE A N   1 
ATOM   1053 C  CA  . PHE A 1 151 ? 6.28660   10.92060  -0.35128  1.000 10.92506 ? 151 PHE A CA  1 
ATOM   1054 C  C   . PHE A 1 151 ? 5.77417   9.51828   -0.65102  1.000 10.75438 ? 151 PHE A C   1 
ATOM   1055 O  O   . PHE A 1 151 ? 6.22704   8.86367   -1.59327  1.000 11.25512 ? 151 PHE A O   1 
ATOM   1056 C  CB  . PHE A 1 151 ? 5.10458   11.89029  -0.50060  1.000 11.53565 ? 151 PHE A CB  1 
ATOM   1057 C  CG  . PHE A 1 151 ? 5.46456   13.35484  -0.35650  1.000 11.68913 ? 151 PHE A CG  1 
ATOM   1058 C  CD1 . PHE A 1 151 ? 5.79381   14.12009  -1.47230  1.000 13.13171 ? 151 PHE A CD1 1 
ATOM   1059 C  CD2 . PHE A 1 151 ? 5.41798   13.97354  0.88270   1.000 12.66364 ? 151 PHE A CD2 1 
ATOM   1060 C  CE1 . PHE A 1 151 ? 6.09549   15.46677  -1.33965  1.000 13.09711 ? 151 PHE A CE1 1 
ATOM   1061 C  CE2 . PHE A 1 151 ? 5.71849   15.33008  1.01538   1.000 12.65793 ? 151 PHE A CE2 1 
ATOM   1062 C  CZ  . PHE A 1 151 ? 6.05968   16.06528  -0.09860  1.000 14.04518 ? 151 PHE A CZ  1 
ATOM   1063 N  N   . ALA A 1 152 ? 4.77212   9.08642   0.11757   1.000 11.29816 ? 152 ALA A N   1 
ATOM   1064 C  CA  . ALA A 1 152 ? 4.00934   7.87843   -0.17324  1.000 11.34678 ? 152 ALA A CA  1 
ATOM   1065 C  C   . ALA A 1 152 ? 2.53338   8.24206   -0.13685  1.000 10.46886 ? 152 ALA A C   1 
ATOM   1066 O  O   . ALA A 1 152 ? 2.07432   8.86133   0.82580   1.000 11.95099 ? 152 ALA A O   1 
ATOM   1067 C  CB  . ALA A 1 152 ? 4.30501   6.75938   0.83388   1.000 12.99547 ? 152 ALA A CB  1 
ATOM   1068 N  N   . SER A 1 153 ? 1.79446   7.87086   -1.17883  1.000 10.51726 ? 153 SER A N   1 
ATOM   1069 C  CA  . SER A 1 153 ? 0.36046   8.12724   -1.22598  1.000 11.19073 ? 153 SER A CA  1 
ATOM   1070 C  C   . SER A 1 153 ? -0.32523  6.98691   -1.96872  1.000 11.89520 ? 153 SER A C   1 
ATOM   1071 O  O   . SER A 1 153 ? 0.30732   6.22990   -2.71578  1.000 11.58052 ? 153 SER A O   1 
ATOM   1072 C  CB  . SER A 1 153 ? 0.03594   9.48998   -1.85244  1.000 11.81974 ? 153 SER A CB  1 
ATOM   1073 O  OG  . SER A 1 153 ? 0.43430   9.52690   -3.21553  1.000 11.71392 ? 153 SER A OG  1 
ATOM   1074 N  N   . CYS A 1 154 ? -1.62534  6.84546   -1.73497  1.000 10.76311 ? 154 CYS A N   1 
ATOM   1075 C  CA  . CYS A 1 154 ? -2.36486  5.73431   -2.32648  1.000 12.11671 ? 154 CYS A CA  1 
ATOM   1076 C  C   . CYS A 1 154 ? -3.82503  6.13022   -2.42176  1.000 11.56459 ? 154 CYS A C   1 
ATOM   1077 O  O   . CYS A 1 154 ? -4.42100  6.51865   -1.40918  1.000 11.60791 ? 154 CYS A O   1 
ATOM   1078 C  CB  . CYS A 1 154 ? -2.20651  4.48257   -1.46808  1.000 11.51971 ? 154 CYS A CB  1 
ATOM   1079 S  SG  . CYS A 1 154 ? -3.19667  3.07312   -2.02291  1.000 11.92956 ? 154 CYS A SG  1 
ATOM   1080 N  N   . ALA A 1 155 ? -4.38953  6.05000   -3.62677  1.000 11.42949 ? 155 ALA A N   1 
ATOM   1081 C  CA  . ALA A 1 155 ? -5.81142  6.32561   -3.80973  1.000 11.44846 ? 155 ALA A CA  1 
ATOM   1082 C  C   . ALA A 1 155 ? -6.66624  5.19386   -3.25224  1.000 11.36212 ? 155 ALA A C   1 
ATOM   1083 O  O   . ALA A 1 155 ? -7.61617  5.43441   -2.49765  1.000 12.16226 ? 155 ALA A O   1 
ATOM   1084 C  CB  . ALA A 1 155 ? -6.10601  6.55558   -5.29006  1.000 13.61729 ? 155 ALA A CB  1 
ATOM   1085 N  N   . GLU A 1 156 ? -6.34215  3.94811   -3.61423  1.000 11.64642 ? 156 GLU A N   1 
ATOM   1086 C  CA  . GLU A 1 156 ? -6.98201  2.76030   -3.06143  1.000 11.69839 ? 156 GLU A CA  1 
ATOM   1087 C  C   . GLU A 1 156 ? -5.99325  1.61180   -3.12440  1.000 11.35259 ? 156 GLU A C   1 
ATOM   1088 O  O   . GLU A 1 156 ? -5.21275  1.51027   -4.07249  1.000 11.65058 ? 156 GLU A O   1 
ATOM   1089 C  CB  . GLU A 1 156 ? -8.22527  2.32506   -3.84199  1.000 12.45456 ? 156 GLU A CB  1 
ATOM   1090 C  CG  . GLU A 1 156 ? -9.45856  3.21041   -3.62079  1.000 13.34529 ? 156 GLU A CG  1 
ATOM   1091 C  CD  . GLU A 1 156 ? -10.04264 3.08737   -2.22643  1.000 14.28300 ? 156 GLU A CD  1 
ATOM   1092 O  OE1 . GLU A 1 156 ? -10.58543 2.01109   -1.89647  1.000 14.59086 ? 156 GLU A OE1 1 
ATOM   1093 O  OE2 . GLU A 1 156 ? -9.97827  4.06752   -1.46102  1.000 14.27549 ? 156 GLU A OE2 1 
ATOM   1094 N  N   . MET A 1 157 ? -6.03747  0.75214   -2.11148  1.000 11.66190 ? 157 MET A N   1 
ATOM   1095 C  CA  . MET A 1 157 ? -5.30802  -0.51125  -2.10489  1.000 10.89875 ? 157 MET A CA  1 
ATOM   1096 C  C   . MET A 1 157 ? -6.35563  -1.60999  -2.05722  1.000 11.89561 ? 157 MET A C   1 
ATOM   1097 O  O   . MET A 1 157 ? -7.27642  -1.55061  -1.23136  1.000 12.88886 ? 157 MET A O   1 
ATOM   1098 C  CB  . MET A 1 157 ? -4.41787  -0.59780  -0.86645  1.000 12.30617 ? 157 MET A CB  1 
ATOM   1099 C  CG  . MET A 1 157 ? -3.47080  -1.78768  -0.88718  1.000 12.28853 ? 157 MET A CG  1 
ATOM   1100 S  SD  . MET A 1 157 ? -2.19001  -1.63140  -2.15648  1.000 14.19444 ? 157 MET A SD  1 
ATOM   1101 C  CE  . MET A 1 157 ? -1.05252  -0.55320  -1.31471  1.000 15.04194 ? 157 MET A CE  1 
ATOM   1102 N  N   . GLU A 1 158 ? -6.23098  -2.59645  -2.94218  1.000 12.43606 ? 158 GLU A N   1 
ATOM   1103 C  CA  . GLU A 1 158 ? -7.26927  -3.60960  -3.10138  1.000 12.23809 ? 158 GLU A CA  1 
ATOM   1104 C  C   . GLU A 1 158 ? -6.65888  -5.00609  -3.09815  1.000 12.06793 ? 158 GLU A C   1 
ATOM   1105 O  O   . GLU A 1 158 ? -5.56556  -5.21691  -3.63624  1.000 12.57302 ? 158 GLU A O   1 
ATOM   1106 C  CB  . GLU A 1 158 ? -8.04263  -3.38279  -4.40373  1.000 13.69344 ? 158 GLU A CB  1 
ATOM   1107 C  CG  . GLU A 1 158 ? -8.77150  -2.05172  -4.40994  1.000 14.57428 ? 158 GLU A CG  1 
ATOM   1108 C  CD  . GLU A 1 158 ? -9.44610  -1.72824  -5.71846  1.000 16.55688 ? 158 GLU A CD  1 
ATOM   1109 O  OE1 . GLU A 1 158 ? -9.13076  -2.36688  -6.74163  1.000 16.64270 ? 158 GLU A OE1 1 
ATOM   1110 O  OE2 . GLU A 1 158 ? -10.28191 -0.79208  -5.71935  1.000 20.42392 ? 158 GLU A OE2 1 
ATOM   1111 N  N   . PHE A 1 159 ? -7.38667  -5.95658  -2.50643  1.000 11.82686 ? 159 PHE A N   1 
ATOM   1112 C  CA  . PHE A 1 159 ? -6.95818  -7.34114  -2.38804  1.000 12.19663 ? 159 PHE A CA  1 
ATOM   1113 C  C   . PHE A 1 159 ? -8.06373  -8.24281  -2.91280  1.000 12.49254 ? 159 PHE A C   1 
ATOM   1114 O  O   . PHE A 1 159 ? -9.24300  -8.00815  -2.63223  1.000 13.88370 ? 159 PHE A O   1 
ATOM   1115 C  CB  . PHE A 1 159 ? -6.63684  -7.69658  -0.92796  1.000 12.99187 ? 159 PHE A CB  1 
ATOM   1116 C  CG  . PHE A 1 159 ? -5.57129  -6.82384  -0.33606  1.000 12.36470 ? 159 PHE A CG  1 
ATOM   1117 C  CD1 . PHE A 1 159 ? -4.23175  -7.16258  -0.45351  1.000 12.89570 ? 159 PHE A CD1 1 
ATOM   1118 C  CD2 . PHE A 1 159 ? -5.90090  -5.63413  0.30404   1.000 12.84712 ? 159 PHE A CD2 1 
ATOM   1119 C  CE1 . PHE A 1 159 ? -3.24521  -6.33320  0.06255   1.000 13.00404 ? 159 PHE A CE1 1 
ATOM   1120 C  CE2 . PHE A 1 159 ? -4.91738  -4.82154  0.82560   1.000 12.82519 ? 159 PHE A CE2 1 
ATOM   1121 C  CZ  . PHE A 1 159 ? -3.59671  -5.16570  0.69505   1.000 13.77287 ? 159 PHE A CZ  1 
ATOM   1122 N  N   . PHE A 1 160 ? -7.68307  -9.29595  -3.63727  1.000 12.70034 ? 160 PHE A N   1 
ATOM   1123 C  CA  . PHE A 1 160 ? -8.66585  -10.12728 -4.32282  1.000 13.71942 ? 160 PHE A CA  1 
ATOM   1124 C  C   . PHE A 1 160 ? -8.35728  -11.60349 -4.14713  1.000 14.87759 ? 160 PHE A C   1 
ATOM   1125 O  O   . PHE A 1 160 ? -7.19907  -12.00925 -4.07070  1.000 14.56565 ? 160 PHE A O   1 
ATOM   1126 C  CB  . PHE A 1 160 ? -8.69132  -9.85145  -5.82119  1.000 14.75793 ? 160 PHE A CB  1 
ATOM   1127 C  CG  . PHE A 1 160 ? -9.08556  -8.45688  -6.15794  1.000 15.94124 ? 160 PHE A CG  1 
ATOM   1128 C  CD1 . PHE A 1 160 ? -8.13345  -7.44676  -6.18675  1.000 16.83398 ? 160 PHE A CD1 1 
ATOM   1129 C  CD2 . PHE A 1 160 ? -10.40638 -8.14514  -6.42272  1.000 16.50042 ? 160 PHE A CD2 1 
ATOM   1130 C  CE1 . PHE A 1 160 ? -8.48880  -6.14907  -6.49233  1.000 20.35790 ? 160 PHE A CE1 1 
ATOM   1131 C  CE2 . PHE A 1 160 ? -10.77235 -6.84334  -6.72447  1.000 18.91489 ? 160 PHE A CE2 1 
ATOM   1132 C  CZ  . PHE A 1 160 ? -9.80784  -5.84778  -6.75810  1.000 21.84336 ? 160 PHE A CZ  1 
ATOM   1133 N  N   . ALA A 1 161 ? -9.41902  -12.40371 -4.11590  1.000 14.86743 ? 161 ALA A N   1 
ATOM   1134 C  CA  . ALA A 1 161 ? -9.34160  -13.85835 -4.17327  1.000 15.12555 ? 161 ALA A CA  1 
ATOM   1135 C  C   . ALA A 1 161 ? -10.03491 -14.34376 -5.44003  1.000 19.50649 ? 161 ALA A C   1 
ATOM   1136 O  O   . ALA A 1 161 ? -11.10905 -13.84677 -5.80010  1.000 19.71577 ? 161 ALA A O   1 
ATOM   1137 C  CB  . ALA A 1 161 ? -10.02154 -14.49080 -2.95196  1.000 17.57776 ? 161 ALA A CB  1 
ATOM   1138 N  N   . LYS A 1 162 ? -9.42425  -15.31706 -6.11238  1.000 19.72232 ? 162 LYS A N   1 
ATOM   1139 C  CA  . LYS A 1 162 ? -10.04969 -15.94014 -7.27622  1.000 22.16228 ? 162 LYS A CA  1 
ATOM   1140 C  C   . LYS A 1 162 ? -11.03171 -17.02093 -6.83552  1.000 29.74651 ? 162 LYS A C   1 
ATOM   1141 O  O   . LYS A 1 162 ? -10.87771 -17.60356 -5.76094  1.000 29.71716 ? 162 LYS A O   1 
ATOM   1142 C  CB  . LYS A 1 162 ? -8.99278  -16.53808 -8.20590  1.000 25.59772 ? 162 LYS A CB  1 
ATOM   1143 C  CG  . LYS A 1 162 ? -8.27858  -15.51584 -9.06874  1.000 31.87473 ? 162 LYS A CG  1 
ATOM   1144 C  CD  . LYS A 1 162 ? -6.94881  -16.04527 -9.57678  1.000 38.04296 ? 162 LYS A CD  1 
ATOM   1145 C  CE  . LYS A 1 162 ? -6.10542  -14.92175 -10.16091 1.000 41.36918 ? 162 LYS A CE  1 
ATOM   1146 N  NZ  . LYS A 1 162 ? -4.69866  -14.95529 -9.66824  1.000 44.25506 ? 162 LYS A NZ  1 
HETATM 1147 C  C1  . GAL B 2 .   ? 0.38702   19.33164  -2.62000  1.000 18.57827 ? 201 GAL A C1  1 
HETATM 1148 C  C2  . GAL B 2 .   ? -0.54013  18.20106  -3.04897  1.000 15.20764 ? 201 GAL A C2  1 
HETATM 1149 C  C3  . GAL B 2 .   ? -0.83542  17.25119  -1.90671  1.000 15.78180 ? 201 GAL A C3  1 
HETATM 1150 C  C4  . GAL B 2 .   ? 0.48631   16.82971  -1.20882  1.000 14.64812 ? 201 GAL A C4  1 
HETATM 1151 C  C5  . GAL B 2 .   ? 1.30370   18.05719  -0.86155  1.000 13.61926 ? 201 GAL A C5  1 
HETATM 1152 C  C6  . GAL B 2 .   ? 2.65618   17.74626  -0.25735  1.000 16.08232 ? 201 GAL A C6  1 
HETATM 1153 O  O1  . GAL B 2 .   ? 0.76067   20.08117  -3.72521  1.000 19.84371 ? 201 GAL A O1  1 
HETATM 1154 O  O2  . GAL B 2 .   ? -1.78657  18.73958  -3.48289  1.000 19.27896 ? 201 GAL A O2  1 
HETATM 1155 O  O3  . GAL B 2 .   ? -1.48215  16.07872  -2.39518  1.000 15.06445 ? 201 GAL A O3  1 
HETATM 1156 O  O4  . GAL B 2 .   ? 1.25442   16.02403  -2.07969  1.000 13.07897 ? 201 GAL A O4  1 
HETATM 1157 O  O5  . GAL B 2 .   ? 1.56682   18.81819  -2.04572  1.000 14.68047 ? 201 GAL A O5  1 
HETATM 1158 O  O6  . GAL B 2 .   ? 3.35248   18.93900  0.08795   1.000 16.53513 ? 201 GAL A O6  1 
HETATM 1159 CA CA  . CA  C 3 .   ? -9.56557  6.42157   -1.54933  1.000 12.30611 ? 202 CA  A CA  1 
HETATM 1160 O  O   . HOH D 4 .   ? 2.66834   -13.44958 16.23607  1.000 38.58479 ? 301 HOH A O   1 
HETATM 1161 O  O   . HOH D 4 .   ? -11.54359 0.40823   -3.97382  1.000 26.84285 ? 302 HOH A O   1 
HETATM 1162 O  O   . HOH D 4 .   ? 10.37110  14.81262  8.11551   1.000 22.32131 ? 303 HOH A O   1 
HETATM 1163 O  O   . HOH D 4 .   ? 14.08860  7.21541   -8.31504  1.000 17.51087 ? 304 HOH A O   1 
HETATM 1164 O  O   . HOH D 4 .   ? 13.85599  -5.48507  0.23533   1.000 41.21696 ? 305 HOH A O   1 
HETATM 1165 O  O   . HOH D 4 .   ? 4.97263   19.77645  -1.87887  1.000 35.76597 ? 306 HOH A O   1 
HETATM 1166 O  O   . HOH D 4 .   ? 12.11498  -8.36547  5.37332   1.000 35.94243 ? 307 HOH A O   1 
HETATM 1167 O  O   . HOH D 4 .   ? 4.27524   -11.90280 -7.42592  1.000 36.91139 ? 308 HOH A O   1 
HETATM 1168 O  O   . HOH D 4 .   ? 7.61411   -17.64947 -6.82260  1.000 30.29156 ? 309 HOH A O   1 
HETATM 1169 O  O   . HOH D 4 .   ? 0.33820   -2.09456  11.74397  1.000 15.27448 ? 310 HOH A O   1 
HETATM 1170 O  O   . HOH D 4 .   ? -1.88619  -21.15732 2.74499   1.000 22.62232 ? 311 HOH A O   1 
HETATM 1171 O  O   . HOH D 4 .   ? 12.41434  -2.06640  -11.24676 1.000 33.30011 ? 312 HOH A O   1 
HETATM 1172 O  O   . HOH D 4 .   ? 0.78436   -22.62447 -6.59908  1.000 30.89685 ? 313 HOH A O   1 
HETATM 1173 O  O   . HOH D 4 .   ? 14.38173  2.43398   -8.22301  1.000 17.65055 ? 314 HOH A O   1 
HETATM 1174 O  O   . HOH D 4 .   ? -8.63499  -18.36853 -4.10213  1.000 33.10307 ? 315 HOH A O   1 
HETATM 1175 O  O   . HOH D 4 .   ? -14.91838 -11.92908 8.27411   1.000 39.37736 ? 316 HOH A O   1 
HETATM 1176 O  O   . HOH D 4 .   ? 5.26312   19.33966  1.85390   1.000 19.42148 ? 317 HOH A O   1 
HETATM 1177 O  O   . HOH D 4 .   ? -1.87449  -6.04110  11.83307  1.000 25.01673 ? 318 HOH A O   1 
HETATM 1178 O  O   . HOH D 4 .   ? -8.87633  -4.44721  12.96286  1.000 28.93387 ? 319 HOH A O   1 
HETATM 1179 O  O   . HOH D 4 .   ? 6.44110   9.41189   -10.63230 1.000 19.20314 ? 320 HOH A O   1 
HETATM 1180 O  O   . HOH D 4 .   ? -15.66487 1.64752   -5.03458  1.000 31.30340 ? 321 HOH A O   1 
HETATM 1181 O  O   . HOH D 4 .   ? -4.09980  15.47134  4.25823   1.000 17.29234 ? 322 HOH A O   1 
HETATM 1182 O  O   . HOH D 4 .   ? 7.14829   -5.97068  9.17117   1.000 17.07331 ? 323 HOH A O   1 
HETATM 1183 O  O   . HOH D 4 .   ? 14.37796  3.72486   -4.63404  1.000 17.76739 ? 324 HOH A O   1 
HETATM 1184 O  O   . HOH D 4 .   ? 11.73365  12.93031  -5.30479  1.000 13.78791 ? 325 HOH A O   1 
HETATM 1185 O  O   . HOH D 4 .   ? -4.05023  18.24910  7.40555   1.000 24.25580 ? 326 HOH A O   1 
HETATM 1186 O  O   . HOH D 4 .   ? 7.83920   6.08846   8.43658   1.000 17.79315 ? 327 HOH A O   1 
HETATM 1187 O  O   . HOH D 4 .   ? -7.78625  10.47025  7.56959   1.000 18.75132 ? 328 HOH A O   1 
HETATM 1188 O  O   . HOH D 4 .   ? 0.90175   -6.81062  17.26357  1.000 34.30418 ? 329 HOH A O   1 
HETATM 1189 O  O   . HOH D 4 .   ? -12.69344 -16.20073 -9.58007  1.000 33.38106 ? 330 HOH A O   1 
HETATM 1190 O  O   . HOH D 4 .   ? -15.15338 -8.50672  6.57148   1.000 26.80892 ? 331 HOH A O   1 
HETATM 1191 O  O   . HOH D 4 .   ? -10.80698 -2.61464  -8.82853  1.000 30.31083 ? 332 HOH A O   1 
HETATM 1192 O  O   . HOH D 4 .   ? 10.65801  5.11142   -10.24541 1.000 21.16871 ? 333 HOH A O   1 
HETATM 1193 O  O   . HOH D 4 .   ? -9.70960  -21.99983 1.33331   1.000 41.23217 ? 334 HOH A O   1 
HETATM 1194 O  O   . HOH D 4 .   ? 6.63119   10.97084  8.78634   1.000 16.06875 ? 335 HOH A O   1 
HETATM 1195 O  O   . HOH D 4 .   ? 12.45141  16.23683  1.29801   1.000 16.52708 ? 336 HOH A O   1 
HETATM 1196 O  O   . HOH D 4 .   ? -12.41276 -8.75476  6.11177   1.000 17.45773 ? 337 HOH A O   1 
HETATM 1197 O  O   . HOH D 4 .   ? 8.64053   2.46919   8.38519   1.000 17.38786 ? 338 HOH A O   1 
HETATM 1198 O  O   . HOH D 4 .   ? 2.63571   21.84529  -2.91078  1.000 35.71487 ? 339 HOH A O   1 
HETATM 1199 O  O   . HOH D 4 .   ? -7.84959  15.96134  -8.71457  1.000 42.53101 ? 340 HOH A O   1 
HETATM 1200 O  O   . HOH D 4 .   ? -2.61239  -21.26913 0.19317   1.000 21.22036 ? 341 HOH A O   1 
HETATM 1201 O  O   . HOH D 4 .   ? 4.83020   6.51759   13.28349  1.000 13.88718 ? 342 HOH A O   1 
HETATM 1202 O  O   . HOH D 4 .   ? -13.56984 8.58309   3.12344   1.000 29.44452 ? 343 HOH A O   1 
HETATM 1203 O  O   . HOH D 4 .   ? 8.50468   -0.85145  9.57839   1.000 22.90761 ? 344 HOH A O   1 
HETATM 1204 O  O   . HOH D 4 .   ? 14.26900  9.29260   4.52433   1.000 15.89460 ? 345 HOH A O   1 
HETATM 1205 O  O   . HOH D 4 .   ? -15.25420 -5.64797  11.37732  1.000 32.14721 ? 346 HOH A O   1 
HETATM 1206 O  O   . HOH D 4 .   ? -2.83918  10.42055  -14.59401 1.000 21.99487 ? 347 HOH A O   1 
HETATM 1207 O  O   . HOH D 4 .   ? -7.15979  4.49521   10.58242  1.000 21.55006 ? 348 HOH A O   1 
HETATM 1208 O  O   . HOH D 4 .   ? 2.09143   0.11703   9.31627   1.000 11.93012 ? 349 HOH A O   1 
HETATM 1209 O  O   . HOH D 4 .   ? -0.80208  -18.24563 6.14706   1.000 19.97386 ? 350 HOH A O   1 
HETATM 1210 O  O   . HOH D 4 .   ? 11.26648  5.56747   8.59911   1.000 18.18070 ? 351 HOH A O   1 
HETATM 1211 O  O   . HOH D 4 .   ? -9.58578  -4.95170  -1.00818  1.000 15.29204 ? 352 HOH A O   1 
HETATM 1212 O  O   . HOH D 4 .   ? 0.55045   12.53889  11.49102  1.000 27.61812 ? 353 HOH A O   1 
HETATM 1213 O  O   . HOH D 4 .   ? 3.66895   -16.17529 8.16929   1.000 25.32269 ? 354 HOH A O   1 
HETATM 1214 O  O   . HOH D 4 .   ? 6.10812   -17.54989 -10.69158 1.000 35.33785 ? 355 HOH A O   1 
HETATM 1215 O  O   . HOH D 4 .   ? -12.77483 -1.13271  3.20361   1.000 17.17460 ? 356 HOH A O   1 
HETATM 1216 O  O   . HOH D 4 .   ? 11.29191  10.17744  -5.60829  1.000 16.10097 ? 357 HOH A O   1 
HETATM 1217 O  O   . HOH D 4 .   ? -6.72092  3.05314   -11.05345 1.000 21.11165 ? 358 HOH A O   1 
HETATM 1218 O  O   . HOH D 4 .   ? -6.41641  9.69696   -7.62030  1.000 21.72849 ? 359 HOH A O   1 
HETATM 1219 O  O   . HOH D 4 .   ? 7.41523   -3.79819  -11.50897 1.000 36.18755 ? 360 HOH A O   1 
HETATM 1220 O  O   . HOH D 4 .   ? 2.16273   -14.74839 10.00324  1.000 24.68723 ? 361 HOH A O   1 
HETATM 1221 O  O   . HOH D 4 .   ? 2.55958   21.59226  0.28231   1.000 26.56003 ? 362 HOH A O   1 
HETATM 1222 O  O   . HOH D 4 .   ? 11.64977  2.97782   -8.85493  1.000 16.21164 ? 363 HOH A O   1 
HETATM 1223 O  O   . HOH D 4 .   ? -16.01573 0.27519   5.88318   1.000 29.23321 ? 364 HOH A O   1 
HETATM 1224 O  O   . HOH D 4 .   ? 3.07019   3.79245   -8.59079  1.000 14.70279 ? 365 HOH A O   1 
HETATM 1225 O  O   . HOH D 4 .   ? 11.29918  -3.07479  -4.42672  1.000 27.15298 ? 366 HOH A O   1 
HETATM 1226 O  O   . HOH D 4 .   ? -7.59773  12.26254  1.86604   1.000 19.90944 ? 367 HOH A O   1 
HETATM 1227 O  O   . HOH D 4 .   ? -15.08156 -5.79968  -0.62463  1.000 30.07938 ? 368 HOH A O   1 
HETATM 1228 O  O   . HOH D 4 .   ? 14.07817  6.71129   -0.64398  1.000 16.14623 ? 369 HOH A O   1 
HETATM 1229 O  O   . HOH D 4 .   ? -3.93984  5.86864   -10.88664 1.000 26.12351 ? 370 HOH A O   1 
HETATM 1230 O  O   . HOH D 4 .   ? -0.00835  7.77931   -5.37048  1.000 13.28049 ? 371 HOH A O   1 
HETATM 1231 O  O   . HOH D 4 .   ? 16.05785  17.56485  4.20361   1.000 17.69451 ? 372 HOH A O   1 
HETATM 1232 O  O   . HOH D 4 .   ? -12.29835 -11.23121 4.96932   1.000 23.35195 ? 373 HOH A O   1 
HETATM 1233 O  O   . HOH D 4 .   ? -16.43668 8.57329   -1.15605  1.000 27.32004 ? 374 HOH A O   1 
HETATM 1234 O  O   . HOH D 4 .   ? 0.44809   -5.78280  14.59195  1.000 27.79283 ? 375 HOH A O   1 
HETATM 1235 O  O   . HOH D 4 .   ? 8.79115   -7.74360  -8.40212  1.000 33.11599 ? 376 HOH A O   1 
HETATM 1236 O  O   . HOH D 4 .   ? -2.54708  -17.66688 -6.43848  1.000 26.29491 ? 377 HOH A O   1 
HETATM 1237 O  O   . HOH D 4 .   ? 3.83183   -21.52259 1.22886   1.000 15.90663 ? 378 HOH A O   1 
HETATM 1238 O  O   . HOH D 4 .   ? -2.98301  7.78074   -14.55821 1.000 27.08577 ? 379 HOH A O   1 
HETATM 1239 O  O   . HOH D 4 .   ? 9.01894   18.46214  -0.22118  1.000 24.37344 ? 380 HOH A O   1 
HETATM 1240 O  O   . HOH D 4 .   ? -10.37164 12.13223  2.01088   1.000 28.42348 ? 381 HOH A O   1 
HETATM 1241 O  O   . HOH D 4 .   ? 7.13185   -9.88481  12.10645  1.000 31.73002 ? 382 HOH A O   1 
HETATM 1242 O  O   . HOH D 4 .   ? 15.31527  6.26864   3.79770   1.000 24.91644 ? 383 HOH A O   1 
HETATM 1243 O  O   . HOH D 4 .   ? 5.44954   16.81496  -7.17931  1.000 28.94329 ? 384 HOH A O   1 
HETATM 1244 O  O   . HOH D 4 .   ? 1.64183   1.58097   -9.68196  1.000 17.37503 ? 385 HOH A O   1 
HETATM 1245 O  O   . HOH D 4 .   ? 14.80897  5.26532   8.25049   1.000 23.87247 ? 386 HOH A O   1 
HETATM 1246 O  O   . HOH D 4 .   ? -2.14516  5.28822   10.86707  1.000 14.11061 ? 387 HOH A O   1 
HETATM 1247 O  O   . HOH D 4 .   ? -14.11599 -1.42647  10.06985  1.000 34.74935 ? 388 HOH A O   1 
HETATM 1248 O  O   . HOH D 4 .   ? -10.01157 -2.12348  -0.66352  1.000 20.33813 ? 389 HOH A O   1 
HETATM 1249 O  O   . HOH D 4 .   ? 1.94977   3.76528   -16.55828 1.000 38.19024 ? 390 HOH A O   1 
HETATM 1250 O  O   . HOH D 4 .   ? 2.28275   16.22014  9.41421   1.000 26.71739 ? 391 HOH A O   1 
HETATM 1251 O  O   . HOH D 4 .   ? 3.44284   -2.60503  -11.60998 1.000 30.68170 ? 392 HOH A O   1 
HETATM 1252 O  O   . HOH D 4 .   ? 17.54424  15.57705  6.84265   1.000 21.71706 ? 393 HOH A O   1 
HETATM 1253 O  O   . HOH D 4 .   ? 2.71559   -4.58980  13.68873  1.000 20.40075 ? 394 HOH A O   1 
HETATM 1254 O  O   . HOH D 4 .   ? -8.07710  -18.22025 4.74116   1.000 31.90500 ? 395 HOH A O   1 
HETATM 1255 O  O   . HOH D 4 .   ? 5.15967   -5.85562  13.24408  1.000 29.26335 ? 396 HOH A O   1 
HETATM 1256 O  O   . HOH D 4 .   ? 13.93932  3.81026   2.49461   1.000 18.76183 ? 397 HOH A O   1 
HETATM 1257 O  O   . HOH D 4 .   ? -8.69626  14.37274  -3.29356  1.000 22.56419 ? 398 HOH A O   1 
HETATM 1258 O  O   . HOH D 4 .   ? 1.42857   0.58253   -13.48707 1.000 28.24722 ? 399 HOH A O   1 
HETATM 1259 O  O   . HOH D 4 .   ? -3.88307  19.40592  -1.60836  1.000 19.40489 ? 400 HOH A O   1 
HETATM 1260 O  O   . HOH D 4 .   ? -4.61225  4.11218   11.53059  1.000 24.30369 ? 401 HOH A O   1 
HETATM 1261 O  O   . HOH D 4 .   ? -15.69656 11.05573  -5.34223  1.000 29.34653 ? 402 HOH A O   1 
HETATM 1262 O  O   . HOH D 4 .   ? -0.71621  -18.80919 3.45882   1.000 17.93728 ? 403 HOH A O   1 
HETATM 1263 O  O   . HOH D 4 .   ? 10.05789  18.27862  6.94316   1.000 21.53817 ? 404 HOH A O   1 
HETATM 1264 O  O   . HOH D 4 .   ? -10.05045 12.33095  7.62008   1.000 25.84203 ? 405 HOH A O   1 
HETATM 1265 O  O   . HOH D 4 .   ? -6.48956  11.99012  9.95648   1.000 24.45392 ? 406 HOH A O   1 
HETATM 1266 O  O   . HOH D 4 .   ? 4.09397   -15.20297 -5.82364  1.000 22.03027 ? 407 HOH A O   1 
HETATM 1267 O  O   . HOH D 4 .   ? -12.37691 4.03292   5.03166   1.000 25.07412 ? 408 HOH A O   1 
HETATM 1268 O  O   . HOH D 4 .   ? -2.60168  0.18235   -14.97714 1.000 29.53496 ? 409 HOH A O   1 
HETATM 1269 O  O   . HOH D 4 .   ? 1.79900   -18.42441 2.48238   1.000 17.87943 ? 410 HOH A O   1 
HETATM 1270 O  O   . HOH D 4 .   ? -7.81674  13.01213  -0.86784  1.000 16.51110 ? 411 HOH A O   1 
HETATM 1271 O  O   . HOH D 4 .   ? -7.33356  -6.43238  -13.31951 1.000 35.74992 ? 412 HOH A O   1 
HETATM 1272 O  O   . HOH D 4 .   ? 7.89361   -16.65660 7.84614   1.000 37.93980 ? 413 HOH A O   1 
HETATM 1273 O  O   . HOH D 4 .   ? 9.67303   12.15396  -8.24282  1.000 21.98470 ? 414 HOH A O   1 
HETATM 1274 O  O   . HOH D 4 .   ? 21.54496  12.20077  7.15657   1.000 19.84708 ? 415 HOH A O   1 
HETATM 1275 O  O   . HOH D 4 .   ? 10.24636  -12.88386 6.09969   1.000 26.07978 ? 416 HOH A O   1 
HETATM 1276 O  O   . HOH D 4 .   ? 19.49582  10.48918  11.21717  1.000 31.02582 ? 417 HOH A O   1 
HETATM 1277 O  O   . HOH D 4 .   ? -5.28991  12.05739  -7.76105  1.000 26.64998 ? 418 HOH A O   1 
HETATM 1278 O  O   . HOH D 4 .   ? 11.69930  19.05403  -5.25387  1.000 19.84455 ? 419 HOH A O   1 
HETATM 1279 O  O   . HOH D 4 .   ? -0.17852  6.16776   12.85646  1.000 17.87806 ? 420 HOH A O   1 
HETATM 1280 O  O   . HOH D 4 .   ? 10.37473  -14.70375 2.77217   1.000 22.87847 ? 421 HOH A O   1 
HETATM 1281 O  O   . HOH D 4 .   ? 11.53352  -10.23202 -4.38655  1.000 26.96930 ? 422 HOH A O   1 
HETATM 1282 O  O   . HOH D 4 .   ? -8.70823  11.90736  -8.78475  1.000 31.51151 ? 423 HOH A O   1 
HETATM 1283 O  O   . HOH D 4 .   ? 9.45175   -5.19186  -9.30965  1.000 20.55110 ? 424 HOH A O   1 
HETATM 1284 O  O   . HOH D 4 .   ? 2.80987   6.30031   -15.44386 1.000 28.58209 ? 425 HOH A O   1 
HETATM 1285 O  O   . HOH D 4 .   ? -6.33189  9.94462   11.63444  1.000 35.88246 ? 426 HOH A O   1 
HETATM 1286 O  O   . HOH D 4 .   ? -0.43898  16.05282  9.91243   1.000 18.57797 ? 427 HOH A O   1 
HETATM 1287 O  O   . HOH D 4 .   ? -4.94460  3.17927   -13.10235 1.000 25.67007 ? 428 HOH A O   1 
HETATM 1288 O  O   . HOH D 4 .   ? 8.51989   11.07213  -10.59643 1.000 25.51300 ? 429 HOH A O   1 
HETATM 1289 O  O   . HOH D 4 .   ? -11.02352 -15.31384 0.18864   1.000 30.34232 ? 430 HOH A O   1 
HETATM 1290 O  O   . HOH D 4 .   ? -11.89768 -2.91541  1.34735   1.000 18.80154 ? 431 HOH A O   1 
HETATM 1291 O  O   . HOH D 4 .   ? 9.82572   -1.19850  -16.63286 1.000 33.89740 ? 432 HOH A O   1 
HETATM 1292 O  O   . HOH D 4 .   ? -11.00149 -16.96087 2.46851   1.000 29.28769 ? 433 HOH A O   1 
HETATM 1293 O  O   . HOH D 4 .   ? 3.02823   17.17594  -8.34955  1.000 27.25433 ? 434 HOH A O   1 
HETATM 1294 O  O   . HOH D 4 .   ? -13.78811 -10.01428 3.00737   1.000 19.93223 ? 435 HOH A O   1 
HETATM 1295 O  O   . HOH D 4 .   ? 2.62027   -9.89725  -10.63938 1.000 28.84090 ? 436 HOH A O   1 
HETATM 1296 O  O   . HOH D 4 .   ? -6.21753  19.78829  -10.25755 1.000 36.28956 ? 437 HOH A O   1 
HETATM 1297 O  O   . HOH D 4 .   ? 2.33278   10.29677  11.02884  1.000 16.74317 ? 438 HOH A O   1 
HETATM 1298 O  O   . HOH D 4 .   ? -6.42966  5.57611   -8.82737  1.000 27.95365 ? 439 HOH A O   1 
HETATM 1299 O  O   . HOH D 4 .   ? 10.72895  -6.13000  7.85378   1.000 35.35384 ? 440 HOH A O   1 
HETATM 1300 O  O   . HOH D 4 .   ? -5.65630  17.98159  12.75079  1.000 41.66055 ? 441 HOH A O   1 
HETATM 1301 O  O   . HOH D 4 .   ? 1.51072   -18.58016 -0.15729  1.000 19.19712 ? 442 HOH A O   1 
HETATM 1302 O  O   . HOH D 4 .   ? -7.82188  16.62470  9.05023   1.000 31.63897 ? 443 HOH A O   1 
HETATM 1303 O  O   . HOH D 4 .   ? -14.95291 0.70703   1.84991   1.000 28.83386 ? 444 HOH A O   1 
HETATM 1304 O  O   . HOH D 4 .   ? 7.37362   15.65524  -8.66272  1.000 38.57433 ? 445 HOH A O   1 
HETATM 1305 O  O   . HOH D 4 .   ? -8.52318  -20.40297 -2.63567  1.000 31.31257 ? 446 HOH A O   1 
HETATM 1306 O  O   . HOH D 4 .   ? 3.23608   0.02207   -11.29196 1.000 23.21485 ? 447 HOH A O   1 
HETATM 1307 O  O   . HOH D 4 .   ? -13.14687 -11.45814 -12.08053 1.000 40.10561 ? 448 HOH A O   1 
HETATM 1308 O  O   . HOH D 4 .   ? 1.03959   15.97467  -5.97486  1.000 17.85995 ? 449 HOH A O   1 
HETATM 1309 O  O   . HOH D 4 .   ? -0.13482  13.80839  -12.57583 1.000 28.40653 ? 450 HOH A O   1 
HETATM 1310 O  O   . HOH D 4 .   ? -5.33011  -22.50927 -3.56833  1.000 31.79083 ? 451 HOH A O   1 
HETATM 1311 O  O   . HOH D 4 .   ? -13.35185 -0.11169  6.58666   1.000 33.98309 ? 452 HOH A O   1 
HETATM 1312 O  O   . HOH D 4 .   ? -7.96043  8.31757   11.30861  1.000 40.22802 ? 453 HOH A O   1 
HETATM 1313 O  O   . HOH D 4 .   ? 10.57423  15.16909  -8.43957  1.000 35.91851 ? 454 HOH A O   1 
HETATM 1314 O  O   . HOH D 4 .   ? -14.41517 13.66126  -5.60900  1.000 40.17063 ? 455 HOH A O   1 
HETATM 1315 O  O   . HOH D 4 .   ? -17.41129 -9.88638  -6.24488  1.000 37.00882 ? 456 HOH A O   1 
HETATM 1316 O  O   . HOH D 4 .   ? -7.66069  7.86773   -9.82932  1.000 22.03219 ? 457 HOH A O   1 
HETATM 1317 O  O   . HOH D 4 .   ? 19.70217  13.07394  10.77008  1.000 37.69765 ? 458 HOH A O   1 
HETATM 1318 O  O   . HOH D 4 .   ? 4.32878   20.43159  6.00740   1.000 32.37467 ? 459 HOH A O   1 
HETATM 1319 O  O   . HOH D 4 .   ? -9.95082  9.38957   -9.75403  1.000 22.82573 ? 460 HOH A O   1 
HETATM 1320 O  O   . HOH D 4 .   ? 4.96825   -8.34551  -9.42823  1.000 38.57861 ? 461 HOH A O   1 
HETATM 1321 O  O   . HOH D 4 .   ? -12.76170 -7.73112  12.71520  1.000 34.36157 ? 462 HOH A O   1 
HETATM 1322 O  O   . HOH D 4 .   ? -17.01942 6.47630   -4.25863  1.000 32.04019 ? 463 HOH A O   1 
HETATM 1323 O  O   . HOH D 4 .   ? -2.76106  -20.37005 -6.89122  1.000 40.79526 ? 464 HOH A O   1 
HETATM 1324 O  O   . HOH D 4 .   ? -15.49241 0.08784   -0.85257  1.000 29.35572 ? 465 HOH A O   1 
HETATM 1325 O  O   . HOH D 4 .   ? -0.76276  18.73207  10.56409  1.000 34.55345 ? 466 HOH A O   1 
HETATM 1326 O  O   . HOH D 4 .   ? -13.93737 -3.55170  -0.48502  1.000 31.36432 ? 467 HOH A O   1 
HETATM 1327 O  O   . HOH D 4 .   ? -16.64707 2.30115   2.81469   1.000 34.25517 ? 468 HOH A O   1 
HETATM 1328 O  O   . HOH D 4 .   ? -11.84361 -17.33470 -1.69381  1.000 38.27176 ? 469 HOH A O   1 
HETATM 1329 O  O   . HOH D 4 .   ? -16.43112 2.48338   -7.71462  1.000 33.96157 ? 470 HOH A O   1 
HETATM 1330 O  O   . HOH D 4 .   ? -18.65179 10.20626  -2.10135  1.000 38.83797 ? 471 HOH A O   1 
HETATM 1331 O  O   . HOH D 4 .   ? -6.56980  6.24631   -11.71420 1.000 32.03543 ? 472 HOH A O   1 
HETATM 1332 O  O   . HOH D 4 .   ? 14.85118  1.52567   3.36976   1.000 29.09056 ? 473 HOH A O   1 
HETATM 1333 O  O   . HOH D 4 .   ? -12.65523 2.55264   7.46626   1.000 34.03564 ? 474 HOH A O   1 
HETATM 1334 O  O   . HOH D 4 .   ? -1.07669  7.64893   -17.05391 1.000 34.35372 ? 475 HOH A O   1 
HETATM 1335 O  O   . HOH D 4 .   ? 16.58783  2.35287   5.40410   1.000 41.22952 ? 476 HOH A O   1 
# 
